data_8EMA
#
_entry.id   8EMA
#
_cell.length_a   1.00
_cell.length_b   1.00
_cell.length_c   1.00
_cell.angle_alpha   90.00
_cell.angle_beta   90.00
_cell.angle_gamma   90.00
#
_symmetry.space_group_name_H-M   'P 1'
#
loop_
_entity.id
_entity.type
_entity.pdbx_description
1 polymer 'Isoform 2 of Immunoglobulin heavy constant mu'
2 polymer 'Anti-human Langerin 2G3 lambda chain'
3 polymer 'B-cell antigen receptor complex-associated protein alpha chain'
4 polymer 'B-cell antigen receptor complex-associated protein beta chain'
#
loop_
_entity_poly.entity_id
_entity_poly.type
_entity_poly.pdbx_seq_one_letter_code
_entity_poly.pdbx_strand_id
1 'polypeptide(L)'
;MGWSCIILFLVATATGVHSQVQLQQPGAELVKPGASVKLSCKASGYTFTSYWMHWVKQRPGRGLEWIGRIDPNSGGTKYN
EKFKSKATLTVDKPSSTAYMQLSSLTSEDSAVYYCARYDYYGSSYFDYWGQGTTLTVSSESQSFPNVFPLVSCESPLSDK
NLVAMGCLARDFLPSTISFTWNYQNNTEVIQGIRTFPTLRTGGKYLATSQVLLSPKSILEGSDEYLVCKIHYGGKNRDLH
VPIPAVAEMNPNVNVFVPPRDGFSGPAPRKSKLICEATNFTPKPITVSWLKDGKLVESGFTTDPVTIENKGSTPQTYKVI
STLTISEIDWLNLNVYTCRVDHRGLTFLKNVSSTCAASPSTDILTFTIPPSFADIFLSKSANLTCLVSNLATYETLNISW
ASQSGEPLETKIKIMESHPNGTFSAKGVASVCVEDWNNRKEFVCTVTHRDLPSPQKKFISKPNEVHKHPPAVYLLPPARE
QLNLRESATVTCLVKGFSPADISVQWLQRGQLLPQEKYVTSAPMPEPGAPGFYFTHSILTVTEEEWNSGETYTCVVGHEA
LPHLVTERTVDKSTEGEVNAEEEGFENLWTTASTFIVLFLLSLFYSTTVTLFKVK
;
A,B
2 'polypeptide(L)'
;MAWISLILSLLALSSGAISQAVVTQESALTTSPGETVTLTCRSSTGAVTTSNYANWVQEKPDHLFTGLIGGTNNRAPGVP
ARFSGSLIGDKAALTITGAQTEDEAIYFCALWYSNHWVFGGGTKLTVLGQPKSSPSVTLFPPSSEELETNKATLVCTITD
FYPGVVTVDWKVDGTPVTQGMETTQPSKQSNNKYMASSYLTLTARAWERHSSYSCQVTHEGHTVEKSLSRADCS
;
R,L
3 'polypeptide(L)'
;DYKDDDDKMPGGLEALRALPLLLFLSYACLGPGCQALRVEGGPPSLTVNLGEEARLTCENNGRNPNITWWFSLQSNITWP
PVPLGPGQGTTGQLFFPEVNKNHRGLYWCQVIENNILKRSCGTYLRVRNPVPRPFLDMGEGTKNRIITAEGIILLFCAVV
PGTLLLFRKRWQNEKFGRSIATRSMFKGIVEGIGIIEKIDIYTDLDKYAIRFPENMLNGIKKESSIMFNGCFLTVTSVNS
NIVWFDIFEKEARKLDTFREYKVGDRVNLGTFPKFGAASGGHILSARISCVASIIEIIENEDYQQMWIQIPENFTEFLID
KDYIAVDGISLTIDTIKNNQFFISLPLKIAQNTNMKWRKKGDKVNVELSNKINANQCW
;
C
4 'polypeptide(L)'
;MATLVLSSMPCHWLLFLLLLFSGEPVPAMTSSDLPLNFQGSPCSQIWQHPRFAAKKRSSMVKFHCYTNHSGALTWFRKRG
SQQPQELVSEEGRIVQTQNGSVYTLTIQNIQYEDNGIYFCKQKCDSANHNVTDSCGTELLVLGFSTLDQLKRRNTLKDGI
ILIQTLLIILFIIVPIFLLLDKDDGKAGMEEDHTYEGLNIDQTATYEDIVTLRTGEVKWSVGEHPGQE
;
D
#
# COMPACT_ATOMS: atom_id res chain seq x y z
N SER A 19 -31.81 58.54 -38.45
CA SER A 19 -33.27 58.41 -38.72
C SER A 19 -33.89 59.79 -38.95
N GLN A 20 -34.77 60.23 -38.06
CA GLN A 20 -35.43 61.56 -38.19
C GLN A 20 -35.38 62.29 -36.85
N VAL A 21 -35.49 63.61 -36.87
CA VAL A 21 -35.48 64.42 -35.61
C VAL A 21 -36.58 63.90 -34.68
N GLN A 22 -36.28 63.76 -33.39
CA GLN A 22 -37.27 63.27 -32.40
C GLN A 22 -37.19 64.10 -31.12
N LEU A 23 -38.33 64.32 -30.45
CA LEU A 23 -38.35 65.11 -29.19
C LEU A 23 -37.35 64.50 -28.20
N GLN A 24 -36.46 65.32 -27.64
CA GLN A 24 -35.48 64.84 -26.67
C GLN A 24 -35.94 65.25 -25.27
N GLN A 25 -36.10 64.25 -24.40
CA GLN A 25 -36.53 64.48 -23.03
C GLN A 25 -35.54 63.84 -22.07
N PRO A 26 -35.32 64.44 -20.90
CA PRO A 26 -34.40 63.85 -19.93
C PRO A 26 -34.91 62.51 -19.41
N GLY A 27 -33.96 61.67 -18.98
CA GLY A 27 -34.30 60.36 -18.48
C GLY A 27 -34.92 60.39 -17.10
N ALA A 28 -34.09 60.22 -16.07
CA ALA A 28 -34.56 60.21 -14.69
C ALA A 28 -33.72 61.19 -13.87
N GLU A 29 -34.37 61.86 -12.91
CA GLU A 29 -33.71 62.82 -12.04
C GLU A 29 -33.98 62.44 -10.58
N LEU A 30 -33.33 63.17 -9.68
CA LEU A 30 -33.48 62.93 -8.24
C LEU A 30 -33.31 64.26 -7.53
N VAL A 31 -34.43 64.88 -7.16
CA VAL A 31 -34.44 66.16 -6.46
C VAL A 31 -35.07 65.97 -5.10
N LYS A 32 -34.37 66.42 -4.06
CA LYS A 32 -34.88 66.29 -2.70
C LYS A 32 -36.05 67.25 -2.49
N PRO A 33 -37.04 66.87 -1.68
CA PRO A 33 -38.17 67.76 -1.41
C PRO A 33 -37.75 69.04 -0.70
N GLY A 34 -37.63 70.12 -1.47
CA GLY A 34 -37.23 71.39 -0.91
C GLY A 34 -36.64 72.33 -1.94
N ALA A 35 -36.22 71.78 -3.08
CA ALA A 35 -35.63 72.59 -4.14
C ALA A 35 -36.60 72.51 -5.32
N SER A 36 -36.10 72.84 -6.52
CA SER A 36 -36.91 72.81 -7.73
C SER A 36 -36.32 71.96 -8.84
N VAL A 37 -37.13 71.10 -9.44
CA VAL A 37 -36.71 70.24 -10.53
C VAL A 37 -36.84 71.00 -11.85
N LYS A 38 -35.82 70.89 -12.70
CA LYS A 38 -35.80 71.55 -13.99
C LYS A 38 -35.65 70.50 -15.08
N LEU A 39 -36.63 70.43 -15.98
CA LEU A 39 -36.63 69.52 -17.10
C LEU A 39 -36.40 70.29 -18.40
N SER A 40 -36.64 69.63 -19.53
CA SER A 40 -36.46 70.25 -20.83
C SER A 40 -37.30 69.52 -21.86
N CYS A 41 -37.70 70.25 -22.91
CA CYS A 41 -38.48 69.70 -24.01
C CYS A 41 -37.82 70.18 -25.31
N LYS A 42 -36.84 69.44 -25.79
CA LYS A 42 -36.12 69.79 -27.00
C LYS A 42 -36.96 69.45 -28.23
N ALA A 43 -37.10 70.41 -29.13
CA ALA A 43 -37.87 70.25 -30.35
C ALA A 43 -37.07 70.75 -31.53
N SER A 44 -37.01 69.95 -32.60
CA SER A 44 -36.28 70.33 -33.80
C SER A 44 -36.93 69.66 -35.00
N GLY A 45 -36.82 70.32 -36.15
CA GLY A 45 -37.39 69.82 -37.40
C GLY A 45 -38.49 70.68 -37.97
N TYR A 46 -38.92 71.73 -37.27
CA TYR A 46 -39.98 72.60 -37.76
C TYR A 46 -39.74 74.00 -37.19
N THR A 47 -40.69 74.89 -37.44
CA THR A 47 -40.60 76.27 -36.95
C THR A 47 -41.11 76.32 -35.52
N PHE A 48 -40.22 76.63 -34.57
CA PHE A 48 -40.62 76.68 -33.18
C PHE A 48 -41.47 77.91 -32.87
N THR A 49 -41.32 78.98 -33.66
CA THR A 49 -42.07 80.21 -33.45
C THR A 49 -43.41 80.21 -34.17
N SER A 50 -44.07 79.04 -34.27
CA SER A 50 -45.37 78.97 -34.92
C SER A 50 -46.32 77.97 -34.29
N TYR A 51 -45.93 77.27 -33.23
CA TYR A 51 -46.78 76.30 -32.56
C TYR A 51 -46.74 76.52 -31.05
N TRP A 52 -47.77 76.00 -30.38
CA TRP A 52 -47.86 76.13 -28.94
C TRP A 52 -47.13 74.98 -28.26
N MET A 53 -47.22 74.93 -26.93
CA MET A 53 -46.56 73.90 -26.14
C MET A 53 -47.44 73.57 -24.94
N HIS A 54 -47.72 72.28 -24.77
CA HIS A 54 -48.54 71.80 -23.66
C HIS A 54 -47.74 70.79 -22.83
N TRP A 55 -48.28 70.48 -21.65
CA TRP A 55 -47.66 69.53 -20.73
C TRP A 55 -48.74 68.60 -20.21
N VAL A 56 -48.52 67.29 -20.37
CA VAL A 56 -49.46 66.27 -19.93
C VAL A 56 -48.80 65.50 -18.78
N LYS A 57 -49.45 65.53 -17.62
CA LYS A 57 -48.96 64.85 -16.43
C LYS A 57 -49.71 63.53 -16.27
N GLN A 58 -48.99 62.42 -16.40
CA GLN A 58 -49.55 61.08 -16.28
C GLN A 58 -48.98 60.41 -15.05
N ARG A 59 -49.86 60.01 -14.13
CA ARG A 59 -49.42 59.34 -12.91
C ARG A 59 -49.48 57.83 -13.10
N PRO A 60 -48.49 57.10 -12.58
CA PRO A 60 -48.51 55.63 -12.70
C PRO A 60 -49.68 54.99 -11.98
N GLY A 61 -50.81 54.89 -12.66
CA GLY A 61 -52.00 54.29 -12.06
C GLY A 61 -53.26 55.09 -12.31
N ARG A 62 -53.10 56.31 -12.83
CA ARG A 62 -54.25 57.16 -13.10
C ARG A 62 -54.31 57.54 -14.58
N GLY A 63 -55.04 58.60 -14.90
CA GLY A 63 -55.18 59.04 -16.28
C GLY A 63 -54.23 60.15 -16.65
N LEU A 64 -54.73 61.13 -17.39
CA LEU A 64 -53.94 62.27 -17.83
C LEU A 64 -54.42 63.55 -17.17
N GLU A 65 -53.52 64.53 -17.11
CA GLU A 65 -53.84 65.82 -16.52
C GLU A 65 -53.46 66.96 -17.45
N TRP A 66 -53.50 68.20 -16.96
CA TRP A 66 -53.15 69.36 -17.76
C TRP A 66 -52.68 70.47 -16.84
N ILE A 67 -51.50 71.02 -17.14
CA ILE A 67 -50.92 72.09 -16.32
C ILE A 67 -51.22 73.44 -16.95
N GLY A 68 -50.55 73.74 -18.05
CA GLY A 68 -50.75 75.01 -18.72
C GLY A 68 -50.10 75.01 -20.08
N ARG A 69 -50.26 76.13 -20.79
CA ARG A 69 -49.69 76.31 -22.12
C ARG A 69 -49.05 77.69 -22.19
N ILE A 70 -48.46 77.98 -23.35
CA ILE A 70 -47.81 79.27 -23.59
C ILE A 70 -47.81 79.56 -25.08
N ASP A 71 -48.11 80.81 -25.43
CA ASP A 71 -48.16 81.23 -26.83
C ASP A 71 -46.93 82.06 -27.15
N PRO A 72 -45.92 81.51 -27.83
CA PRO A 72 -44.73 82.31 -28.16
C PRO A 72 -45.00 83.45 -29.12
N ASN A 73 -46.08 83.38 -29.91
CA ASN A 73 -46.39 84.44 -30.86
C ASN A 73 -46.96 85.75 -30.34
N SER A 74 -48.16 85.71 -29.77
CA SER A 74 -48.80 86.90 -29.24
C SER A 74 -48.57 87.02 -27.74
N GLY A 75 -49.25 86.31 -26.93
CA GLY A 75 -48.91 85.91 -25.57
C GLY A 75 -50.11 85.26 -24.91
N GLY A 76 -50.20 85.46 -23.60
CA GLY A 76 -51.28 84.90 -22.81
C GLY A 76 -50.97 83.52 -22.26
N THR A 77 -50.29 83.48 -21.12
CA THR A 77 -49.91 82.21 -20.48
C THR A 77 -51.02 81.82 -19.51
N LYS A 78 -51.91 80.94 -19.96
CA LYS A 78 -53.01 80.47 -19.13
C LYS A 78 -52.58 79.27 -18.29
N TYR A 79 -53.21 79.13 -17.13
CA TYR A 79 -52.91 78.05 -16.20
C TYR A 79 -54.22 77.33 -15.84
N ASN A 80 -54.08 76.24 -15.09
CA ASN A 80 -55.22 75.46 -14.65
C ASN A 80 -55.73 75.95 -13.29
N GLU A 81 -57.00 75.65 -13.01
CA GLU A 81 -57.58 76.06 -11.74
C GLU A 81 -56.93 75.35 -10.57
N LYS A 82 -56.41 74.13 -10.78
CA LYS A 82 -55.76 73.41 -9.70
C LYS A 82 -54.29 73.81 -9.57
N PHE A 83 -53.59 73.97 -10.69
CA PHE A 83 -52.19 74.38 -10.70
C PHE A 83 -52.12 75.80 -11.28
N LYS A 84 -52.43 76.78 -10.42
CA LYS A 84 -52.44 78.18 -10.81
C LYS A 84 -51.24 78.96 -10.27
N SER A 85 -50.87 78.75 -9.01
CA SER A 85 -49.74 79.46 -8.43
C SER A 85 -48.41 79.00 -9.00
N LYS A 86 -48.33 77.78 -9.53
CA LYS A 86 -47.10 77.25 -10.10
C LYS A 86 -46.97 77.72 -11.54
N ALA A 87 -45.93 78.51 -11.82
CA ALA A 87 -45.71 79.01 -13.18
C ALA A 87 -45.17 77.91 -14.08
N THR A 88 -44.07 77.31 -13.56
CA THR A 88 -43.28 76.36 -14.37
C THR A 88 -43.02 77.28 -15.55
N LEU A 89 -43.44 76.86 -16.76
CA LEU A 89 -43.28 77.71 -17.98
C LEU A 89 -41.90 78.37 -18.00
N THR A 90 -41.83 79.68 -18.23
CA THR A 90 -40.54 80.39 -18.35
C THR A 90 -39.69 79.71 -19.43
N VAL A 91 -40.30 79.44 -20.60
CA VAL A 91 -39.58 78.75 -21.71
C VAL A 91 -38.91 79.79 -22.61
N ASP A 92 -37.87 80.47 -22.09
CA ASP A 92 -37.19 81.53 -22.87
C ASP A 92 -35.67 81.31 -22.84
N LYS A 93 -35.15 80.46 -23.73
CA LYS A 93 -33.69 80.15 -23.77
C LYS A 93 -33.24 79.99 -25.23
N PRO A 94 -31.92 80.01 -25.52
CA PRO A 94 -31.42 79.81 -26.89
C PRO A 94 -31.84 78.46 -27.49
N SER A 95 -31.60 78.28 -28.79
CA SER A 95 -32.00 77.02 -29.47
C SER A 95 -33.45 76.68 -29.12
N SER A 96 -34.31 77.70 -29.03
CA SER A 96 -35.75 77.48 -28.71
C SER A 96 -35.90 76.34 -27.70
N THR A 97 -35.07 76.34 -26.65
CA THR A 97 -35.10 75.24 -25.66
C THR A 97 -36.30 75.42 -24.72
N ALA A 98 -37.30 74.54 -24.84
CA ALA A 98 -38.52 74.60 -24.01
C ALA A 98 -38.19 73.97 -22.64
N TYR A 99 -38.60 74.61 -21.54
CA TYR A 99 -38.19 74.10 -20.21
C TYR A 99 -39.32 74.18 -19.19
N MET A 100 -39.01 73.90 -17.91
CA MET A 100 -39.98 73.99 -16.83
C MET A 100 -39.26 73.96 -15.50
N GLN A 101 -39.95 74.45 -14.47
CA GLN A 101 -39.37 74.50 -13.12
C GLN A 101 -40.52 74.38 -12.12
N LEU A 102 -40.67 73.19 -11.55
CA LEU A 102 -41.72 72.95 -10.56
C LEU A 102 -41.30 73.47 -9.20
N SER A 103 -42.19 74.18 -8.54
CA SER A 103 -41.95 74.75 -7.22
C SER A 103 -42.81 74.05 -6.17
N SER A 104 -42.25 73.92 -4.96
CA SER A 104 -42.91 73.28 -3.83
C SER A 104 -43.31 71.79 -3.83
N LEU A 105 -42.33 70.97 -4.16
CA LEU A 105 -42.55 69.55 -4.47
C LEU A 105 -43.15 68.84 -3.27
N THR A 106 -44.30 68.21 -3.48
CA THR A 106 -45.01 67.47 -2.44
C THR A 106 -44.83 65.97 -2.68
N SER A 107 -45.66 65.17 -2.00
CA SER A 107 -45.61 63.71 -2.12
C SER A 107 -46.50 63.18 -3.23
N GLU A 108 -47.25 64.04 -3.91
CA GLU A 108 -48.13 63.63 -4.99
C GLU A 108 -47.66 64.12 -6.36
N ASP A 109 -46.43 64.61 -6.45
CA ASP A 109 -45.88 65.11 -7.71
C ASP A 109 -45.04 64.06 -8.44
N SER A 110 -44.99 62.83 -7.94
CA SER A 110 -44.22 61.76 -8.57
C SER A 110 -45.01 61.22 -9.76
N ALA A 111 -44.72 61.76 -10.93
CA ALA A 111 -45.40 61.35 -12.16
C ALA A 111 -44.45 61.54 -13.33
N VAL A 112 -44.95 61.24 -14.54
CA VAL A 112 -44.18 61.37 -15.77
C VAL A 112 -44.83 62.44 -16.62
N TYR A 113 -44.04 63.41 -17.07
CA TYR A 113 -44.52 64.50 -17.89
C TYR A 113 -44.15 64.29 -19.35
N TYR A 114 -44.95 64.87 -20.24
CA TYR A 114 -44.73 64.77 -21.67
C TYR A 114 -45.03 66.12 -22.32
N CYS A 115 -44.44 66.33 -23.49
CA CYS A 115 -44.66 67.53 -24.29
C CYS A 115 -44.86 67.15 -25.74
N ALA A 116 -45.74 67.87 -26.42
CA ALA A 116 -46.05 67.60 -27.83
C ALA A 116 -46.15 68.92 -28.56
N ARG A 117 -46.64 68.87 -29.80
CA ARG A 117 -46.80 70.04 -30.65
C ARG A 117 -48.28 70.26 -30.92
N TYR A 118 -48.73 71.51 -30.78
CA TYR A 118 -50.12 71.89 -31.00
C TYR A 118 -50.19 72.83 -32.20
N ASP A 119 -50.96 72.47 -33.20
CA ASP A 119 -51.13 73.26 -34.41
C ASP A 119 -52.46 73.99 -34.33
N TYR A 120 -52.41 75.26 -33.89
CA TYR A 120 -53.64 76.04 -33.76
C TYR A 120 -54.14 76.54 -35.12
N TYR A 121 -53.23 76.85 -36.04
CA TYR A 121 -53.60 77.33 -37.37
C TYR A 121 -53.91 76.20 -38.35
N GLY A 122 -53.76 74.95 -37.89
CA GLY A 122 -54.08 73.79 -38.73
C GLY A 122 -55.38 73.13 -38.32
N SER A 123 -55.31 71.96 -37.66
CA SER A 123 -56.53 71.22 -37.26
C SER A 123 -56.53 70.96 -35.75
N SER A 124 -55.65 71.65 -35.00
CA SER A 124 -55.62 71.49 -33.51
C SER A 124 -55.57 70.00 -33.14
N TYR A 125 -54.62 69.26 -33.72
CA TYR A 125 -54.48 67.80 -33.44
C TYR A 125 -53.10 67.53 -32.84
N PHE A 126 -52.76 66.25 -32.62
CA PHE A 126 -51.41 65.91 -32.12
C PHE A 126 -50.58 65.28 -33.23
N ASP A 127 -49.24 65.35 -33.11
CA ASP A 127 -48.35 64.78 -34.15
C ASP A 127 -47.23 63.97 -33.48
N TYR A 128 -46.15 64.64 -33.04
CA TYR A 128 -44.99 63.91 -32.45
C TYR A 128 -45.06 64.01 -30.93
N TRP A 129 -44.48 63.03 -30.23
CA TRP A 129 -44.49 63.02 -28.74
C TRP A 129 -43.09 62.68 -28.22
N GLY A 130 -42.98 62.33 -26.93
CA GLY A 130 -41.70 61.97 -26.36
C GLY A 130 -41.59 60.50 -26.07
N GLN A 131 -40.60 60.16 -25.24
CA GLN A 131 -40.35 58.78 -24.85
C GLN A 131 -40.52 58.50 -23.36
N GLY A 132 -40.53 59.53 -22.52
CA GLY A 132 -40.72 59.34 -21.09
C GLY A 132 -39.70 60.13 -20.28
N THR A 133 -40.13 60.59 -19.11
CA THR A 133 -39.27 61.36 -18.21
C THR A 133 -39.62 60.94 -16.78
N THR A 134 -38.80 60.05 -16.22
CA THR A 134 -39.05 59.56 -14.87
C THR A 134 -38.73 60.65 -13.85
N LEU A 135 -39.71 60.95 -12.99
CA LEU A 135 -39.52 61.96 -11.95
C LEU A 135 -40.32 61.51 -10.73
N THR A 136 -39.61 61.06 -9.70
CA THR A 136 -40.22 60.59 -8.46
C THR A 136 -39.65 61.40 -7.30
N VAL A 137 -40.52 62.11 -6.59
CA VAL A 137 -40.10 62.92 -5.46
C VAL A 137 -39.96 62.01 -4.23
N SER A 138 -38.72 61.75 -3.83
CA SER A 138 -38.43 60.89 -2.69
C SER A 138 -37.57 61.66 -1.69
N SER A 139 -37.87 61.47 -0.40
CA SER A 139 -37.14 62.13 0.68
C SER A 139 -36.03 61.25 1.24
N GLU A 140 -35.33 60.52 0.38
CA GLU A 140 -34.24 59.64 0.79
C GLU A 140 -32.95 60.07 0.09
N SER A 141 -31.86 59.39 0.43
CA SER A 141 -30.55 59.66 -0.14
C SER A 141 -30.27 58.67 -1.27
N GLN A 142 -29.01 58.55 -1.66
CA GLN A 142 -28.59 57.64 -2.72
C GLN A 142 -27.92 56.42 -2.10
N SER A 143 -28.54 55.25 -2.27
CA SER A 143 -28.04 54.00 -1.74
C SER A 143 -27.45 53.15 -2.86
N PHE A 144 -27.20 51.88 -2.56
CA PHE A 144 -26.65 50.94 -3.52
C PHE A 144 -27.59 49.74 -3.67
N PRO A 145 -28.00 49.40 -4.89
CA PRO A 145 -28.90 48.26 -5.06
C PRO A 145 -28.19 46.94 -4.81
N ASN A 146 -28.84 46.07 -4.03
CA ASN A 146 -28.30 44.76 -3.69
C ASN A 146 -29.09 43.70 -4.46
N VAL A 147 -28.38 42.89 -5.24
CA VAL A 147 -28.99 41.84 -6.04
C VAL A 147 -29.06 40.55 -5.22
N PHE A 148 -30.04 39.71 -5.54
CA PHE A 148 -30.22 38.45 -4.85
C PHE A 148 -30.58 37.35 -5.84
N PRO A 149 -29.81 36.26 -5.90
CA PRO A 149 -30.13 35.19 -6.84
C PRO A 149 -31.35 34.41 -6.41
N LEU A 150 -32.16 34.02 -7.40
CA LEU A 150 -33.38 33.25 -7.17
C LEU A 150 -33.33 32.01 -8.05
N VAL A 151 -33.13 30.84 -7.44
CA VAL A 151 -33.05 29.57 -8.15
C VAL A 151 -34.20 28.69 -7.67
N SER A 152 -34.97 28.17 -8.62
CA SER A 152 -36.09 27.31 -8.28
C SER A 152 -35.59 25.95 -7.80
N CYS A 153 -36.38 25.32 -6.95
CA CYS A 153 -36.04 24.00 -6.37
C CYS A 153 -36.66 22.87 -7.18
N GLU A 154 -36.46 22.89 -8.49
CA GLU A 154 -36.99 21.87 -9.39
C GLU A 154 -35.82 21.19 -10.10
N SER A 155 -35.57 19.93 -9.75
CA SER A 155 -34.46 19.21 -10.36
C SER A 155 -34.86 18.74 -11.76
N PRO A 156 -34.01 18.97 -12.77
CA PRO A 156 -34.35 18.53 -14.13
C PRO A 156 -34.44 17.02 -14.25
N LEU A 157 -35.66 16.48 -14.31
CA LEU A 157 -35.84 15.04 -14.41
C LEU A 157 -35.60 14.54 -15.83
N SER A 158 -35.85 15.37 -16.83
CA SER A 158 -35.65 14.98 -18.23
C SER A 158 -35.27 16.24 -19.01
N ASP A 159 -35.39 16.17 -20.34
CA ASP A 159 -35.06 17.30 -21.19
C ASP A 159 -36.20 18.30 -21.33
N LYS A 160 -37.41 17.95 -20.90
CA LYS A 160 -38.54 18.87 -21.00
C LYS A 160 -38.54 19.90 -19.89
N ASN A 161 -37.99 19.56 -18.73
CA ASN A 161 -37.94 20.49 -17.60
C ASN A 161 -36.85 21.54 -17.84
N LEU A 162 -37.26 22.80 -17.97
CA LEU A 162 -36.34 23.90 -18.22
C LEU A 162 -36.03 24.59 -16.90
N VAL A 163 -34.74 24.87 -16.68
CA VAL A 163 -34.30 25.53 -15.46
C VAL A 163 -34.63 27.02 -15.55
N ALA A 164 -35.30 27.54 -14.53
CA ALA A 164 -35.68 28.94 -14.46
C ALA A 164 -34.90 29.61 -13.34
N MET A 165 -33.97 30.49 -13.71
CA MET A 165 -33.16 31.22 -12.75
C MET A 165 -33.18 32.70 -13.10
N GLY A 166 -33.07 33.54 -12.06
CA GLY A 166 -33.09 34.98 -12.26
C GLY A 166 -32.60 35.70 -11.04
N CYS A 167 -32.22 36.97 -11.25
CA CYS A 167 -31.74 37.84 -10.19
C CYS A 167 -32.81 38.85 -9.82
N LEU A 168 -32.87 39.19 -8.53
CA LEU A 168 -33.87 40.11 -8.01
C LEU A 168 -33.17 41.38 -7.52
N ALA A 169 -33.66 42.53 -7.97
CA ALA A 169 -33.13 43.82 -7.57
C ALA A 169 -34.09 44.44 -6.55
N ARG A 170 -33.54 44.87 -5.41
CA ARG A 170 -34.37 45.56 -4.39
C ARG A 170 -33.65 46.84 -3.95
N ASP A 171 -34.40 47.82 -3.41
CA ASP A 171 -33.77 49.07 -2.90
C ASP A 171 -32.94 49.73 -4.00
N PHE A 172 -33.58 50.22 -5.07
CA PHE A 172 -32.85 50.94 -6.14
C PHE A 172 -33.68 52.15 -6.60
N LEU A 173 -33.09 53.34 -6.56
CA LEU A 173 -33.81 54.59 -6.93
C LEU A 173 -34.07 54.59 -8.44
N PRO A 174 -35.22 55.14 -8.93
CA PRO A 174 -35.54 55.10 -10.36
C PRO A 174 -34.51 55.82 -11.21
N SER A 175 -33.76 55.07 -12.02
CA SER A 175 -32.74 55.66 -12.88
C SER A 175 -32.53 54.85 -14.16
N THR A 176 -33.55 54.12 -14.60
CA THR A 176 -33.49 53.29 -15.79
C THR A 176 -32.48 52.16 -15.90
N ILE A 177 -32.53 51.22 -14.95
CA ILE A 177 -31.62 50.10 -14.92
C ILE A 177 -31.94 48.96 -15.89
N SER A 178 -30.97 48.07 -16.08
CA SER A 178 -31.12 46.92 -16.98
C SER A 178 -30.48 45.71 -16.33
N PHE A 179 -30.66 44.56 -16.98
CA PHE A 179 -30.12 43.29 -16.51
C PHE A 179 -29.49 42.55 -17.68
N THR A 180 -28.21 42.22 -17.56
CA THR A 180 -27.47 41.51 -18.59
C THR A 180 -27.02 40.15 -18.06
N TRP A 181 -27.02 39.15 -18.94
CA TRP A 181 -26.62 37.79 -18.60
C TRP A 181 -25.39 37.43 -19.44
N ASN A 182 -24.22 37.51 -18.82
CA ASN A 182 -22.96 37.19 -19.48
C ASN A 182 -22.44 35.86 -18.94
N TYR A 183 -21.84 35.06 -19.83
CA TYR A 183 -21.30 33.77 -19.47
C TYR A 183 -19.82 33.94 -19.07
N GLN A 184 -19.06 32.84 -19.05
CA GLN A 184 -17.65 32.92 -18.69
C GLN A 184 -16.82 33.57 -19.80
N ASN A 185 -17.15 33.30 -21.06
CA ASN A 185 -16.44 33.86 -22.20
C ASN A 185 -16.92 35.26 -22.58
N ASN A 186 -17.70 35.91 -21.71
CA ASN A 186 -18.22 37.27 -21.93
C ASN A 186 -19.04 37.33 -23.22
N THR A 187 -20.17 36.64 -23.18
CA THR A 187 -21.10 36.60 -24.29
C THR A 187 -22.49 36.96 -23.79
N GLU A 188 -23.14 37.92 -24.46
CA GLU A 188 -24.46 38.37 -24.07
C GLU A 188 -25.53 37.51 -24.73
N VAL A 189 -26.58 37.21 -23.96
CA VAL A 189 -27.68 36.40 -24.48
C VAL A 189 -28.45 37.20 -25.52
N ILE A 190 -28.72 36.57 -26.66
CA ILE A 190 -29.44 37.22 -27.75
C ILE A 190 -30.89 37.42 -27.36
N GLN A 191 -31.62 36.32 -27.17
CA GLN A 191 -33.03 36.36 -26.80
C GLN A 191 -33.25 35.49 -25.58
N GLY A 192 -33.94 36.03 -24.58
CA GLY A 192 -34.22 35.29 -23.37
C GLY A 192 -34.29 36.16 -22.14
N ILE A 193 -33.92 37.43 -22.28
CA ILE A 193 -33.92 38.38 -21.18
C ILE A 193 -35.30 39.02 -21.10
N ARG A 194 -35.95 38.92 -19.94
CA ARG A 194 -37.27 39.50 -19.71
C ARG A 194 -37.16 40.49 -18.57
N THR A 195 -37.29 41.78 -18.88
CA THR A 195 -37.20 42.84 -17.89
C THR A 195 -38.61 43.18 -17.42
N PHE A 196 -38.94 42.74 -16.21
CA PHE A 196 -40.26 43.00 -15.65
C PHE A 196 -40.34 44.44 -15.13
N PRO A 197 -41.51 45.07 -15.26
CA PRO A 197 -41.65 46.44 -14.76
C PRO A 197 -41.52 46.51 -13.24
N THR A 198 -41.07 47.66 -12.76
CA THR A 198 -40.89 47.85 -11.32
C THR A 198 -42.23 48.04 -10.63
N LEU A 199 -42.23 47.75 -9.32
CA LEU A 199 -43.43 47.89 -8.50
C LEU A 199 -43.06 48.52 -7.17
N ARG A 200 -43.86 49.49 -6.74
CA ARG A 200 -43.64 50.20 -5.49
C ARG A 200 -44.51 49.60 -4.38
N THR A 201 -43.96 49.60 -3.17
CA THR A 201 -44.68 49.07 -2.01
C THR A 201 -44.91 50.17 -0.98
N GLY A 202 -43.86 50.48 -0.19
CA GLY A 202 -43.97 51.55 0.81
C GLY A 202 -42.85 52.56 0.65
N GLY A 203 -42.77 53.21 -0.52
CA GLY A 203 -41.69 54.18 -0.78
C GLY A 203 -40.46 53.51 -1.36
N LYS A 204 -40.56 52.21 -1.68
CA LYS A 204 -39.41 51.47 -2.27
C LYS A 204 -39.89 50.67 -3.49
N TYR A 205 -39.01 50.46 -4.47
CA TYR A 205 -39.38 49.68 -5.67
C TYR A 205 -38.57 48.38 -5.71
N LEU A 206 -38.88 47.49 -6.65
CA LEU A 206 -38.20 46.21 -6.76
C LEU A 206 -38.68 45.50 -8.03
N ALA A 207 -37.76 44.80 -8.69
CA ALA A 207 -38.08 44.08 -9.91
C ALA A 207 -37.07 42.97 -10.10
N THR A 208 -37.48 41.96 -10.86
CA THR A 208 -36.66 40.79 -11.15
C THR A 208 -36.47 40.67 -12.67
N SER A 209 -35.65 39.70 -13.06
CA SER A 209 -35.37 39.46 -14.47
C SER A 209 -34.93 38.01 -14.62
N GLN A 210 -35.82 37.18 -15.15
CA GLN A 210 -35.55 35.76 -15.34
C GLN A 210 -35.12 35.49 -16.78
N VAL A 211 -34.43 34.37 -16.96
CA VAL A 211 -33.94 33.93 -18.27
C VAL A 211 -34.34 32.48 -18.47
N LEU A 212 -34.89 32.18 -19.66
CA LEU A 212 -35.34 30.84 -20.00
C LEU A 212 -34.33 30.22 -20.96
N LEU A 213 -33.69 29.14 -20.51
CA LEU A 213 -32.70 28.45 -21.33
C LEU A 213 -33.07 26.97 -21.35
N SER A 214 -32.13 26.12 -21.77
CA SER A 214 -32.36 24.68 -21.84
C SER A 214 -31.20 23.89 -21.25
N PRO A 215 -31.47 22.71 -20.68
CA PRO A 215 -30.36 21.90 -20.12
C PRO A 215 -29.37 21.42 -21.17
N LYS A 216 -29.76 21.37 -22.45
CA LYS A 216 -28.85 20.92 -23.49
C LYS A 216 -27.72 21.91 -23.75
N SER A 217 -27.91 23.18 -23.42
CA SER A 217 -26.90 24.21 -23.62
C SER A 217 -26.18 24.59 -22.34
N ILE A 218 -26.34 23.79 -21.28
CA ILE A 218 -25.72 24.05 -19.98
C ILE A 218 -24.74 22.94 -19.60
N LEU A 219 -25.19 21.68 -19.70
CA LEU A 219 -24.31 20.57 -19.35
C LEU A 219 -23.22 20.35 -20.40
N GLU A 220 -23.47 20.75 -21.64
CA GLU A 220 -22.49 20.58 -22.70
C GLU A 220 -21.46 21.70 -22.75
N GLY A 221 -21.61 22.73 -21.92
CA GLY A 221 -20.70 23.85 -21.87
C GLY A 221 -19.95 23.93 -20.55
N SER A 222 -18.95 24.81 -20.53
CA SER A 222 -18.14 25.04 -19.34
C SER A 222 -18.71 26.11 -18.42
N ASP A 223 -19.86 26.69 -18.76
CA ASP A 223 -20.48 27.73 -17.94
C ASP A 223 -21.16 27.07 -16.74
N GLU A 224 -20.58 27.25 -15.55
CA GLU A 224 -21.12 26.68 -14.33
C GLU A 224 -21.99 27.65 -13.54
N TYR A 225 -21.93 28.94 -13.85
CA TYR A 225 -22.73 29.93 -13.13
C TYR A 225 -22.95 31.13 -14.04
N LEU A 226 -24.11 31.77 -13.87
CA LEU A 226 -24.47 32.94 -14.65
C LEU A 226 -24.06 34.22 -13.93
N VAL A 227 -23.85 35.27 -14.71
CA VAL A 227 -23.45 36.58 -14.19
C VAL A 227 -24.55 37.58 -14.52
N CYS A 228 -25.13 38.17 -13.48
CA CYS A 228 -26.18 39.17 -13.63
C CYS A 228 -25.69 40.49 -13.04
N LYS A 229 -25.44 41.46 -13.92
CA LYS A 229 -24.95 42.76 -13.52
C LYS A 229 -26.08 43.79 -13.62
N ILE A 230 -25.74 45.05 -13.33
CA ILE A 230 -26.70 46.15 -13.39
C ILE A 230 -25.98 47.39 -13.89
N HIS A 231 -26.77 48.39 -14.28
CA HIS A 231 -26.27 49.67 -14.79
C HIS A 231 -26.73 50.76 -13.83
N TYR A 232 -26.11 50.81 -12.65
CA TYR A 232 -26.43 51.78 -11.61
C TYR A 232 -25.30 52.80 -11.56
N GLY A 233 -25.46 53.90 -12.29
CA GLY A 233 -24.45 54.93 -12.32
C GLY A 233 -23.17 54.55 -13.00
N GLY A 234 -23.19 53.56 -13.90
CA GLY A 234 -22.00 53.12 -14.59
C GLY A 234 -21.18 52.08 -13.86
N LYS A 235 -21.66 51.56 -12.74
CA LYS A 235 -20.95 50.55 -11.97
C LYS A 235 -21.58 49.19 -12.18
N ASN A 236 -20.74 48.15 -12.14
CA ASN A 236 -21.17 46.78 -12.33
C ASN A 236 -20.94 45.98 -11.05
N ARG A 237 -21.60 44.83 -10.96
CA ARG A 237 -21.48 43.96 -9.80
C ARG A 237 -21.77 42.53 -10.22
N ASP A 238 -20.88 41.61 -9.86
CA ASP A 238 -21.05 40.20 -10.20
C ASP A 238 -21.94 39.50 -9.18
N LEU A 239 -22.39 38.31 -9.54
CA LEU A 239 -23.25 37.52 -8.67
C LEU A 239 -23.10 36.04 -9.02
N HIS A 240 -22.95 35.20 -8.00
CA HIS A 240 -22.80 33.77 -8.20
C HIS A 240 -24.16 33.10 -8.13
N VAL A 241 -24.44 32.23 -9.10
CA VAL A 241 -25.69 31.51 -9.20
C VAL A 241 -25.39 30.02 -9.10
N PRO A 242 -25.99 29.29 -8.16
CA PRO A 242 -25.72 27.86 -8.04
C PRO A 242 -26.67 27.02 -8.89
N ILE A 243 -26.29 25.75 -9.05
CA ILE A 243 -27.05 24.78 -9.82
C ILE A 243 -27.30 23.57 -8.94
N PRO A 244 -28.55 23.12 -8.79
CA PRO A 244 -28.81 21.95 -7.94
C PRO A 244 -28.32 20.67 -8.59
N ALA A 245 -28.27 19.62 -7.79
CA ALA A 245 -27.79 18.31 -8.21
C ALA A 245 -28.98 17.34 -8.35
N VAL A 246 -28.68 16.05 -8.39
CA VAL A 246 -29.71 15.02 -8.52
C VAL A 246 -30.37 14.81 -7.16
N ALA A 247 -31.48 14.08 -7.11
CA ALA A 247 -32.24 13.97 -5.83
C ALA A 247 -31.61 12.97 -4.85
N GLU A 248 -31.46 11.70 -5.24
CA GLU A 248 -31.02 10.67 -4.31
C GLU A 248 -30.62 9.46 -5.15
N MET A 249 -29.40 8.97 -4.91
CA MET A 249 -28.90 7.80 -5.64
C MET A 249 -28.73 6.67 -4.62
N ASN A 250 -27.87 5.72 -4.92
CA ASN A 250 -27.61 4.58 -4.04
C ASN A 250 -26.23 4.63 -3.39
N PRO A 251 -26.17 4.77 -2.05
CA PRO A 251 -24.90 4.85 -1.34
C PRO A 251 -24.22 3.48 -1.20
N ASN A 252 -22.91 3.49 -1.02
CA ASN A 252 -22.12 2.28 -0.86
C ASN A 252 -21.35 2.34 0.45
N VAL A 253 -21.11 1.17 1.03
CA VAL A 253 -20.39 1.04 2.29
C VAL A 253 -19.17 0.15 2.06
N ASN A 254 -17.98 0.70 2.30
CA ASN A 254 -16.73 -0.04 2.14
C ASN A 254 -15.92 0.12 3.42
N VAL A 255 -15.74 -1.00 4.12
CA VAL A 255 -14.97 -0.99 5.41
C VAL A 255 -13.72 -1.84 5.24
N PHE A 256 -12.56 -1.29 5.58
CA PHE A 256 -11.27 -1.97 5.47
C PHE A 256 -10.81 -2.43 6.84
N VAL A 257 -9.81 -3.30 6.84
CA VAL A 257 -9.25 -3.85 8.07
C VAL A 257 -7.77 -3.50 8.15
N PRO A 258 -7.21 -3.32 9.35
CA PRO A 258 -5.79 -3.01 9.45
C PRO A 258 -4.95 -4.25 9.17
N PRO A 259 -3.71 -4.06 8.69
CA PRO A 259 -2.87 -5.22 8.40
C PRO A 259 -2.34 -5.90 9.65
N ARG A 260 -1.55 -6.96 9.47
CA ARG A 260 -0.99 -7.67 10.63
C ARG A 260 0.12 -6.87 11.28
N ASP A 261 0.95 -6.19 10.48
CA ASP A 261 2.06 -5.40 10.99
C ASP A 261 1.65 -3.99 11.37
N GLY A 262 0.36 -3.73 11.57
CA GLY A 262 -0.09 -2.41 11.93
C GLY A 262 0.22 -2.05 13.38
N PHE A 263 0.32 -3.04 14.25
CA PHE A 263 0.62 -2.81 15.66
C PHE A 263 2.13 -2.82 15.85
N SER A 264 2.76 -1.70 15.48
CA SER A 264 4.20 -1.57 15.57
C SER A 264 4.24 -0.64 16.79
N GLY A 265 5.40 -0.06 17.06
CA GLY A 265 5.57 0.82 18.19
C GLY A 265 5.45 2.33 18.16
N PRO A 266 6.33 2.98 17.39
CA PRO A 266 6.28 4.45 17.30
C PRO A 266 5.01 4.99 16.65
N ALA A 267 4.21 4.13 16.03
CA ALA A 267 2.97 4.61 15.40
C ALA A 267 1.97 5.02 16.47
N PRO A 268 1.45 6.24 16.43
CA PRO A 268 0.50 6.67 17.46
C PRO A 268 -0.85 5.99 17.29
N ARG A 269 -1.49 5.70 18.43
CA ARG A 269 -2.81 5.07 18.50
C ARG A 269 -2.83 3.71 17.81
N LYS A 270 -1.66 3.05 17.69
CA LYS A 270 -1.55 1.73 17.07
C LYS A 270 -2.23 1.88 15.72
N SER A 271 -3.26 1.08 15.47
CA SER A 271 -4.01 1.11 14.23
C SER A 271 -5.35 1.84 14.31
N LYS A 272 -5.89 2.19 13.15
CA LYS A 272 -7.15 2.89 13.05
C LYS A 272 -8.06 2.18 12.06
N LEU A 273 -9.35 2.49 12.15
CA LEU A 273 -10.36 1.92 11.28
C LEU A 273 -10.93 3.02 10.39
N ILE A 274 -11.04 2.73 9.10
CA ILE A 274 -11.55 3.68 8.11
C ILE A 274 -12.74 3.04 7.41
N CYS A 275 -13.88 3.72 7.45
CA CYS A 275 -15.11 3.27 6.80
C CYS A 275 -15.40 4.21 5.64
N GLU A 276 -14.93 3.84 4.46
CA GLU A 276 -15.11 4.65 3.26
C GLU A 276 -16.54 4.45 2.75
N ALA A 277 -17.34 5.51 2.78
CA ALA A 277 -18.73 5.49 2.31
C ALA A 277 -18.90 6.64 1.33
N THR A 278 -18.62 6.40 0.06
CA THR A 278 -18.72 7.40 -0.98
C THR A 278 -19.97 7.14 -1.83
N ASN A 279 -20.06 7.84 -2.96
CA ASN A 279 -21.18 7.71 -3.90
C ASN A 279 -22.51 8.00 -3.20
N PHE A 280 -22.55 9.15 -2.50
CA PHE A 280 -23.75 9.48 -1.69
C PHE A 280 -24.19 10.95 -1.81
N THR A 281 -25.33 11.19 -2.47
CA THR A 281 -25.78 12.60 -2.72
C THR A 281 -26.21 13.31 -1.43
N PRO A 282 -27.21 12.83 -0.65
CA PRO A 282 -27.71 13.57 0.53
C PRO A 282 -26.57 14.06 1.43
N LYS A 283 -26.70 15.28 1.96
CA LYS A 283 -25.64 15.84 2.80
C LYS A 283 -25.67 15.30 4.22
N PRO A 284 -26.82 15.27 4.93
CA PRO A 284 -26.82 14.69 6.27
C PRO A 284 -26.56 13.19 6.23
N ILE A 285 -25.59 12.74 7.03
CA ILE A 285 -25.24 11.32 7.10
C ILE A 285 -24.73 11.03 8.50
N THR A 286 -25.24 9.95 9.10
CA THR A 286 -24.86 9.55 10.44
C THR A 286 -24.02 8.27 10.36
N VAL A 287 -22.77 8.37 10.78
CA VAL A 287 -21.84 7.24 10.77
C VAL A 287 -21.46 6.93 12.21
N SER A 288 -21.75 5.71 12.65
CA SER A 288 -21.46 5.27 14.01
C SER A 288 -20.73 3.94 13.96
N TRP A 289 -20.15 3.57 15.10
CA TRP A 289 -19.42 2.32 15.24
C TRP A 289 -20.03 1.50 16.37
N LEU A 290 -20.13 0.19 16.14
CA LEU A 290 -20.68 -0.74 17.12
C LEU A 290 -19.61 -1.74 17.50
N LYS A 291 -19.24 -1.77 18.77
CA LYS A 291 -18.22 -2.67 19.29
C LYS A 291 -18.93 -3.83 19.98
N ASP A 292 -19.03 -4.96 19.27
CA ASP A 292 -19.67 -6.17 19.79
C ASP A 292 -21.11 -5.90 20.21
N GLY A 293 -21.84 -5.13 19.38
CA GLY A 293 -23.21 -4.78 19.64
C GLY A 293 -23.40 -3.49 20.40
N LYS A 294 -22.48 -3.15 21.29
CA LYS A 294 -22.58 -1.93 22.07
C LYS A 294 -22.18 -0.72 21.24
N LEU A 295 -22.92 0.38 21.39
CA LEU A 295 -22.64 1.59 20.65
C LEU A 295 -21.48 2.35 21.31
N VAL A 296 -20.50 2.75 20.49
CA VAL A 296 -19.35 3.49 21.00
C VAL A 296 -19.75 4.93 21.24
N GLU A 297 -19.55 5.41 22.47
CA GLU A 297 -19.91 6.78 22.82
C GLU A 297 -18.90 7.78 22.24
N SER A 298 -17.65 7.70 22.68
CA SER A 298 -16.60 8.58 22.21
C SER A 298 -15.36 7.77 21.86
N GLY A 299 -14.46 8.40 21.11
CA GLY A 299 -13.23 7.75 20.69
C GLY A 299 -13.06 7.69 19.19
N PHE A 300 -13.82 8.53 18.48
CA PHE A 300 -13.75 8.58 17.03
C PHE A 300 -13.74 10.04 16.57
N THR A 301 -13.02 10.30 15.48
CA THR A 301 -12.88 11.63 14.90
C THR A 301 -13.55 11.62 13.53
N THR A 302 -14.70 12.27 13.42
CA THR A 302 -15.43 12.33 12.17
C THR A 302 -14.88 13.47 11.31
N ASP A 303 -14.27 13.13 10.18
CA ASP A 303 -13.71 14.13 9.29
C ASP A 303 -14.82 14.82 8.50
N PRO A 304 -14.65 16.11 8.20
CA PRO A 304 -15.66 16.82 7.41
C PRO A 304 -15.76 16.25 6.01
N VAL A 305 -16.96 16.38 5.43
CA VAL A 305 -17.21 15.87 4.09
C VAL A 305 -16.58 16.79 3.07
N THR A 306 -15.73 16.23 2.21
CA THR A 306 -15.04 16.97 1.18
C THR A 306 -15.64 16.64 -0.19
N ILE A 307 -14.88 16.95 -1.25
CA ILE A 307 -15.31 16.71 -2.62
C ILE A 307 -14.49 15.56 -3.18
N GLU A 308 -15.18 14.54 -3.70
CA GLU A 308 -14.50 13.38 -4.26
C GLU A 308 -13.88 13.71 -5.63
N ASN A 309 -14.71 13.89 -6.64
CA ASN A 309 -14.27 14.20 -7.99
C ASN A 309 -14.84 15.54 -8.43
N LYS A 310 -14.06 16.26 -9.23
CA LYS A 310 -14.48 17.55 -9.75
C LYS A 310 -15.15 17.40 -11.11
N GLY A 311 -15.81 18.47 -11.54
CA GLY A 311 -16.50 18.47 -12.81
C GLY A 311 -17.71 19.40 -12.84
N SER A 312 -18.89 18.83 -13.06
CA SER A 312 -20.11 19.62 -13.11
C SER A 312 -20.68 19.50 -11.70
N THR A 313 -21.97 19.79 -11.54
CA THR A 313 -22.62 19.71 -10.23
C THR A 313 -23.40 18.47 -9.81
N PRO A 314 -24.20 17.82 -10.70
CA PRO A 314 -24.88 16.60 -10.26
C PRO A 314 -23.92 15.44 -10.03
N GLN A 315 -23.19 15.48 -8.91
CA GLN A 315 -22.24 14.44 -8.58
C GLN A 315 -22.37 14.01 -7.13
N THR A 316 -21.36 13.33 -6.60
CA THR A 316 -21.35 12.86 -5.23
C THR A 316 -20.17 13.47 -4.48
N TYR A 317 -20.12 13.21 -3.17
CA TYR A 317 -19.06 13.73 -2.33
C TYR A 317 -18.21 12.59 -1.76
N LYS A 318 -17.52 12.85 -0.65
CA LYS A 318 -16.66 11.84 -0.05
C LYS A 318 -16.51 12.15 1.43
N VAL A 319 -16.69 11.13 2.28
CA VAL A 319 -16.54 11.26 3.71
C VAL A 319 -15.68 10.11 4.22
N ILE A 320 -14.73 10.42 5.11
CA ILE A 320 -13.80 9.45 5.65
C ILE A 320 -13.96 9.42 7.16
N SER A 321 -14.14 8.23 7.71
CA SER A 321 -14.29 8.03 9.15
C SER A 321 -12.99 7.53 9.75
N THR A 322 -12.84 7.75 11.07
CA THR A 322 -11.64 7.34 11.78
C THR A 322 -12.02 6.89 13.18
N LEU A 323 -11.60 5.69 13.56
CA LEU A 323 -11.88 5.13 14.88
C LEU A 323 -10.57 4.65 15.48
N THR A 324 -10.35 5.02 16.74
CA THR A 324 -9.13 4.64 17.47
C THR A 324 -9.40 3.36 18.25
N ILE A 325 -8.62 2.32 17.97
CA ILE A 325 -8.76 1.04 18.65
C ILE A 325 -7.47 0.71 19.39
N SER A 326 -7.37 -0.53 19.89
CA SER A 326 -6.19 -0.95 20.62
C SER A 326 -5.71 -2.31 20.15
N GLU A 327 -4.74 -2.89 20.86
CA GLU A 327 -4.20 -4.20 20.50
C GLU A 327 -4.76 -5.33 21.36
N ILE A 328 -5.06 -5.06 22.63
CA ILE A 328 -5.60 -6.10 23.50
C ILE A 328 -7.01 -6.49 23.07
N ASP A 329 -7.83 -5.48 22.73
CA ASP A 329 -9.19 -5.76 22.29
C ASP A 329 -9.25 -6.38 20.90
N TRP A 330 -8.19 -6.23 20.11
CA TRP A 330 -8.18 -6.81 18.77
C TRP A 330 -8.00 -8.32 18.81
N LEU A 331 -7.27 -8.83 19.80
CA LEU A 331 -7.03 -10.26 19.93
C LEU A 331 -8.19 -11.00 20.59
N ASN A 332 -9.24 -10.30 21.01
CA ASN A 332 -10.39 -10.92 21.64
C ASN A 332 -11.48 -11.30 20.65
N LEU A 333 -11.17 -11.29 19.35
CA LEU A 333 -12.11 -11.65 18.29
C LEU A 333 -13.35 -10.76 18.35
N ASN A 334 -13.13 -9.49 18.02
CA ASN A 334 -14.18 -8.49 18.00
C ASN A 334 -14.60 -8.19 16.57
N VAL A 335 -15.89 -7.97 16.37
CA VAL A 335 -16.47 -7.68 15.05
C VAL A 335 -17.04 -6.27 15.09
N TYR A 336 -16.52 -5.41 14.21
CA TYR A 336 -16.99 -4.03 14.13
C TYR A 336 -18.09 -3.90 13.08
N THR A 337 -18.85 -2.80 13.19
CA THR A 337 -19.95 -2.53 12.28
C THR A 337 -20.02 -1.03 12.03
N CYS A 338 -19.96 -0.63 10.76
CA CYS A 338 -20.04 0.79 10.38
C CYS A 338 -21.49 1.09 10.00
N ARG A 339 -22.27 1.49 10.99
CA ARG A 339 -23.68 1.81 10.77
C ARG A 339 -23.79 3.16 10.09
N VAL A 340 -24.31 3.17 8.86
CA VAL A 340 -24.49 4.40 8.08
C VAL A 340 -25.99 4.62 7.93
N ASP A 341 -26.52 5.56 8.69
CA ASP A 341 -27.94 5.88 8.64
C ASP A 341 -28.20 6.78 7.43
N HIS A 342 -28.57 6.13 6.31
CA HIS A 342 -28.85 6.87 5.05
C HIS A 342 -30.35 6.84 4.79
N ARG A 343 -31.07 7.90 5.20
CA ARG A 343 -32.52 8.00 5.02
C ARG A 343 -33.25 6.83 5.67
N GLY A 344 -32.81 6.45 6.87
CA GLY A 344 -33.40 5.36 7.61
C GLY A 344 -32.84 3.99 7.29
N LEU A 345 -32.20 3.83 6.14
CA LEU A 345 -31.63 2.54 5.77
C LEU A 345 -30.34 2.30 6.52
N THR A 346 -30.22 1.11 7.12
CA THR A 346 -29.04 0.73 7.89
C THR A 346 -28.32 -0.40 7.17
N PHE A 347 -27.01 -0.26 6.98
CA PHE A 347 -26.18 -1.26 6.32
C PHE A 347 -25.25 -1.87 7.36
N LEU A 348 -25.49 -3.14 7.68
CA LEU A 348 -24.68 -3.86 8.66
C LEU A 348 -23.58 -4.62 7.93
N LYS A 349 -22.33 -4.30 8.25
CA LYS A 349 -21.17 -4.95 7.65
C LYS A 349 -20.31 -5.54 8.76
N ASN A 350 -20.14 -6.86 8.72
CA ASN A 350 -19.35 -7.57 9.71
C ASN A 350 -17.93 -7.73 9.19
N VAL A 351 -17.00 -6.93 9.73
CA VAL A 351 -15.60 -6.95 9.23
C VAL A 351 -14.80 -7.93 10.10
N SER A 352 -13.53 -8.17 9.73
CA SER A 352 -12.69 -9.13 10.49
C SER A 352 -13.49 -10.41 10.70
N SER A 353 -14.19 -10.87 9.66
CA SER A 353 -15.03 -12.11 9.76
C SER A 353 -15.17 -12.73 8.37
N THR A 354 -15.13 -14.07 8.31
CA THR A 354 -15.23 -14.78 7.00
C THR A 354 -16.73 -14.79 6.63
N CYS A 355 -17.36 -13.61 6.59
CA CYS A 355 -18.81 -13.52 6.27
C CYS A 355 -19.12 -14.05 4.86
N ALA A 356 -18.45 -13.53 3.84
CA ALA A 356 -18.70 -13.97 2.48
C ALA A 356 -17.34 -14.36 1.90
N ALA A 357 -17.37 -14.94 0.71
CA ALA A 357 -16.17 -15.39 0.00
C ALA A 357 -15.36 -16.36 0.85
N SER A 358 -16.06 -17.31 1.48
CA SER A 358 -15.38 -18.32 2.32
C SER A 358 -15.83 -19.72 1.90
N PRO A 359 -14.97 -20.56 1.28
CA PRO A 359 -15.40 -21.88 0.80
C PRO A 359 -15.72 -22.81 1.98
N SER A 360 -16.52 -23.85 1.73
CA SER A 360 -16.88 -24.81 2.80
C SER A 360 -16.95 -26.19 2.14
N THR A 361 -17.54 -27.18 2.83
CA THR A 361 -17.68 -28.55 2.26
C THR A 361 -18.19 -28.59 0.81
N ASP A 362 -19.08 -27.65 0.46
CA ASP A 362 -19.67 -27.61 -0.91
C ASP A 362 -20.49 -28.83 -1.32
N ILE A 363 -20.30 -29.31 -2.55
CA ILE A 363 -21.00 -30.55 -3.02
C ILE A 363 -19.80 -31.30 -3.60
N LEU A 364 -19.26 -32.28 -2.86
CA LEU A 364 -18.02 -32.97 -3.30
C LEU A 364 -18.34 -34.05 -4.33
N THR A 365 -17.75 -33.95 -5.54
CA THR A 365 -17.91 -34.99 -6.54
C THR A 365 -16.64 -35.82 -6.62
N PHE A 366 -16.78 -37.14 -6.49
CA PHE A 366 -15.66 -38.06 -6.55
C PHE A 366 -15.89 -39.09 -7.64
N THR A 367 -14.80 -39.49 -8.30
CA THR A 367 -14.83 -40.48 -9.37
C THR A 367 -14.14 -41.75 -8.91
N ILE A 368 -14.86 -42.87 -8.96
CA ILE A 368 -14.36 -44.16 -8.52
C ILE A 368 -14.08 -45.02 -9.75
N PRO A 369 -12.82 -45.41 -9.99
CA PRO A 369 -12.54 -46.27 -11.13
C PRO A 369 -13.14 -47.66 -10.91
N PRO A 370 -13.52 -48.34 -12.00
CA PRO A 370 -14.11 -49.67 -11.84
C PRO A 370 -13.12 -50.67 -11.26
N SER A 371 -13.65 -51.64 -10.52
CA SER A 371 -12.84 -52.69 -9.92
C SER A 371 -12.80 -53.91 -10.83
N PHE A 372 -11.73 -54.70 -10.69
CA PHE A 372 -11.53 -55.87 -11.54
C PHE A 372 -12.38 -57.06 -11.10
N ALA A 373 -12.88 -57.06 -9.87
CA ALA A 373 -13.60 -58.22 -9.35
C ALA A 373 -14.85 -58.51 -10.17
N ASP A 374 -15.71 -57.51 -10.35
CA ASP A 374 -16.93 -57.73 -11.12
C ASP A 374 -16.63 -57.88 -12.60
N ILE A 375 -15.53 -57.28 -13.08
CA ILE A 375 -15.12 -57.48 -14.46
C ILE A 375 -14.77 -58.94 -14.70
N PHE A 376 -14.08 -59.56 -13.74
CA PHE A 376 -13.80 -60.99 -13.83
C PHE A 376 -15.07 -61.83 -13.72
N LEU A 377 -16.02 -61.41 -12.90
CA LEU A 377 -17.24 -62.18 -12.66
C LEU A 377 -18.35 -61.82 -13.64
N SER A 378 -18.77 -60.55 -13.65
CA SER A 378 -19.88 -60.09 -14.47
C SER A 378 -19.48 -59.74 -15.90
N LYS A 379 -18.19 -59.76 -16.22
CA LYS A 379 -17.69 -59.43 -17.56
C LYS A 379 -18.09 -58.02 -17.97
N SER A 380 -18.15 -57.10 -17.00
CA SER A 380 -18.48 -55.71 -17.27
C SER A 380 -17.89 -54.85 -16.16
N ALA A 381 -17.67 -53.58 -16.49
CA ALA A 381 -17.07 -52.62 -15.57
C ALA A 381 -18.08 -51.54 -15.24
N ASN A 382 -18.10 -51.11 -13.98
CA ASN A 382 -19.01 -50.08 -13.51
C ASN A 382 -18.20 -48.82 -13.22
N LEU A 383 -18.55 -47.73 -13.90
CA LEU A 383 -17.98 -46.42 -13.60
C LEU A 383 -18.91 -45.70 -12.64
N THR A 384 -18.40 -45.34 -11.46
CA THR A 384 -19.20 -44.77 -10.40
C THR A 384 -18.83 -43.31 -10.18
N CYS A 385 -19.86 -42.45 -10.20
CA CYS A 385 -19.67 -40.99 -9.95
C CYS A 385 -20.34 -40.68 -8.60
N LEU A 386 -19.63 -40.90 -7.50
CA LEU A 386 -20.16 -40.73 -6.16
C LEU A 386 -20.06 -39.27 -5.75
N VAL A 387 -21.19 -38.64 -5.49
CA VAL A 387 -21.26 -37.25 -5.07
C VAL A 387 -21.96 -37.19 -3.71
N SER A 388 -21.30 -36.56 -2.74
CA SER A 388 -21.82 -36.43 -1.39
C SER A 388 -21.97 -34.94 -1.05
N ASN A 389 -22.33 -34.67 0.20
CA ASN A 389 -22.51 -33.31 0.71
C ASN A 389 -23.54 -32.55 -0.12
N LEU A 390 -24.60 -33.24 -0.54
CA LEU A 390 -25.66 -32.65 -1.36
C LEU A 390 -26.79 -32.18 -0.45
N ALA A 391 -27.08 -30.87 -0.52
CA ALA A 391 -28.15 -30.32 0.31
C ALA A 391 -29.52 -30.78 -0.17
N THR A 392 -29.75 -30.72 -1.48
CA THR A 392 -31.03 -31.12 -2.06
C THR A 392 -30.78 -31.96 -3.30
N TYR A 393 -31.77 -32.76 -3.66
CA TYR A 393 -31.67 -33.65 -4.82
C TYR A 393 -32.82 -33.50 -5.81
N GLU A 394 -33.84 -32.69 -5.51
CA GLU A 394 -34.97 -32.56 -6.42
C GLU A 394 -34.62 -31.79 -7.69
N THR A 395 -33.50 -31.07 -7.69
CA THR A 395 -33.05 -30.34 -8.87
C THR A 395 -31.70 -30.83 -9.38
N LEU A 396 -31.18 -31.93 -8.81
CA LEU A 396 -29.88 -32.44 -9.22
C LEU A 396 -29.94 -33.04 -10.63
N ASN A 397 -28.87 -32.84 -11.39
CA ASN A 397 -28.76 -33.39 -12.75
C ASN A 397 -27.35 -33.95 -12.89
N ILE A 398 -27.21 -35.26 -12.77
CA ILE A 398 -25.92 -35.94 -12.85
C ILE A 398 -25.98 -36.94 -14.00
N SER A 399 -25.01 -36.85 -14.91
CA SER A 399 -24.95 -37.75 -16.05
C SER A 399 -23.48 -37.99 -16.41
N TRP A 400 -23.24 -39.14 -17.03
CA TRP A 400 -21.91 -39.50 -17.50
C TRP A 400 -21.70 -38.99 -18.93
N ALA A 401 -20.45 -38.69 -19.25
CA ALA A 401 -20.09 -38.16 -20.57
C ALA A 401 -18.68 -38.61 -20.92
N SER A 402 -18.24 -38.22 -22.11
CA SER A 402 -16.91 -38.55 -22.60
C SER A 402 -16.15 -37.27 -22.92
N GLN A 403 -14.86 -37.43 -23.20
CA GLN A 403 -14.03 -36.28 -23.56
C GLN A 403 -14.47 -35.66 -24.88
N SER A 404 -14.89 -36.49 -25.84
CA SER A 404 -15.34 -36.01 -27.14
C SER A 404 -16.79 -35.55 -27.12
N GLY A 405 -17.40 -35.43 -25.95
CA GLY A 405 -18.78 -34.98 -25.85
C GLY A 405 -19.83 -36.05 -26.05
N GLU A 406 -19.44 -37.32 -26.19
CA GLU A 406 -20.41 -38.38 -26.36
C GLU A 406 -21.12 -38.65 -25.04
N PRO A 407 -22.45 -38.54 -24.98
CA PRO A 407 -23.16 -38.84 -23.74
C PRO A 407 -23.15 -40.34 -23.44
N LEU A 408 -23.29 -40.65 -22.15
CA LEU A 408 -23.30 -42.02 -21.67
C LEU A 408 -24.57 -42.29 -20.88
N GLU A 409 -24.93 -43.56 -20.80
CA GLU A 409 -26.09 -43.99 -20.02
C GLU A 409 -25.73 -43.91 -18.54
N THR A 410 -26.43 -43.07 -17.79
CA THR A 410 -26.17 -42.85 -16.38
C THR A 410 -27.34 -43.35 -15.55
N LYS A 411 -27.05 -44.16 -14.54
CA LYS A 411 -28.04 -44.67 -13.60
C LYS A 411 -27.91 -43.91 -12.28
N ILE A 412 -29.03 -43.40 -11.79
CA ILE A 412 -29.05 -42.59 -10.58
C ILE A 412 -29.51 -43.47 -9.42
N LYS A 413 -28.68 -43.56 -8.39
CA LYS A 413 -28.98 -44.32 -7.19
C LYS A 413 -28.66 -43.45 -5.97
N ILE A 414 -29.62 -43.32 -5.07
CA ILE A 414 -29.53 -42.40 -3.93
C ILE A 414 -29.65 -43.20 -2.64
N MET A 415 -28.71 -42.98 -1.73
CA MET A 415 -28.70 -43.65 -0.44
C MET A 415 -29.48 -42.83 0.59
N GLU A 416 -29.51 -43.34 1.82
CA GLU A 416 -30.25 -42.69 2.89
C GLU A 416 -29.51 -41.46 3.38
N SER A 417 -30.22 -40.64 4.15
CA SER A 417 -29.68 -39.37 4.62
C SER A 417 -28.51 -39.58 5.56
N HIS A 418 -27.45 -38.80 5.37
CA HIS A 418 -26.30 -38.80 6.25
C HIS A 418 -26.64 -38.06 7.54
N PRO A 419 -26.10 -38.51 8.68
CA PRO A 419 -26.41 -37.85 9.95
C PRO A 419 -26.04 -36.38 10.01
N ASN A 420 -25.21 -35.88 9.09
CA ASN A 420 -24.84 -34.48 9.10
C ASN A 420 -25.86 -33.59 8.40
N GLY A 421 -26.92 -34.16 7.84
CA GLY A 421 -27.95 -33.39 7.17
C GLY A 421 -27.74 -33.19 5.68
N THR A 422 -26.81 -33.93 5.08
CA THR A 422 -26.51 -33.81 3.65
C THR A 422 -26.83 -35.11 2.94
N PHE A 423 -27.37 -34.99 1.73
CA PHE A 423 -27.73 -36.15 0.92
C PHE A 423 -26.58 -36.55 0.02
N SER A 424 -26.77 -37.64 -0.73
CA SER A 424 -25.73 -38.15 -1.62
C SER A 424 -26.38 -38.80 -2.84
N ALA A 425 -25.58 -38.93 -3.89
CA ALA A 425 -26.06 -39.52 -5.14
C ALA A 425 -24.89 -40.19 -5.85
N LYS A 426 -25.23 -41.05 -6.81
CA LYS A 426 -24.23 -41.81 -7.56
C LYS A 426 -24.62 -41.87 -9.03
N GLY A 427 -23.63 -42.10 -9.87
CA GLY A 427 -23.85 -42.31 -11.29
C GLY A 427 -23.18 -43.57 -11.79
N VAL A 428 -23.96 -44.53 -12.27
CA VAL A 428 -23.49 -45.85 -12.65
C VAL A 428 -23.62 -46.03 -14.15
N ALA A 429 -22.53 -46.45 -14.79
CA ALA A 429 -22.49 -46.68 -16.23
C ALA A 429 -21.76 -47.98 -16.53
N SER A 430 -22.14 -48.63 -17.62
CA SER A 430 -21.54 -49.89 -18.05
C SER A 430 -21.03 -49.75 -19.47
N VAL A 431 -19.70 -49.86 -19.64
CA VAL A 431 -19.05 -49.75 -20.94
C VAL A 431 -18.01 -50.86 -21.03
N CYS A 432 -17.65 -51.20 -22.27
CA CYS A 432 -16.74 -52.31 -22.52
C CYS A 432 -15.38 -52.07 -21.85
N VAL A 433 -14.79 -53.15 -21.37
CA VAL A 433 -13.52 -53.07 -20.64
C VAL A 433 -12.39 -52.64 -21.56
N GLU A 434 -12.46 -53.03 -22.84
CA GLU A 434 -11.36 -52.75 -23.76
C GLU A 434 -11.14 -51.27 -23.97
N ASP A 435 -12.22 -50.47 -24.06
CA ASP A 435 -12.05 -49.03 -24.15
C ASP A 435 -11.41 -48.47 -22.88
N TRP A 436 -11.81 -48.98 -21.72
CA TRP A 436 -11.17 -48.58 -20.47
C TRP A 436 -9.72 -49.02 -20.43
N ASN A 437 -9.41 -50.17 -21.04
CA ASN A 437 -8.02 -50.60 -21.18
C ASN A 437 -7.26 -49.76 -22.21
N ASN A 438 -7.97 -49.02 -23.05
CA ASN A 438 -7.35 -48.13 -24.03
C ASN A 438 -7.14 -46.72 -23.48
N ARG A 439 -7.46 -46.49 -22.21
CA ARG A 439 -7.22 -45.20 -21.55
C ARG A 439 -8.02 -44.08 -22.21
N LYS A 440 -9.34 -44.28 -22.28
CA LYS A 440 -10.25 -43.24 -22.75
C LYS A 440 -10.72 -42.39 -21.59
N GLU A 441 -10.75 -41.08 -21.79
CA GLU A 441 -11.08 -40.13 -20.74
C GLU A 441 -12.59 -39.95 -20.67
N PHE A 442 -13.19 -40.47 -19.61
CA PHE A 442 -14.62 -40.32 -19.35
C PHE A 442 -14.83 -39.31 -18.23
N VAL A 443 -15.79 -38.41 -18.43
CA VAL A 443 -16.06 -37.32 -17.49
C VAL A 443 -17.51 -37.40 -17.06
N CYS A 444 -17.72 -37.24 -15.74
CA CYS A 444 -19.09 -37.28 -15.16
C CYS A 444 -19.58 -35.85 -14.91
N THR A 445 -20.69 -35.48 -15.52
CA THR A 445 -21.24 -34.13 -15.38
C THR A 445 -22.13 -34.06 -14.15
N VAL A 446 -21.80 -33.13 -13.25
CA VAL A 446 -22.54 -32.94 -12.01
C VAL A 446 -22.97 -31.48 -11.94
N THR A 447 -24.29 -31.25 -11.90
CA THR A 447 -24.85 -29.92 -11.78
C THR A 447 -25.89 -29.91 -10.67
N HIS A 448 -26.00 -28.77 -9.98
CA HIS A 448 -26.93 -28.64 -8.88
C HIS A 448 -27.32 -27.18 -8.72
N ARG A 449 -28.42 -26.95 -7.99
CA ARG A 449 -28.89 -25.59 -7.74
C ARG A 449 -27.97 -24.83 -6.79
N ASP A 450 -27.23 -25.54 -5.94
CA ASP A 450 -26.31 -24.91 -5.00
C ASP A 450 -24.90 -24.77 -5.55
N LEU A 451 -24.64 -25.27 -6.76
CA LEU A 451 -23.31 -25.20 -7.35
C LEU A 451 -23.26 -24.04 -8.33
N PRO A 452 -22.46 -23.01 -8.08
CA PRO A 452 -22.33 -21.93 -9.07
C PRO A 452 -21.78 -22.41 -10.40
N SER A 453 -20.91 -23.41 -10.39
CA SER A 453 -20.35 -24.00 -11.60
C SER A 453 -20.41 -25.51 -11.50
N PRO A 454 -20.57 -26.21 -12.62
CA PRO A 454 -20.59 -27.68 -12.58
C PRO A 454 -19.23 -28.23 -12.19
N GLN A 455 -19.26 -29.38 -11.51
CA GLN A 455 -18.06 -30.06 -11.04
C GLN A 455 -17.75 -31.20 -12.01
N LYS A 456 -16.98 -30.88 -13.04
CA LYS A 456 -16.60 -31.85 -14.08
C LYS A 456 -15.24 -32.43 -13.72
N LYS A 457 -15.24 -33.67 -13.23
CA LYS A 457 -14.00 -34.36 -12.88
C LYS A 457 -13.51 -35.16 -14.07
N PHE A 458 -12.26 -34.92 -14.47
CA PHE A 458 -11.66 -35.60 -15.61
C PHE A 458 -10.85 -36.79 -15.11
N ILE A 459 -11.15 -37.98 -15.62
CA ILE A 459 -10.51 -39.20 -15.17
C ILE A 459 -10.16 -40.07 -16.37
N SER A 460 -9.20 -40.97 -16.15
CA SER A 460 -8.82 -42.00 -17.11
C SER A 460 -8.18 -43.12 -16.32
N LYS A 461 -7.48 -44.01 -17.01
CA LYS A 461 -6.70 -45.04 -16.35
C LYS A 461 -5.63 -44.41 -15.48
N PRO A 462 -5.57 -44.75 -14.19
CA PRO A 462 -4.42 -44.33 -13.38
C PRO A 462 -3.14 -44.91 -13.96
N ASN A 463 -2.02 -44.26 -13.64
CA ASN A 463 -0.75 -44.58 -14.29
C ASN A 463 -0.41 -46.07 -14.16
N GLU A 464 -0.45 -46.78 -15.28
CA GLU A 464 -0.04 -48.18 -15.30
C GLU A 464 1.48 -48.24 -15.19
N VAL A 465 1.99 -49.29 -14.53
CA VAL A 465 3.40 -49.38 -14.23
C VAL A 465 3.91 -50.73 -14.74
N HIS A 466 5.15 -51.06 -14.42
CA HIS A 466 5.82 -52.25 -14.97
C HIS A 466 5.00 -53.52 -14.71
N LYS A 467 4.25 -53.53 -13.61
CA LYS A 467 3.33 -54.64 -13.30
C LYS A 467 4.07 -55.97 -13.27
N HIS A 468 4.99 -56.08 -12.35
CA HIS A 468 5.66 -57.36 -12.34
C HIS A 468 5.10 -58.25 -11.24
N PRO A 469 5.00 -59.55 -11.48
CA PRO A 469 4.37 -60.45 -10.50
C PRO A 469 5.32 -60.78 -9.37
N PRO A 470 4.80 -61.18 -8.21
CA PRO A 470 5.68 -61.49 -7.08
C PRO A 470 6.59 -62.67 -7.36
N ALA A 471 7.75 -62.67 -6.69
CA ALA A 471 8.74 -63.73 -6.80
C ALA A 471 8.99 -64.26 -5.39
N VAL A 472 8.20 -65.27 -5.00
CA VAL A 472 8.24 -65.77 -3.63
C VAL A 472 9.47 -66.64 -3.42
N TYR A 473 10.21 -66.36 -2.34
CA TYR A 473 11.40 -67.18 -2.00
C TYR A 473 11.30 -67.64 -0.55
N LEU A 474 10.60 -68.76 -0.31
CA LEU A 474 10.46 -69.31 1.06
C LEU A 474 11.86 -69.48 1.68
N LEU A 475 12.04 -69.06 2.93
CA LEU A 475 13.36 -69.16 3.61
C LEU A 475 13.24 -70.07 4.83
N PRO A 476 14.20 -71.01 5.05
CA PRO A 476 14.12 -71.96 6.17
C PRO A 476 14.53 -71.28 7.46
N PRO A 477 14.14 -71.85 8.60
CA PRO A 477 14.53 -71.26 9.89
C PRO A 477 16.03 -71.37 10.13
N ALA A 478 16.54 -70.46 10.95
CA ALA A 478 17.95 -70.49 11.32
C ALA A 478 18.21 -71.59 12.33
N ARG A 479 19.30 -72.35 12.11
CA ARG A 479 19.64 -73.45 13.01
C ARG A 479 19.94 -72.95 14.42
N GLU A 480 20.46 -71.73 14.55
CA GLU A 480 20.70 -71.17 15.87
C GLU A 480 19.39 -71.03 16.66
N GLN A 481 18.32 -70.61 15.99
CA GLN A 481 17.02 -70.54 16.66
C GLN A 481 16.52 -71.92 17.05
N LEU A 482 16.70 -72.91 16.18
CA LEU A 482 16.29 -74.27 16.51
C LEU A 482 17.10 -74.83 17.67
N ASN A 483 18.33 -74.34 17.87
CA ASN A 483 19.15 -74.84 18.96
C ASN A 483 18.53 -74.58 20.34
N LEU A 484 17.66 -73.59 20.45
CA LEU A 484 17.02 -73.31 21.74
C LEU A 484 15.95 -74.35 22.09
N ARG A 485 15.53 -75.16 21.12
CA ARG A 485 14.52 -76.20 21.34
C ARG A 485 13.21 -75.62 21.87
N GLU A 486 12.87 -74.40 21.50
CA GLU A 486 11.64 -73.77 21.97
C GLU A 486 10.66 -73.47 20.85
N SER A 487 11.09 -72.77 19.81
CA SER A 487 10.18 -72.44 18.70
C SER A 487 11.01 -72.10 17.47
N ALA A 488 10.34 -72.16 16.31
CA ALA A 488 10.96 -71.80 15.05
C ALA A 488 10.00 -70.92 14.26
N THR A 489 10.57 -70.02 13.46
CA THR A 489 9.80 -69.16 12.58
C THR A 489 10.11 -69.51 11.13
N VAL A 490 9.07 -69.82 10.37
CA VAL A 490 9.20 -70.03 8.94
C VAL A 490 8.87 -68.71 8.24
N THR A 491 9.78 -68.23 7.41
CA THR A 491 9.64 -66.94 6.76
C THR A 491 9.67 -67.12 5.25
N CYS A 492 8.67 -66.56 4.56
CA CYS A 492 8.60 -66.61 3.10
C CYS A 492 8.59 -65.19 2.56
N LEU A 493 9.75 -64.74 2.08
CA LEU A 493 9.85 -63.41 1.52
C LEU A 493 9.14 -63.34 0.17
N VAL A 494 8.22 -62.37 0.08
CA VAL A 494 7.48 -62.14 -1.20
C VAL A 494 7.92 -60.75 -1.69
N LYS A 495 8.66 -60.70 -2.81
CA LYS A 495 9.22 -59.46 -3.31
C LYS A 495 9.04 -59.34 -4.81
N GLY A 496 8.99 -58.10 -5.29
CA GLY A 496 8.98 -57.83 -6.71
C GLY A 496 7.63 -57.71 -7.35
N PHE A 497 6.69 -56.99 -6.71
CA PHE A 497 5.37 -56.79 -7.27
C PHE A 497 5.04 -55.30 -7.29
N SER A 498 4.38 -54.86 -8.36
CA SER A 498 4.07 -53.46 -8.56
C SER A 498 2.84 -52.98 -7.78
N PRO A 499 1.66 -53.64 -7.91
CA PRO A 499 0.47 -53.25 -7.14
C PRO A 499 0.72 -53.34 -5.63
N ALA A 500 0.10 -52.44 -4.86
CA ALA A 500 0.25 -52.47 -3.41
C ALA A 500 -0.48 -53.65 -2.80
N ASP A 501 -1.67 -53.98 -3.29
CA ASP A 501 -2.47 -55.05 -2.71
C ASP A 501 -1.81 -56.40 -2.92
N ILE A 502 -1.77 -57.20 -1.86
CA ILE A 502 -1.24 -58.56 -1.91
C ILE A 502 -1.74 -59.30 -0.69
N SER A 503 -2.05 -60.58 -0.84
CA SER A 503 -2.66 -61.38 0.23
C SER A 503 -1.87 -62.68 0.37
N VAL A 504 -1.00 -62.73 1.40
CA VAL A 504 -0.24 -63.93 1.68
C VAL A 504 -1.00 -64.80 2.68
N GLN A 505 -1.23 -66.06 2.30
CA GLN A 505 -1.87 -67.03 3.17
C GLN A 505 -0.97 -68.26 3.28
N TRP A 506 -0.90 -68.85 4.46
CA TRP A 506 -0.15 -70.09 4.67
C TRP A 506 -1.11 -71.26 4.76
N LEU A 507 -0.67 -72.40 4.24
CA LEU A 507 -1.46 -73.63 4.25
C LEU A 507 -0.80 -74.65 5.16
N GLN A 508 -1.62 -75.37 5.93
CA GLN A 508 -1.18 -76.52 6.69
C GLN A 508 -1.94 -77.73 6.19
N ARG A 509 -1.19 -78.72 5.67
CA ARG A 509 -1.72 -79.97 5.12
C ARG A 509 -2.94 -79.74 4.23
N GLY A 510 -2.96 -78.62 3.53
CA GLY A 510 -4.06 -78.29 2.65
C GLY A 510 -5.18 -77.48 3.27
N GLN A 511 -4.99 -76.96 4.49
CA GLN A 511 -5.97 -76.13 5.15
C GLN A 511 -5.38 -74.74 5.38
N LEU A 512 -6.20 -73.71 5.19
CA LEU A 512 -5.75 -72.34 5.39
C LEU A 512 -5.41 -72.09 6.85
N LEU A 513 -4.32 -71.36 7.07
CA LEU A 513 -3.89 -71.02 8.42
C LEU A 513 -4.49 -69.70 8.86
N PRO A 514 -5.20 -69.66 9.98
CA PRO A 514 -5.81 -68.40 10.42
C PRO A 514 -4.75 -67.38 10.84
N GLN A 515 -5.17 -66.11 10.82
CA GLN A 515 -4.27 -65.02 11.21
C GLN A 515 -3.93 -65.03 12.69
N GLU A 516 -4.64 -65.83 13.50
CA GLU A 516 -4.37 -65.89 14.93
C GLU A 516 -3.02 -66.51 15.25
N LYS A 517 -2.42 -67.26 14.33
CA LYS A 517 -1.16 -67.95 14.59
C LYS A 517 0.03 -67.31 13.90
N TYR A 518 -0.13 -66.80 12.69
CA TYR A 518 0.95 -66.19 11.93
C TYR A 518 0.70 -64.69 11.78
N VAL A 519 1.73 -63.97 11.34
CA VAL A 519 1.64 -62.54 11.09
C VAL A 519 2.41 -62.24 9.81
N THR A 520 2.00 -61.15 9.14
CA THR A 520 2.61 -60.75 7.89
C THR A 520 2.88 -59.25 7.90
N SER A 521 3.96 -58.85 7.23
CA SER A 521 4.34 -57.45 7.16
C SER A 521 3.59 -56.73 6.05
N ALA A 522 3.27 -55.46 6.31
CA ALA A 522 2.63 -54.64 5.30
C ALA A 522 3.59 -54.35 4.15
N PRO A 523 3.05 -54.13 2.93
CA PRO A 523 3.88 -53.86 1.75
C PRO A 523 4.73 -52.59 1.92
N MET A 524 5.99 -52.66 1.52
CA MET A 524 6.90 -51.53 1.60
C MET A 524 7.68 -51.45 0.29
N PRO A 525 8.07 -50.25 -0.14
CA PRO A 525 8.89 -50.15 -1.35
C PRO A 525 10.22 -50.85 -1.19
N GLU A 526 10.74 -51.39 -2.30
CA GLU A 526 11.98 -52.14 -2.27
C GLU A 526 13.13 -51.30 -2.83
N PRO A 527 14.28 -51.29 -2.17
CA PRO A 527 15.38 -50.44 -2.61
C PRO A 527 15.98 -50.91 -3.93
N GLY A 528 16.56 -49.96 -4.66
CA GLY A 528 17.19 -50.24 -5.94
C GLY A 528 16.27 -50.16 -7.13
N ALA A 529 14.96 -49.99 -6.91
CA ALA A 529 14.01 -49.87 -7.99
C ALA A 529 12.79 -49.08 -7.53
N PRO A 530 12.76 -47.76 -7.78
CA PRO A 530 11.60 -46.97 -7.37
C PRO A 530 10.32 -47.47 -8.04
N GLY A 531 9.23 -47.40 -7.29
CA GLY A 531 7.95 -47.87 -7.79
C GLY A 531 7.78 -49.37 -7.77
N PHE A 532 8.67 -50.09 -7.09
CA PHE A 532 8.60 -51.54 -6.97
C PHE A 532 8.41 -51.90 -5.51
N TYR A 533 7.42 -52.75 -5.23
CA TYR A 533 7.03 -53.07 -3.87
C TYR A 533 7.44 -54.49 -3.51
N PHE A 534 7.40 -54.77 -2.20
CA PHE A 534 7.68 -56.10 -1.67
C PHE A 534 6.98 -56.22 -0.33
N THR A 535 6.91 -57.46 0.18
CA THR A 535 6.28 -57.70 1.50
C THR A 535 7.07 -58.86 2.13
N HIS A 536 6.55 -59.40 3.24
CA HIS A 536 7.23 -60.52 3.94
C HIS A 536 6.19 -61.35 4.70
N SER A 537 6.62 -62.19 5.64
CA SER A 537 5.69 -63.01 6.43
C SER A 537 6.51 -63.86 7.42
N ILE A 538 5.85 -64.44 8.42
CA ILE A 538 6.55 -65.29 9.40
C ILE A 538 5.50 -66.17 10.07
N LEU A 539 5.70 -67.48 10.03
CA LEU A 539 4.77 -68.44 10.69
C LEU A 539 5.49 -69.05 11.89
N THR A 540 5.21 -68.54 13.10
CA THR A 540 5.81 -69.16 14.27
C THR A 540 5.28 -70.58 14.43
N VAL A 541 6.19 -71.53 14.68
CA VAL A 541 5.84 -72.92 14.89
C VAL A 541 6.54 -73.39 16.16
N THR A 542 5.93 -74.34 16.86
CA THR A 542 6.55 -74.86 18.06
C THR A 542 7.59 -75.91 17.70
N GLU A 543 8.38 -76.29 18.70
CA GLU A 543 9.56 -77.11 18.46
C GLU A 543 9.14 -78.52 18.03
N GLU A 544 8.15 -79.10 18.72
CA GLU A 544 7.65 -80.42 18.33
C GLU A 544 6.88 -80.37 17.01
N GLU A 545 6.34 -79.20 16.65
CA GLU A 545 5.78 -79.03 15.32
C GLU A 545 6.86 -79.15 14.26
N TRP A 546 8.05 -78.59 14.54
CA TRP A 546 9.13 -78.67 13.57
C TRP A 546 9.75 -80.07 13.53
N ASN A 547 9.68 -80.83 14.63
CA ASN A 547 10.11 -82.23 14.56
C ASN A 547 9.22 -83.06 13.65
N SER A 548 7.91 -82.84 13.71
CA SER A 548 6.97 -83.73 13.04
C SER A 548 7.04 -83.66 11.53
N GLY A 549 7.74 -82.67 10.97
CA GLY A 549 7.81 -82.56 9.52
C GLY A 549 6.49 -82.23 8.86
N GLU A 550 5.74 -81.28 9.41
CA GLU A 550 4.48 -80.87 8.81
C GLU A 550 4.76 -80.04 7.55
N THR A 551 3.70 -79.85 6.75
CA THR A 551 3.81 -79.16 5.48
C THR A 551 3.61 -77.67 5.70
N TYR A 552 4.69 -76.91 5.62
CA TYR A 552 4.68 -75.45 5.77
C TYR A 552 4.79 -74.83 4.39
N THR A 553 3.68 -74.27 3.89
CA THR A 553 3.66 -73.59 2.60
C THR A 553 2.87 -72.30 2.73
N CYS A 554 3.34 -71.26 2.06
CA CYS A 554 2.65 -69.98 2.02
C CYS A 554 2.31 -69.63 0.57
N VAL A 555 1.07 -69.23 0.35
CA VAL A 555 0.60 -68.87 -0.97
C VAL A 555 0.49 -67.36 -1.06
N VAL A 556 0.44 -66.85 -2.29
CA VAL A 556 0.44 -65.42 -2.55
C VAL A 556 -0.63 -65.12 -3.59
N GLY A 557 -1.54 -64.21 -3.26
CA GLY A 557 -2.54 -63.72 -4.20
C GLY A 557 -2.11 -62.36 -4.72
N HIS A 558 -2.17 -62.21 -6.05
CA HIS A 558 -1.70 -60.96 -6.69
C HIS A 558 -2.42 -60.75 -8.02
N GLU A 559 -2.61 -59.49 -8.42
CA GLU A 559 -3.30 -59.16 -9.67
C GLU A 559 -2.47 -59.55 -10.89
N ALA A 560 -1.16 -59.36 -10.84
CA ALA A 560 -0.30 -59.58 -12.00
C ALA A 560 0.08 -61.04 -12.20
N LEU A 561 -0.34 -61.93 -11.32
CA LEU A 561 0.00 -63.34 -11.48
C LEU A 561 -0.75 -63.93 -12.67
N PRO A 562 -0.03 -64.49 -13.65
CA PRO A 562 -0.72 -65.03 -14.84
C PRO A 562 -1.68 -66.15 -14.51
N HIS A 563 -1.43 -66.93 -13.45
CA HIS A 563 -2.39 -67.90 -12.95
C HIS A 563 -3.12 -67.39 -11.72
N LEU A 564 -2.89 -66.14 -11.32
CA LEU A 564 -3.61 -65.44 -10.25
C LEU A 564 -3.30 -65.98 -8.86
N VAL A 565 -2.54 -67.08 -8.78
CA VAL A 565 -2.13 -67.67 -7.50
C VAL A 565 -0.77 -68.32 -7.71
N THR A 566 0.14 -68.13 -6.76
CA THR A 566 1.41 -68.83 -6.75
C THR A 566 1.73 -69.28 -5.33
N GLU A 567 2.53 -70.34 -5.21
CA GLU A 567 2.83 -70.92 -3.91
C GLU A 567 4.17 -71.62 -3.96
N ARG A 568 5.00 -71.38 -2.96
CA ARG A 568 6.28 -72.05 -2.79
C ARG A 568 6.19 -73.09 -1.69
N THR A 569 7.07 -74.09 -1.74
CA THR A 569 7.01 -75.25 -0.87
C THR A 569 8.37 -75.49 -0.25
N VAL A 570 8.53 -75.08 1.01
CA VAL A 570 9.65 -75.49 1.84
C VAL A 570 9.05 -76.01 3.14
N ASP A 571 9.00 -77.33 3.29
CA ASP A 571 8.17 -77.95 4.30
C ASP A 571 8.93 -79.13 4.92
N LYS A 572 8.20 -79.98 5.63
CA LYS A 572 8.74 -81.15 6.32
C LYS A 572 9.73 -80.63 7.35
N SER A 573 10.97 -81.15 7.42
CA SER A 573 11.95 -80.68 8.38
C SER A 573 13.27 -80.29 7.74
N THR A 574 13.44 -80.51 6.44
CA THR A 574 14.67 -80.17 5.73
C THR A 574 14.39 -80.21 4.24
N GLU A 575 14.81 -79.15 3.55
CA GLU A 575 14.67 -79.06 2.11
C GLU A 575 15.96 -79.40 1.38
N GLY A 576 17.08 -79.52 2.08
CA GLY A 576 18.35 -79.83 1.45
C GLY A 576 19.16 -78.59 1.15
N GLU A 577 20.48 -78.80 0.99
CA GLU A 577 21.39 -77.72 0.66
C GLU A 577 22.68 -78.31 0.10
N VAL A 578 23.00 -77.96 -1.14
CA VAL A 578 24.26 -78.37 -1.74
C VAL A 578 25.34 -77.37 -1.38
N ASN A 579 26.57 -77.85 -1.26
CA ASN A 579 27.68 -76.93 -0.91
C ASN A 579 28.97 -77.50 -1.47
N ALA A 580 30.11 -77.14 -0.87
CA ALA A 580 31.41 -77.59 -1.33
C ALA A 580 31.74 -79.00 -0.84
N GLU A 581 32.95 -79.47 -1.14
CA GLU A 581 33.41 -80.81 -0.78
C GLU A 581 33.61 -80.62 0.73
N GLU A 582 32.50 -80.72 1.48
CA GLU A 582 32.57 -80.61 2.95
C GLU A 582 31.91 -81.91 3.41
N GLU A 583 31.05 -82.48 2.55
CA GLU A 583 30.49 -83.78 2.88
C GLU A 583 31.33 -84.94 2.35
N GLY A 584 32.47 -84.66 1.72
CA GLY A 584 33.28 -85.72 1.16
C GLY A 584 33.77 -86.70 2.22
N PHE A 585 34.35 -86.17 3.30
CA PHE A 585 34.71 -87.05 4.40
C PHE A 585 33.50 -87.58 5.14
N GLU A 586 32.33 -86.96 4.96
CA GLU A 586 31.11 -87.57 5.49
C GLU A 586 30.78 -88.87 4.75
N ASN A 587 30.85 -88.87 3.42
CA ASN A 587 30.61 -90.14 2.72
C ASN A 587 31.75 -91.10 2.98
N LEU A 588 32.97 -90.59 3.17
CA LEU A 588 34.09 -91.46 3.53
C LEU A 588 33.82 -92.15 4.87
N TRP A 589 33.29 -91.41 5.85
CA TRP A 589 32.93 -92.01 7.13
C TRP A 589 31.79 -93.00 6.99
N THR A 590 30.81 -92.69 6.14
CA THR A 590 29.69 -93.62 5.97
C THR A 590 30.16 -94.94 5.36
N THR A 591 31.02 -94.87 4.34
CA THR A 591 31.52 -96.12 3.75
C THR A 591 32.47 -96.83 4.70
N ALA A 592 33.22 -96.09 5.52
CA ALA A 592 34.05 -96.73 6.54
C ALA A 592 33.18 -97.49 7.55
N SER A 593 32.07 -96.90 7.97
CA SER A 593 31.16 -97.59 8.88
C SER A 593 30.52 -98.81 8.22
N THR A 594 30.12 -98.66 6.96
CA THR A 594 29.60 -99.82 6.24
C THR A 594 30.63 -100.93 6.17
N PHE A 595 31.89 -100.58 5.91
CA PHE A 595 32.93 -101.59 5.75
C PHE A 595 33.29 -102.23 7.08
N ILE A 596 33.18 -101.46 8.16
CA ILE A 596 33.38 -102.05 9.51
C ILE A 596 32.25 -103.05 9.76
N VAL A 597 31.05 -102.73 9.26
CA VAL A 597 29.91 -103.64 9.44
C VAL A 597 30.15 -104.94 8.68
N LEU A 598 30.58 -104.82 7.42
CA LEU A 598 30.85 -106.02 6.59
C LEU A 598 31.96 -106.84 7.26
N PHE A 599 33.04 -106.19 7.69
CA PHE A 599 34.15 -106.90 8.31
C PHE A 599 33.69 -107.63 9.55
N LEU A 600 32.83 -107.00 10.36
CA LEU A 600 32.26 -107.67 11.52
C LEU A 600 31.45 -108.89 11.10
N LEU A 601 30.65 -108.76 10.03
CA LEU A 601 29.85 -109.88 9.58
C LEU A 601 30.73 -111.05 9.12
N SER A 602 31.80 -110.74 8.36
CA SER A 602 32.70 -111.78 7.91
C SER A 602 33.41 -112.45 9.08
N LEU A 603 33.84 -111.65 10.06
CA LEU A 603 34.49 -112.22 11.23
C LEU A 603 33.55 -113.13 12.01
N PHE A 604 32.29 -112.71 12.18
CA PHE A 604 31.32 -113.54 12.87
C PHE A 604 31.06 -114.83 12.11
N TYR A 605 30.97 -114.75 10.77
CA TYR A 605 30.77 -115.94 9.97
C TYR A 605 31.93 -116.92 10.13
N SER A 606 33.16 -116.41 10.08
CA SER A 606 34.33 -117.27 10.25
C SER A 606 34.34 -117.90 11.64
N THR A 607 34.02 -117.11 12.67
CA THR A 607 34.00 -117.64 14.03
C THR A 607 32.96 -118.75 14.17
N THR A 608 31.77 -118.54 13.62
CA THR A 608 30.72 -119.55 13.73
C THR A 608 31.09 -120.82 12.96
N VAL A 609 31.69 -120.66 11.78
CA VAL A 609 32.13 -121.84 11.02
C VAL A 609 33.17 -122.62 11.81
N THR A 610 34.14 -121.91 12.39
CA THR A 610 35.17 -122.59 13.17
C THR A 610 34.56 -123.31 14.35
N LEU A 611 33.64 -122.67 15.06
CA LEU A 611 33.03 -123.30 16.23
C LEU A 611 32.23 -124.53 15.82
N PHE A 612 31.45 -124.44 14.73
CA PHE A 612 30.66 -125.58 14.28
C PHE A 612 31.52 -126.74 13.81
N LYS A 613 32.63 -126.46 13.11
CA LYS A 613 33.55 -127.54 12.74
C LYS A 613 34.19 -128.15 13.97
N VAL A 614 34.54 -127.33 14.96
CA VAL A 614 35.07 -127.87 16.21
C VAL A 614 33.99 -128.62 16.96
N LYS A 615 32.80 -128.04 17.08
CA LYS A 615 31.69 -128.68 17.78
C LYS A 615 30.86 -129.52 16.82
N SER B 19 1.11 83.18 13.15
CA SER B 19 0.67 82.20 12.16
C SER B 19 1.80 81.86 11.19
N GLN B 20 2.10 80.57 11.08
CA GLN B 20 3.16 80.11 10.19
C GLN B 20 2.67 80.09 8.75
N VAL B 21 3.50 80.61 7.84
CA VAL B 21 3.12 80.67 6.43
C VAL B 21 3.19 79.26 5.84
N GLN B 22 2.08 78.80 5.26
CA GLN B 22 2.01 77.49 4.64
C GLN B 22 1.42 77.63 3.24
N LEU B 23 1.82 76.72 2.36
CA LEU B 23 1.35 76.69 0.98
C LEU B 23 0.53 75.44 0.73
N GLN B 24 -0.37 75.53 -0.26
CA GLN B 24 -1.25 74.43 -0.63
C GLN B 24 -1.08 74.14 -2.10
N GLN B 25 -0.58 72.95 -2.43
CA GLN B 25 -0.37 72.54 -3.80
C GLN B 25 -1.06 71.20 -4.05
N PRO B 26 -1.62 71.00 -5.25
CA PRO B 26 -2.28 69.73 -5.54
C PRO B 26 -1.29 68.57 -5.55
N GLY B 27 -1.85 67.37 -5.39
CA GLY B 27 -1.04 66.17 -5.36
C GLY B 27 -0.94 65.48 -6.71
N ALA B 28 -1.36 64.22 -6.78
CA ALA B 28 -1.32 63.46 -8.02
C ALA B 28 -2.44 63.90 -8.94
N GLU B 29 -2.10 64.28 -10.17
CA GLU B 29 -3.06 64.73 -11.16
C GLU B 29 -2.87 63.93 -12.43
N LEU B 30 -3.92 63.23 -12.86
CA LEU B 30 -3.89 62.42 -14.08
C LEU B 30 -4.52 63.25 -15.21
N VAL B 31 -3.69 63.85 -16.04
CA VAL B 31 -4.13 64.69 -17.14
C VAL B 31 -3.70 64.04 -18.45
N LYS B 32 -4.63 63.88 -19.37
CA LYS B 32 -4.33 63.29 -20.66
C LYS B 32 -3.51 64.27 -21.51
N PRO B 33 -2.62 63.76 -22.37
CA PRO B 33 -1.83 64.67 -23.21
C PRO B 33 -2.65 65.40 -24.26
N GLY B 34 -3.84 64.90 -24.56
CA GLY B 34 -4.74 65.61 -25.48
C GLY B 34 -5.47 66.71 -24.73
N ALA B 35 -5.17 66.86 -23.44
CA ALA B 35 -5.83 67.89 -22.61
C ALA B 35 -4.76 68.79 -21.97
N SER B 36 -5.18 69.93 -21.43
CA SER B 36 -4.22 70.85 -20.74
C SER B 36 -4.24 70.58 -19.24
N VAL B 37 -3.15 70.90 -18.54
CA VAL B 37 -3.09 70.71 -17.06
C VAL B 37 -3.19 72.09 -16.39
N LYS B 38 -4.07 72.22 -15.38
CA LYS B 38 -4.18 73.49 -14.68
C LYS B 38 -3.91 73.24 -13.20
N LEU B 39 -2.76 73.71 -12.71
CA LEU B 39 -2.39 73.55 -11.32
C LEU B 39 -2.80 74.79 -10.53
N SER B 40 -2.29 74.93 -9.31
CA SER B 40 -2.61 76.06 -8.46
C SER B 40 -1.48 76.30 -7.48
N CYS B 41 -1.53 77.44 -6.81
CA CYS B 41 -0.52 77.82 -5.82
C CYS B 41 -1.21 78.74 -4.80
N LYS B 42 -1.73 78.13 -3.74
CA LYS B 42 -2.42 78.87 -2.68
C LYS B 42 -1.41 79.38 -1.66
N ALA B 43 -1.50 80.67 -1.33
CA ALA B 43 -0.62 81.30 -0.37
C ALA B 43 -1.44 82.13 0.61
N SER B 44 -1.07 82.07 1.88
CA SER B 44 -1.77 82.82 2.93
C SER B 44 -0.81 83.07 4.08
N GLY B 45 -1.25 83.90 5.02
CA GLY B 45 -0.46 84.24 6.18
C GLY B 45 0.30 85.55 6.09
N TYR B 46 0.22 86.25 4.95
CA TYR B 46 0.91 87.52 4.77
C TYR B 46 0.14 88.34 3.75
N THR B 47 0.74 89.45 3.33
CA THR B 47 0.13 90.33 2.34
C THR B 47 0.38 89.77 0.95
N PHE B 48 -0.67 89.23 0.31
CA PHE B 48 -0.51 88.64 -1.01
C PHE B 48 -0.32 89.69 -2.09
N THR B 49 -0.78 90.93 -1.83
CA THR B 49 -0.67 92.01 -2.80
C THR B 49 0.63 92.79 -2.66
N SER B 50 1.74 92.10 -2.38
CA SER B 50 3.01 92.79 -2.25
C SER B 50 4.21 91.93 -2.66
N TYR B 51 4.00 90.75 -3.24
CA TYR B 51 5.08 89.89 -3.66
C TYR B 51 4.79 89.35 -5.05
N TRP B 52 5.81 88.74 -5.65
CA TRP B 52 5.69 88.17 -6.99
C TRP B 52 5.35 86.68 -6.88
N MET B 53 5.48 85.96 -7.99
CA MET B 53 5.20 84.53 -8.01
C MET B 53 5.99 83.89 -9.13
N HIS B 54 6.74 82.84 -8.81
CA HIS B 54 7.55 82.11 -9.77
C HIS B 54 7.13 80.65 -9.81
N TRP B 55 7.65 79.93 -10.81
CA TRP B 55 7.35 78.52 -10.98
C TRP B 55 8.65 77.79 -11.31
N VAL B 56 9.08 76.91 -10.43
CA VAL B 56 10.31 76.14 -10.61
C VAL B 56 9.94 74.74 -11.06
N LYS B 57 10.47 74.33 -12.22
CA LYS B 57 10.21 73.01 -12.78
C LYS B 57 11.40 72.11 -12.50
N GLN B 58 11.14 70.97 -11.87
CA GLN B 58 12.18 70.00 -11.53
C GLN B 58 11.81 68.66 -12.13
N ARG B 59 12.71 68.13 -12.97
CA ARG B 59 12.46 66.84 -13.60
C ARG B 59 12.99 65.78 -12.65
N PRO B 60 12.67 64.47 -12.87
CA PRO B 60 13.19 63.38 -12.05
C PRO B 60 14.49 62.89 -12.70
N GLY B 61 15.61 63.57 -12.44
CA GLY B 61 16.88 63.24 -13.04
C GLY B 61 17.61 64.40 -13.68
N ARG B 62 16.97 65.55 -13.86
CA ARG B 62 17.56 66.72 -14.46
C ARG B 62 17.65 67.80 -13.37
N GLY B 63 17.80 69.06 -13.79
CA GLY B 63 17.89 70.17 -12.87
C GLY B 63 16.65 71.04 -12.77
N LEU B 64 16.84 72.22 -12.19
CA LEU B 64 15.75 73.16 -12.02
C LEU B 64 15.57 74.01 -13.27
N GLU B 65 14.34 74.46 -13.49
CA GLU B 65 13.99 75.28 -14.64
C GLU B 65 13.25 76.53 -14.16
N TRP B 66 12.92 77.40 -15.13
CA TRP B 66 12.22 78.64 -14.84
C TRP B 66 11.22 78.90 -15.96
N ILE B 67 9.93 78.89 -15.62
CA ILE B 67 8.88 79.10 -16.61
C ILE B 67 8.67 80.59 -16.82
N GLY B 68 8.11 81.27 -15.82
CA GLY B 68 7.87 82.70 -15.93
C GLY B 68 7.39 83.26 -14.61
N ARG B 69 7.22 84.58 -14.60
CA ARG B 69 6.77 85.29 -13.41
C ARG B 69 5.66 86.25 -13.79
N ILE B 70 4.94 86.75 -12.79
CA ILE B 70 3.85 87.68 -13.00
C ILE B 70 3.66 88.53 -11.74
N ASP B 71 3.53 89.83 -11.91
CA ASP B 71 3.35 90.74 -10.78
C ASP B 71 1.86 91.02 -10.60
N PRO B 72 1.25 90.58 -9.50
CA PRO B 72 -0.19 90.81 -9.31
C PRO B 72 -0.54 92.28 -9.15
N ASN B 73 0.20 92.97 -8.26
CA ASN B 73 0.00 94.44 -8.13
C ASN B 73 0.66 95.09 -9.35
N SER B 74 -0.06 95.97 -10.06
CA SER B 74 0.49 96.55 -11.30
C SER B 74 0.82 95.41 -12.28
N GLY B 75 2.04 95.39 -12.82
CA GLY B 75 2.45 94.31 -13.75
C GLY B 75 3.72 94.66 -14.51
N GLY B 76 4.04 93.88 -15.54
CA GLY B 76 5.24 94.13 -16.36
C GLY B 76 6.27 93.02 -16.22
N THR B 77 5.97 91.84 -16.78
CA THR B 77 6.88 90.71 -16.68
C THR B 77 6.98 89.98 -18.03
N LYS B 78 7.95 89.07 -18.10
CA LYS B 78 8.21 88.30 -19.31
C LYS B 78 8.33 86.82 -18.92
N TYR B 79 8.56 85.99 -19.92
CA TYR B 79 8.70 84.55 -19.74
C TYR B 79 10.05 84.09 -20.29
N ASN B 80 10.29 82.78 -20.22
CA ASN B 80 11.53 82.21 -20.71
C ASN B 80 11.52 82.13 -22.23
N GLU B 81 12.72 82.05 -22.81
CA GLU B 81 12.84 81.96 -24.26
C GLU B 81 12.35 80.62 -24.78
N LYS B 82 12.51 79.55 -24.00
CA LYS B 82 12.04 78.23 -24.43
C LYS B 82 10.53 78.10 -24.29
N PHE B 83 9.97 78.55 -23.16
CA PHE B 83 8.54 78.47 -22.93
C PHE B 83 7.90 79.86 -23.09
N LYS B 84 8.01 80.44 -24.28
CA LYS B 84 7.44 81.76 -24.51
C LYS B 84 5.93 81.70 -24.63
N SER B 85 5.42 80.61 -25.24
CA SER B 85 3.95 80.41 -25.32
C SER B 85 3.52 79.39 -24.26
N LYS B 86 2.27 78.95 -24.29
CA LYS B 86 1.76 77.94 -23.33
C LYS B 86 1.92 78.47 -21.90
N ALA B 87 2.06 79.79 -21.74
CA ALA B 87 2.26 80.39 -20.40
C ALA B 87 0.94 80.97 -19.89
N THR B 88 0.41 80.42 -18.79
CA THR B 88 -0.85 80.94 -18.20
C THR B 88 -0.50 81.17 -16.72
N LEU B 89 -0.92 82.31 -16.16
CA LEU B 89 -0.62 82.63 -14.73
C LEU B 89 -1.78 83.47 -14.17
N THR B 90 -3.00 82.94 -14.23
CA THR B 90 -4.19 83.72 -13.78
C THR B 90 -3.88 83.82 -12.28
N VAL B 91 -3.70 85.04 -11.79
CA VAL B 91 -3.38 85.26 -10.38
C VAL B 91 -4.56 86.11 -9.93
N ASP B 92 -5.32 85.60 -8.97
CA ASP B 92 -6.51 86.33 -8.45
C ASP B 92 -6.11 87.06 -7.15
N LYS B 93 -6.15 88.39 -7.16
CA LYS B 93 -5.72 89.17 -5.96
C LYS B 93 -6.47 88.66 -4.72
N PRO B 94 -7.82 88.59 -4.71
CA PRO B 94 -8.55 88.18 -3.50
C PRO B 94 -8.31 86.70 -3.20
N SER B 95 -8.31 85.85 -4.23
CA SER B 95 -8.10 84.39 -4.04
C SER B 95 -6.70 84.14 -3.46
N SER B 96 -5.74 85.01 -3.78
CA SER B 96 -4.35 84.84 -3.27
C SER B 96 -3.81 83.48 -3.73
N THR B 97 -4.24 83.00 -4.90
CA THR B 97 -3.74 81.71 -5.44
C THR B 97 -3.34 81.91 -6.91
N ALA B 98 -2.18 81.38 -7.30
CA ALA B 98 -1.69 81.56 -8.69
C ALA B 98 -1.89 80.26 -9.48
N TYR B 99 -2.73 80.29 -10.53
CA TYR B 99 -2.92 79.12 -11.36
C TYR B 99 -1.86 79.06 -12.46
N MET B 100 -1.82 77.94 -13.16
CA MET B 100 -0.88 77.74 -14.25
C MET B 100 -1.33 76.72 -15.27
N GLN B 101 -1.97 77.23 -16.34
CA GLN B 101 -2.53 76.35 -17.41
C GLN B 101 -1.45 76.04 -18.45
N LEU B 102 -1.20 74.76 -18.69
CA LEU B 102 -0.23 74.31 -19.69
C LEU B 102 -0.96 73.54 -20.78
N SER B 103 -0.96 74.10 -21.99
CA SER B 103 -1.61 73.48 -23.14
C SER B 103 -0.59 72.79 -24.02
N SER B 104 -1.09 71.86 -24.85
CA SER B 104 -0.29 71.07 -25.78
C SER B 104 0.81 70.21 -25.15
N LEU B 105 0.37 69.31 -24.27
CA LEU B 105 1.26 68.47 -23.49
C LEU B 105 1.92 67.44 -24.38
N THR B 106 3.24 67.29 -24.25
CA THR B 106 4.04 66.35 -25.02
C THR B 106 4.48 65.23 -24.06
N SER B 107 5.50 64.48 -24.45
CA SER B 107 6.02 63.39 -23.64
C SER B 107 7.12 63.75 -22.65
N GLU B 108 7.59 65.00 -22.65
CA GLU B 108 8.64 65.45 -21.75
C GLU B 108 8.13 66.45 -20.72
N ASP B 109 6.81 66.53 -20.52
CA ASP B 109 6.22 67.45 -19.57
C ASP B 109 5.93 66.80 -18.22
N SER B 110 6.31 65.54 -18.03
CA SER B 110 6.07 64.84 -16.77
C SER B 110 7.14 65.27 -15.78
N ALA B 111 6.82 66.27 -14.95
CA ALA B 111 7.74 66.78 -13.95
C ALA B 111 6.94 67.28 -12.76
N VAL B 112 7.65 67.78 -11.76
CA VAL B 112 7.05 68.32 -10.54
C VAL B 112 7.31 69.82 -10.50
N TYR B 113 6.25 70.59 -10.27
CA TYR B 113 6.33 72.05 -10.23
C TYR B 113 6.20 72.53 -8.79
N TYR B 114 6.76 73.71 -8.53
CA TYR B 114 6.71 74.33 -7.21
C TYR B 114 6.50 75.83 -7.38
N CYS B 115 6.18 76.48 -6.26
CA CYS B 115 6.02 77.93 -6.23
C CYS B 115 6.48 78.45 -4.87
N ALA B 116 7.10 79.63 -4.89
CA ALA B 116 7.63 80.24 -3.67
C ALA B 116 7.26 81.72 -3.68
N ARG B 117 7.87 82.48 -2.77
CA ARG B 117 7.63 83.90 -2.64
C ARG B 117 8.92 84.66 -2.89
N TYR B 118 8.85 85.68 -3.74
CA TYR B 118 9.99 86.51 -4.09
C TYR B 118 9.77 87.91 -3.54
N ASP B 119 10.63 88.33 -2.62
CA ASP B 119 10.53 89.65 -2.00
C ASP B 119 11.44 90.61 -2.77
N TYR B 120 10.87 91.32 -3.74
CA TYR B 120 11.64 92.27 -4.53
C TYR B 120 11.98 93.52 -3.75
N TYR B 121 11.10 93.95 -2.85
CA TYR B 121 11.32 95.15 -2.04
C TYR B 121 12.09 94.87 -0.76
N GLY B 122 12.48 93.61 -0.57
CA GLY B 122 13.35 93.26 0.57
C GLY B 122 14.57 92.59 -0.04
N SER B 123 15.41 91.95 0.76
CA SER B 123 16.52 91.20 0.11
C SER B 123 15.88 90.29 -0.95
N SER B 124 16.38 90.33 -2.19
CA SER B 124 15.77 89.51 -3.27
C SER B 124 16.11 88.04 -3.02
N TYR B 125 15.22 87.31 -2.36
CA TYR B 125 15.57 85.90 -2.01
C TYR B 125 14.32 85.03 -1.99
N PHE B 126 14.47 83.82 -1.46
CA PHE B 126 13.36 82.88 -1.37
C PHE B 126 13.02 82.62 0.09
N ASP B 127 11.75 82.32 0.35
CA ASP B 127 11.28 82.07 1.70
C ASP B 127 10.81 80.65 1.96
N TYR B 128 9.53 80.34 1.80
CA TYR B 128 9.02 79.01 2.06
C TYR B 128 8.78 78.42 0.67
N TRP B 129 8.54 77.11 0.64
CA TRP B 129 8.30 76.40 -0.62
C TRP B 129 7.11 75.48 -0.49
N GLY B 130 6.91 74.61 -1.48
CA GLY B 130 5.81 73.67 -1.49
C GLY B 130 6.21 72.33 -0.91
N GLN B 131 5.33 71.34 -1.14
CA GLN B 131 5.56 69.99 -0.67
C GLN B 131 5.61 68.93 -1.76
N GLY B 132 5.14 69.25 -2.96
CA GLY B 132 5.17 68.29 -4.05
C GLY B 132 3.90 68.27 -4.88
N THR B 133 4.03 68.08 -6.19
CA THR B 133 2.89 68.03 -7.10
C THR B 133 3.19 66.97 -8.17
N THR B 134 2.64 65.79 -7.98
CA THR B 134 2.87 64.69 -8.92
C THR B 134 2.07 64.94 -10.20
N LEU B 135 2.77 65.01 -11.33
CA LEU B 135 2.14 65.24 -12.63
C LEU B 135 2.89 64.43 -13.67
N THR B 136 2.27 63.34 -14.13
CA THR B 136 2.87 62.46 -15.12
C THR B 136 1.95 62.46 -16.36
N VAL B 137 2.45 63.04 -17.44
CA VAL B 137 1.69 63.12 -18.70
C VAL B 137 1.93 61.82 -19.46
N SER B 138 0.90 60.98 -19.54
CA SER B 138 1.00 59.70 -20.24
C SER B 138 -0.29 59.48 -21.04
N SER B 139 -0.14 58.86 -22.21
CA SER B 139 -1.27 58.60 -23.08
C SER B 139 -2.12 57.43 -22.60
N GLU B 140 -1.65 56.65 -21.64
CA GLU B 140 -2.40 55.52 -21.12
C GLU B 140 -3.49 56.00 -20.17
N SER B 141 -4.38 55.08 -19.79
CA SER B 141 -5.47 55.36 -18.89
C SER B 141 -5.11 54.92 -17.48
N GLN B 142 -6.08 54.96 -16.58
CA GLN B 142 -5.89 54.56 -15.19
C GLN B 142 -6.15 53.08 -15.04
N SER B 143 -5.13 52.33 -14.63
CA SER B 143 -5.23 50.89 -14.44
C SER B 143 -5.12 50.54 -12.97
N PHE B 144 -5.65 49.38 -12.62
CA PHE B 144 -5.62 48.92 -11.24
C PHE B 144 -4.25 48.34 -10.91
N PRO B 145 -3.60 48.79 -9.84
CA PRO B 145 -2.27 48.27 -9.50
C PRO B 145 -2.35 46.84 -8.99
N ASN B 146 -1.56 45.96 -9.60
CA ASN B 146 -1.53 44.56 -9.22
C ASN B 146 -0.49 44.34 -8.12
N VAL B 147 -0.80 43.43 -7.20
CA VAL B 147 0.08 43.11 -6.08
C VAL B 147 0.68 41.74 -6.30
N PHE B 148 1.92 41.56 -5.81
CA PHE B 148 2.62 40.30 -5.93
C PHE B 148 3.45 40.04 -4.68
N PRO B 149 3.16 38.98 -3.92
CA PRO B 149 3.93 38.71 -2.71
C PRO B 149 5.32 38.19 -3.05
N LEU B 150 6.31 38.67 -2.30
CA LEU B 150 7.71 38.28 -2.48
C LEU B 150 8.24 37.77 -1.14
N VAL B 151 8.38 36.45 -1.03
CA VAL B 151 8.86 35.81 0.18
C VAL B 151 10.20 35.14 -0.14
N SER B 152 11.21 35.42 0.68
CA SER B 152 12.52 34.82 0.47
C SER B 152 12.50 33.34 0.81
N CYS B 153 13.38 32.59 0.15
CA CYS B 153 13.48 31.14 0.33
C CYS B 153 14.49 30.76 1.41
N GLU B 154 14.92 31.71 2.24
CA GLU B 154 15.88 31.45 3.30
C GLU B 154 15.13 30.94 4.53
N SER B 155 15.35 29.69 4.89
CA SER B 155 14.69 29.10 6.04
C SER B 155 15.41 29.52 7.32
N PRO B 156 14.68 29.97 8.34
CA PRO B 156 15.34 30.36 9.60
C PRO B 156 16.01 29.18 10.30
N LEU B 157 17.33 29.17 10.33
CA LEU B 157 18.06 28.09 10.98
C LEU B 157 18.25 28.34 12.47
N SER B 158 18.28 29.59 12.89
CA SER B 158 18.45 29.94 14.30
C SER B 158 17.70 31.24 14.56
N ASP B 159 17.97 31.84 15.71
CA ASP B 159 17.33 33.10 16.08
C ASP B 159 17.95 34.30 15.41
N LYS B 160 19.17 34.18 14.89
CA LYS B 160 19.82 35.30 14.23
C LYS B 160 19.28 35.54 12.83
N ASN B 161 18.83 34.48 12.15
CA ASN B 161 18.29 34.61 10.81
C ASN B 161 16.89 35.22 10.85
N LEU B 162 16.68 36.28 10.09
CA LEU B 162 15.41 36.97 10.03
C LEU B 162 14.70 36.69 8.71
N VAL B 163 13.40 36.94 8.70
CA VAL B 163 12.55 36.71 7.53
C VAL B 163 12.23 38.07 6.91
N ALA B 164 12.47 38.19 5.61
CA ALA B 164 12.22 39.42 4.87
C ALA B 164 11.17 39.14 3.79
N MET B 165 10.03 39.81 3.90
CA MET B 165 8.94 39.67 2.95
C MET B 165 8.48 41.04 2.49
N GLY B 166 7.67 41.04 1.43
CA GLY B 166 7.16 42.29 0.90
C GLY B 166 6.25 42.11 -0.30
N CYS B 167 5.33 43.07 -0.46
CA CYS B 167 4.34 43.05 -1.57
C CYS B 167 4.84 43.97 -2.68
N LEU B 168 4.93 43.45 -3.91
CA LEU B 168 5.40 44.23 -5.04
C LEU B 168 4.23 44.89 -5.76
N ALA B 169 4.36 46.19 -6.03
CA ALA B 169 3.31 46.89 -6.82
C ALA B 169 3.78 46.96 -8.28
N ARG B 170 3.15 46.18 -9.17
CA ARG B 170 3.63 46.11 -10.58
C ARG B 170 3.44 47.44 -11.31
N ASP B 171 2.23 48.01 -11.28
CA ASP B 171 1.98 49.25 -12.06
C ASP B 171 1.09 50.20 -11.26
N PHE B 172 1.35 51.51 -11.34
CA PHE B 172 0.52 52.51 -10.64
C PHE B 172 0.78 53.89 -11.24
N LEU B 173 -0.28 54.62 -11.57
CA LEU B 173 -0.13 55.98 -12.16
C LEU B 173 0.35 56.95 -11.08
N PRO B 174 -0.34 57.09 -9.92
CA PRO B 174 0.05 58.07 -8.91
C PRO B 174 1.23 57.53 -8.07
N SER B 175 2.43 58.10 -8.29
CA SER B 175 3.63 57.66 -7.55
C SER B 175 3.31 57.60 -6.05
N THR B 176 2.26 58.30 -5.61
CA THR B 176 1.93 58.34 -4.19
C THR B 176 1.15 57.07 -3.85
N ILE B 177 1.83 56.12 -3.21
CA ILE B 177 1.23 54.85 -2.83
C ILE B 177 1.80 54.43 -1.47
N SER B 178 0.91 54.04 -0.56
CA SER B 178 1.30 53.61 0.78
C SER B 178 1.18 52.10 0.89
N PHE B 179 1.81 51.56 1.94
CA PHE B 179 1.82 50.13 2.20
C PHE B 179 1.55 49.90 3.68
N THR B 180 0.45 49.20 3.98
CA THR B 180 0.07 48.89 5.36
C THR B 180 0.11 47.39 5.57
N TRP B 181 0.68 46.98 6.70
CA TRP B 181 0.82 45.57 7.05
C TRP B 181 0.03 45.30 8.34
N ASN B 182 -1.05 44.53 8.22
CA ASN B 182 -1.84 44.16 9.43
C ASN B 182 -1.59 42.67 9.72
N TYR B 183 -1.62 42.31 11.01
CA TYR B 183 -1.36 40.89 11.41
C TYR B 183 -2.64 40.08 11.22
N GLN B 184 -2.70 38.88 11.80
CA GLN B 184 -3.94 38.07 11.73
C GLN B 184 -5.12 38.97 12.13
N ASN B 185 -4.88 39.95 13.00
CA ASN B 185 -5.96 40.89 13.41
C ASN B 185 -5.65 42.27 12.81
N ASN B 186 -6.55 43.24 13.00
CA ASN B 186 -6.36 44.59 12.42
C ASN B 186 -5.41 45.41 13.30
N THR B 187 -4.11 45.13 13.22
CA THR B 187 -3.10 45.88 14.01
C THR B 187 -2.00 46.38 13.06
N GLU B 188 -1.62 47.66 13.16
CA GLU B 188 -0.65 48.20 12.22
C GLU B 188 0.76 48.12 12.80
N VAL B 189 1.71 47.75 11.96
CA VAL B 189 3.10 47.63 12.38
C VAL B 189 3.66 49.03 12.64
N ILE B 190 4.28 49.22 13.80
CA ILE B 190 4.84 50.51 14.17
C ILE B 190 6.31 50.59 13.78
N GLN B 191 7.08 49.54 14.06
CA GLN B 191 8.51 49.53 13.76
C GLN B 191 8.81 49.22 12.30
N GLY B 192 7.80 49.07 11.45
CA GLY B 192 8.01 48.77 10.05
C GLY B 192 7.53 49.87 9.13
N ILE B 193 8.35 50.90 8.93
CA ILE B 193 8.02 52.02 8.07
C ILE B 193 9.09 52.05 6.97
N ARG B 194 8.83 51.34 5.87
CA ARG B 194 9.75 51.30 4.74
C ARG B 194 8.95 51.46 3.46
N THR B 195 9.30 52.45 2.65
CA THR B 195 8.61 52.70 1.39
C THR B 195 9.64 53.16 0.37
N PHE B 196 9.96 52.28 -0.58
CA PHE B 196 10.94 52.61 -1.60
C PHE B 196 10.30 53.50 -2.67
N PRO B 197 11.04 54.46 -3.23
CA PRO B 197 10.47 55.31 -4.26
C PRO B 197 10.17 54.53 -5.54
N THR B 198 9.35 55.14 -6.39
CA THR B 198 8.96 54.51 -7.64
C THR B 198 10.10 54.58 -8.65
N LEU B 199 9.94 53.82 -9.74
CA LEU B 199 10.93 53.74 -10.80
C LEU B 199 10.22 53.71 -12.13
N ARG B 200 10.55 54.66 -13.02
CA ARG B 200 9.93 54.73 -14.34
C ARG B 200 10.62 53.75 -15.27
N THR B 201 9.96 52.63 -15.56
CA THR B 201 10.51 51.62 -16.44
C THR B 201 9.76 51.59 -17.76
N GLY B 202 9.60 52.74 -18.39
CA GLY B 202 8.87 52.84 -19.65
C GLY B 202 7.36 52.93 -19.52
N GLY B 203 6.75 51.96 -18.85
CA GLY B 203 5.32 51.98 -18.65
C GLY B 203 4.92 51.95 -17.18
N LYS B 204 4.17 52.96 -16.76
CA LYS B 204 3.71 53.11 -15.37
C LYS B 204 4.95 53.19 -14.47
N TYR B 205 4.92 52.63 -13.27
CA TYR B 205 6.05 52.66 -12.36
C TYR B 205 6.20 51.27 -11.73
N LEU B 206 7.18 51.14 -10.84
CA LEU B 206 7.46 49.87 -10.18
C LEU B 206 8.12 50.16 -8.84
N ALA B 207 7.43 49.83 -7.75
CA ALA B 207 7.95 50.06 -6.40
C ALA B 207 7.58 48.88 -5.52
N THR B 208 8.31 48.74 -4.41
CA THR B 208 8.09 47.66 -3.46
C THR B 208 8.26 48.20 -2.05
N SER B 209 8.03 47.34 -1.07
CA SER B 209 8.16 47.72 0.34
C SER B 209 8.40 46.46 1.15
N GLN B 210 9.57 46.37 1.78
CA GLN B 210 9.95 45.22 2.57
C GLN B 210 9.75 45.50 4.06
N VAL B 211 9.51 44.44 4.81
CA VAL B 211 9.32 44.51 6.26
C VAL B 211 10.24 43.50 6.91
N LEU B 212 11.09 43.96 7.82
CA LEU B 212 12.04 43.10 8.52
C LEU B 212 11.50 42.82 9.92
N LEU B 213 11.14 41.55 10.18
CA LEU B 213 10.61 41.13 11.45
C LEU B 213 11.60 40.18 12.14
N SER B 214 11.10 39.36 13.06
CA SER B 214 11.92 38.41 13.80
C SER B 214 11.11 37.15 14.06
N PRO B 215 11.76 35.97 14.04
CA PRO B 215 11.02 34.73 14.29
C PRO B 215 10.47 34.63 15.71
N LYS B 216 10.99 35.41 16.66
CA LYS B 216 10.50 35.35 18.03
C LYS B 216 9.09 35.93 18.17
N SER B 217 8.69 36.81 17.26
CA SER B 217 7.37 37.42 17.30
C SER B 217 6.41 36.82 16.27
N ILE B 218 6.77 35.69 15.66
CA ILE B 218 5.95 35.02 14.66
C ILE B 218 5.55 33.62 15.11
N LEU B 219 6.51 32.83 15.60
CA LEU B 219 6.20 31.48 16.05
C LEU B 219 5.43 31.48 17.36
N GLU B 220 5.60 32.52 18.18
CA GLU B 220 4.91 32.62 19.45
C GLU B 220 3.50 33.18 19.32
N GLY B 221 3.08 33.59 18.13
CA GLY B 221 1.76 34.14 17.91
C GLY B 221 0.98 33.32 16.90
N SER B 222 -0.30 33.67 16.75
CA SER B 222 -1.21 33.00 15.83
C SER B 222 -1.25 33.66 14.46
N ASP B 223 -0.36 34.62 14.20
CA ASP B 223 -0.32 35.31 12.91
C ASP B 223 0.35 34.39 11.89
N GLU B 224 -0.48 33.64 11.17
CA GLU B 224 0.04 32.72 10.16
C GLU B 224 0.35 33.39 8.83
N TYR B 225 -0.27 34.53 8.55
CA TYR B 225 -0.04 35.25 7.31
C TYR B 225 -0.30 36.73 7.52
N LEU B 226 0.38 37.56 6.74
CA LEU B 226 0.24 39.01 6.80
C LEU B 226 -0.64 39.51 5.67
N VAL B 227 -1.07 40.77 5.75
CA VAL B 227 -1.83 41.35 4.61
C VAL B 227 -1.26 42.72 4.22
N CYS B 228 -0.63 42.83 3.03
CA CYS B 228 -0.14 44.15 2.55
C CYS B 228 -1.25 44.81 1.73
N LYS B 229 -1.80 45.93 2.23
CA LYS B 229 -2.94 46.60 1.53
C LYS B 229 -2.43 47.90 0.89
N ILE B 230 -3.17 48.41 -0.12
CA ILE B 230 -2.73 49.62 -0.80
C ILE B 230 -3.93 50.56 -0.88
N HIS B 231 -3.75 51.78 -0.36
CA HIS B 231 -4.81 52.78 -0.38
C HIS B 231 -4.76 53.55 -1.71
N TYR B 232 -5.16 52.85 -2.77
CA TYR B 232 -5.18 53.42 -4.12
C TYR B 232 -6.56 54.00 -4.36
N GLY B 233 -6.73 55.28 -4.05
CA GLY B 233 -8.00 55.94 -4.24
C GLY B 233 -9.10 55.49 -3.32
N GLY B 234 -8.76 54.90 -2.18
CA GLY B 234 -9.73 54.43 -1.21
C GLY B 234 -10.08 52.96 -1.34
N LYS B 235 -9.63 52.29 -2.40
CA LYS B 235 -9.90 50.88 -2.62
C LYS B 235 -8.72 50.06 -2.10
N ASN B 236 -8.93 49.34 -1.01
CA ASN B 236 -7.88 48.51 -0.40
C ASN B 236 -8.01 47.08 -0.89
N ARG B 237 -6.88 46.48 -1.25
CA ARG B 237 -6.83 45.11 -1.74
C ARG B 237 -6.09 44.24 -0.73
N ASP B 238 -6.71 43.13 -0.33
CA ASP B 238 -6.13 42.21 0.63
C ASP B 238 -5.21 41.24 -0.08
N LEU B 239 -4.02 41.01 0.49
CA LEU B 239 -3.04 40.09 -0.07
C LEU B 239 -2.51 39.22 1.06
N HIS B 240 -2.87 37.93 1.04
CA HIS B 240 -2.43 36.99 2.07
C HIS B 240 -1.01 36.55 1.76
N VAL B 241 -0.06 37.05 2.52
CA VAL B 241 1.36 36.71 2.35
C VAL B 241 1.71 35.62 3.37
N PRO B 242 1.94 34.39 2.95
CA PRO B 242 2.26 33.33 3.92
C PRO B 242 3.65 33.50 4.50
N ILE B 243 3.85 32.89 5.66
CA ILE B 243 5.11 32.94 6.39
C ILE B 243 5.67 31.52 6.45
N PRO B 244 6.89 31.28 5.99
CA PRO B 244 7.46 29.93 6.05
C PRO B 244 7.69 29.49 7.48
N ALA B 245 7.71 28.17 7.66
CA ALA B 245 7.92 27.57 8.97
C ALA B 245 9.10 26.61 8.88
N VAL B 246 9.25 25.76 9.90
CA VAL B 246 10.34 24.80 9.95
C VAL B 246 9.78 23.40 9.76
N ALA B 247 10.64 22.39 9.80
CA ALA B 247 10.22 21.01 9.62
C ALA B 247 10.53 20.07 10.78
N GLU B 248 11.63 19.31 10.66
CA GLU B 248 12.06 18.35 11.68
C GLU B 248 10.90 17.56 12.30
N MET B 249 10.25 16.75 11.47
CA MET B 249 9.13 15.93 11.91
C MET B 249 9.02 14.73 10.99
N ASN B 250 8.91 13.54 11.59
CA ASN B 250 8.80 12.30 10.81
C ASN B 250 7.34 12.00 10.55
N PRO B 251 7.00 11.58 9.30
CA PRO B 251 5.63 11.25 8.93
C PRO B 251 5.16 9.92 9.52
N ASN B 252 3.85 9.73 9.57
CA ASN B 252 3.25 8.51 10.09
C ASN B 252 2.61 7.76 8.92
N VAL B 253 3.40 6.94 8.24
CA VAL B 253 2.92 6.18 7.09
C VAL B 253 2.15 4.97 7.59
N ASN B 254 0.87 4.88 7.25
CA ASN B 254 0.01 3.78 7.65
C ASN B 254 -0.65 3.20 6.40
N VAL B 255 -0.20 2.02 5.99
CA VAL B 255 -0.73 1.34 4.81
C VAL B 255 -1.72 0.28 5.25
N PHE B 256 -2.93 0.36 4.67
CA PHE B 256 -3.99 -0.60 5.05
C PHE B 256 -4.18 -1.63 3.95
N VAL B 257 -4.72 -2.79 4.29
CA VAL B 257 -4.94 -3.89 3.36
C VAL B 257 -6.43 -4.10 3.18
N PRO B 258 -6.88 -4.57 2.01
CA PRO B 258 -8.32 -4.80 1.83
C PRO B 258 -8.75 -6.05 2.57
N PRO B 259 -9.99 -6.07 3.05
CA PRO B 259 -10.48 -7.25 3.78
C PRO B 259 -10.76 -8.41 2.82
N ARG B 260 -11.00 -9.58 3.42
CA ARG B 260 -11.28 -10.77 2.64
C ARG B 260 -12.72 -10.83 2.14
N ASP B 261 -13.61 -10.02 2.72
CA ASP B 261 -15.02 -9.99 2.32
C ASP B 261 -15.44 -8.67 1.70
N GLY B 262 -14.51 -7.72 1.52
CA GLY B 262 -14.85 -6.44 0.95
C GLY B 262 -14.97 -6.42 -0.56
N PHE B 263 -14.54 -7.50 -1.22
CA PHE B 263 -14.56 -7.55 -2.71
C PHE B 263 -15.98 -7.17 -3.12
N SER B 264 -16.12 -6.01 -3.78
CA SER B 264 -17.46 -5.57 -4.26
C SER B 264 -17.77 -6.43 -5.48
N GLY B 265 -18.97 -7.00 -5.55
CA GLY B 265 -19.36 -7.89 -6.67
C GLY B 265 -19.26 -9.35 -6.27
N PRO B 266 -20.11 -10.26 -6.82
CA PRO B 266 -20.11 -11.66 -6.41
C PRO B 266 -18.70 -12.25 -6.57
N ALA B 267 -18.06 -12.01 -7.73
CA ALA B 267 -16.68 -12.49 -7.95
C ALA B 267 -15.72 -11.61 -7.13
N PRO B 268 -14.56 -12.11 -6.66
CA PRO B 268 -13.67 -11.29 -5.83
C PRO B 268 -13.16 -10.08 -6.63
N ARG B 269 -13.80 -8.92 -6.45
CA ARG B 269 -13.40 -7.70 -7.19
C ARG B 269 -13.30 -6.52 -6.22
N LYS B 270 -12.14 -5.86 -6.17
CA LYS B 270 -11.96 -4.68 -5.27
C LYS B 270 -10.69 -3.93 -5.65
N SER B 271 -10.65 -2.60 -5.45
CA SER B 271 -9.48 -1.81 -5.89
C SER B 271 -9.32 -0.55 -5.04
N LYS B 272 -9.36 -0.68 -3.71
CA LYS B 272 -9.29 0.53 -2.85
C LYS B 272 -8.36 0.27 -1.66
N LEU B 273 -7.46 1.24 -1.38
CA LEU B 273 -6.52 1.13 -0.23
C LEU B 273 -6.27 2.56 0.27
N ILE B 274 -5.67 2.70 1.47
CA ILE B 274 -5.49 4.04 2.08
C ILE B 274 -4.10 4.14 2.71
N CYS B 275 -3.08 4.55 1.94
CA CYS B 275 -1.79 4.75 2.58
C CYS B 275 -2.09 6.09 3.24
N GLU B 276 -2.23 6.09 4.56
CA GLU B 276 -2.52 7.30 5.32
C GLU B 276 -1.18 7.80 5.84
N ALA B 277 -0.89 9.08 5.61
CA ALA B 277 0.33 9.71 6.15
C ALA B 277 -0.04 11.15 6.54
N THR B 278 0.03 11.50 7.84
CA THR B 278 -0.45 12.84 8.27
C THR B 278 0.69 13.74 8.75
N ASN B 279 1.84 13.17 9.13
CA ASN B 279 2.93 14.00 9.71
C ASN B 279 3.77 14.60 8.56
N PHE B 280 3.25 15.60 7.87
CA PHE B 280 3.95 16.21 6.70
C PHE B 280 3.79 17.73 6.76
N THR B 281 4.72 18.42 7.42
CA THR B 281 4.62 19.89 7.56
C THR B 281 4.61 20.56 6.18
N PRO B 282 5.56 20.26 5.27
CA PRO B 282 5.54 20.81 3.91
C PRO B 282 4.35 20.25 3.12
N LYS B 283 3.41 21.11 2.73
CA LYS B 283 2.22 20.63 2.01
C LYS B 283 2.59 19.80 0.78
N PRO B 284 3.50 20.23 -0.11
CA PRO B 284 3.86 19.36 -1.25
C PRO B 284 4.53 18.07 -0.82
N ILE B 285 3.76 16.98 -0.79
CA ILE B 285 4.27 15.67 -0.40
C ILE B 285 4.17 14.75 -1.61
N THR B 286 5.25 14.01 -1.88
CA THR B 286 5.33 13.10 -3.01
C THR B 286 4.97 11.69 -2.53
N VAL B 287 3.84 11.18 -2.99
CA VAL B 287 3.37 9.85 -2.65
C VAL B 287 3.26 9.04 -3.94
N SER B 288 3.96 7.92 -4.00
CA SER B 288 3.96 7.05 -5.16
C SER B 288 3.75 5.61 -4.72
N TRP B 289 3.54 4.74 -5.70
CA TRP B 289 3.31 3.31 -5.46
C TRP B 289 4.30 2.51 -6.30
N LEU B 290 4.94 1.53 -5.67
CA LEU B 290 5.91 0.65 -6.34
C LEU B 290 5.37 -0.77 -6.31
N LYS B 291 4.89 -1.25 -7.45
CA LYS B 291 4.35 -2.61 -7.56
C LYS B 291 5.50 -3.56 -7.89
N ASP B 292 6.01 -4.24 -6.87
CA ASP B 292 7.13 -5.19 -7.02
C ASP B 292 8.34 -4.52 -7.65
N GLY B 293 8.66 -3.30 -7.20
CA GLY B 293 9.77 -2.54 -7.70
C GLY B 293 9.46 -1.62 -8.85
N LYS B 294 8.46 -1.96 -9.66
CA LYS B 294 8.09 -1.13 -10.80
C LYS B 294 7.21 0.03 -10.34
N LEU B 295 7.55 1.23 -10.78
CA LEU B 295 6.79 2.42 -10.41
C LEU B 295 5.50 2.49 -11.21
N VAL B 296 4.40 2.74 -10.53
CA VAL B 296 3.09 2.83 -11.17
C VAL B 296 2.99 4.18 -11.88
N GLU B 297 2.70 4.14 -13.18
CA GLU B 297 2.58 5.38 -13.95
C GLU B 297 1.28 6.10 -13.64
N SER B 298 0.16 5.45 -13.91
CA SER B 298 -1.16 6.04 -13.65
C SER B 298 -2.07 4.98 -13.05
N GLY B 299 -3.19 5.45 -12.50
CA GLY B 299 -4.15 4.55 -11.88
C GLY B 299 -4.32 4.78 -10.39
N PHE B 300 -3.92 5.97 -9.92
CA PHE B 300 -4.03 6.32 -8.52
C PHE B 300 -4.59 7.74 -8.39
N THR B 301 -5.36 7.95 -7.33
CA THR B 301 -5.99 9.23 -7.05
C THR B 301 -5.41 9.80 -5.76
N THR B 302 -5.01 11.07 -5.80
CA THR B 302 -4.43 11.75 -4.65
C THR B 302 -5.45 12.74 -4.10
N ASP B 303 -5.82 12.56 -2.83
CA ASP B 303 -6.77 13.45 -2.20
C ASP B 303 -6.12 14.78 -1.84
N PRO B 304 -6.88 15.88 -1.89
CA PRO B 304 -6.31 17.19 -1.54
C PRO B 304 -5.88 17.23 -0.08
N VAL B 305 -4.91 18.10 0.21
CA VAL B 305 -4.41 18.24 1.56
C VAL B 305 -5.42 19.01 2.40
N THR B 306 -5.87 18.40 3.49
CA THR B 306 -6.84 19.00 4.40
C THR B 306 -6.18 19.26 5.74
N ILE B 307 -7.00 19.70 6.71
CA ILE B 307 -6.54 20.02 8.05
C ILE B 307 -6.95 18.88 8.97
N GLU B 308 -5.97 18.32 9.69
CA GLU B 308 -6.25 17.21 10.60
C GLU B 308 -6.86 17.71 11.91
N ASN B 309 -6.04 18.38 12.73
CA ASN B 309 -6.48 18.92 14.01
C ASN B 309 -6.50 20.44 13.97
N LYS B 310 -7.41 21.03 14.73
CA LYS B 310 -7.55 22.47 14.81
C LYS B 310 -7.47 22.92 16.26
N GLY B 311 -6.89 24.09 16.48
CA GLY B 311 -6.74 24.65 17.82
C GLY B 311 -5.48 24.23 18.54
N SER B 312 -4.75 23.24 18.04
CA SER B 312 -3.53 22.78 18.69
C SER B 312 -2.36 23.70 18.33
N THR B 313 -1.23 23.48 19.02
CA THR B 313 -0.04 24.29 18.74
C THR B 313 0.65 23.87 17.45
N PRO B 314 0.97 22.59 17.22
CA PRO B 314 1.63 22.24 15.95
C PRO B 314 0.66 22.27 14.79
N GLN B 315 1.19 22.51 13.60
CA GLN B 315 0.41 22.57 12.36
C GLN B 315 0.59 21.26 11.62
N THR B 316 -0.42 20.38 11.72
CA THR B 316 -0.39 19.09 11.06
C THR B 316 -1.52 19.00 10.04
N TYR B 317 -1.29 18.22 8.99
CA TYR B 317 -2.27 18.03 7.93
C TYR B 317 -2.58 16.54 7.79
N LYS B 318 -3.23 16.18 6.69
CA LYS B 318 -3.62 14.80 6.45
C LYS B 318 -3.80 14.60 4.95
N VAL B 319 -3.22 13.52 4.41
CA VAL B 319 -3.31 13.20 3.00
C VAL B 319 -3.46 11.68 2.87
N ILE B 320 -4.43 11.27 2.04
CA ILE B 320 -4.70 9.83 1.83
C ILE B 320 -4.63 9.51 0.33
N SER B 321 -3.79 8.57 -0.06
CA SER B 321 -3.63 8.17 -1.45
C SER B 321 -4.41 6.87 -1.69
N THR B 322 -5.15 6.82 -2.79
CA THR B 322 -5.97 5.67 -3.15
C THR B 322 -5.45 5.08 -4.44
N LEU B 323 -5.14 3.78 -4.44
CA LEU B 323 -4.65 3.07 -5.61
C LEU B 323 -5.68 2.03 -6.03
N THR B 324 -6.01 2.01 -7.32
CA THR B 324 -6.99 1.09 -7.88
C THR B 324 -6.25 -0.08 -8.53
N ILE B 325 -6.38 -1.27 -7.93
CA ILE B 325 -5.75 -2.47 -8.45
C ILE B 325 -6.82 -3.52 -8.74
N SER B 326 -6.40 -4.76 -8.97
CA SER B 326 -7.30 -5.85 -9.25
C SER B 326 -7.07 -6.99 -8.27
N GLU B 327 -7.99 -7.96 -8.29
CA GLU B 327 -7.89 -9.10 -7.39
C GLU B 327 -6.87 -10.13 -7.89
N ILE B 328 -6.74 -10.27 -9.21
CA ILE B 328 -5.80 -11.24 -9.75
C ILE B 328 -4.36 -10.82 -9.46
N ASP B 329 -4.08 -9.52 -9.41
CA ASP B 329 -2.75 -9.03 -9.11
C ASP B 329 -2.44 -9.02 -7.62
N TRP B 330 -3.41 -9.36 -6.77
CA TRP B 330 -3.20 -9.39 -5.32
C TRP B 330 -2.89 -10.79 -4.80
N LEU B 331 -3.45 -11.84 -5.41
CA LEU B 331 -3.21 -13.20 -4.98
C LEU B 331 -1.90 -13.78 -5.49
N ASN B 332 -1.16 -13.02 -6.30
CA ASN B 332 0.12 -13.48 -6.84
C ASN B 332 1.31 -13.10 -5.96
N LEU B 333 1.06 -12.80 -4.68
CA LEU B 333 2.10 -12.42 -3.73
C LEU B 333 2.88 -11.21 -4.21
N ASN B 334 2.16 -10.11 -4.39
CA ASN B 334 2.73 -8.84 -4.84
C ASN B 334 2.83 -7.91 -3.64
N VAL B 335 4.06 -7.64 -3.20
CA VAL B 335 4.31 -6.78 -2.05
C VAL B 335 4.42 -5.34 -2.55
N TYR B 336 3.44 -4.52 -2.17
CA TYR B 336 3.42 -3.13 -2.57
C TYR B 336 4.23 -2.28 -1.58
N THR B 337 4.57 -1.07 -2.00
CA THR B 337 5.35 -0.15 -1.18
C THR B 337 4.86 1.27 -1.42
N CYS B 338 4.45 1.93 -0.34
CA CYS B 338 3.97 3.32 -0.40
C CYS B 338 5.16 4.23 -0.13
N ARG B 339 5.81 4.66 -1.21
CA ARG B 339 6.97 5.54 -1.08
C ARG B 339 6.51 6.96 -0.75
N VAL B 340 7.01 7.50 0.37
CA VAL B 340 6.68 8.83 0.82
C VAL B 340 7.97 9.64 0.90
N ASP B 341 8.02 10.74 0.17
CA ASP B 341 9.19 11.62 0.15
C ASP B 341 8.91 12.84 1.02
N HIS B 342 9.75 13.07 2.03
CA HIS B 342 9.60 14.20 2.94
C HIS B 342 10.97 14.82 3.16
N ARG B 343 11.21 15.98 2.54
CA ARG B 343 12.47 16.70 2.66
C ARG B 343 13.66 15.83 2.24
N GLY B 344 13.48 15.08 1.15
CA GLY B 344 14.51 14.22 0.63
C GLY B 344 14.56 12.83 1.23
N LEU B 345 14.00 12.65 2.42
CA LEU B 345 14.00 11.34 3.07
C LEU B 345 12.96 10.44 2.43
N THR B 346 13.35 9.22 2.11
CA THR B 346 12.47 8.24 1.48
C THR B 346 12.02 7.23 2.54
N PHE B 347 10.72 7.21 2.82
CA PHE B 347 10.14 6.31 3.80
C PHE B 347 9.42 5.19 3.08
N LEU B 348 9.85 3.95 3.31
CA LEU B 348 9.27 2.78 2.68
C LEU B 348 8.45 1.99 3.70
N LYS B 349 7.50 1.21 3.17
CA LYS B 349 6.63 0.40 4.01
C LYS B 349 6.16 -0.80 3.20
N ASN B 350 6.52 -1.99 3.65
CA ASN B 350 6.15 -3.23 2.99
C ASN B 350 5.08 -3.97 3.79
N VAL B 351 4.06 -4.46 3.10
CA VAL B 351 2.97 -5.18 3.74
C VAL B 351 2.98 -6.63 3.28
N SER B 352 2.01 -7.42 3.73
CA SER B 352 1.89 -8.83 3.38
C SER B 352 0.60 -9.02 2.59
N SER B 353 0.73 -9.40 1.32
CA SER B 353 -0.47 -9.54 0.43
C SER B 353 -1.11 -10.92 0.60
N THR B 354 -0.87 -11.59 1.73
CA THR B 354 -1.51 -12.91 1.99
C THR B 354 -3.00 -12.69 2.22
N CYS B 355 -3.85 -13.51 1.58
CA CYS B 355 -5.32 -13.35 1.71
C CYS B 355 -5.95 -14.68 2.13
N ALA B 356 -5.40 -15.32 3.17
CA ALA B 356 -5.91 -16.64 3.59
C ALA B 356 -6.34 -16.59 5.06
N ALA B 357 -7.61 -16.91 5.35
CA ALA B 357 -8.10 -16.92 6.75
C ALA B 357 -7.46 -18.08 7.52
N SER B 358 -7.44 -18.00 8.84
CA SER B 358 -6.87 -19.08 9.68
C SER B 358 -7.87 -19.49 10.76
N PRO B 359 -8.99 -20.15 10.41
CA PRO B 359 -9.98 -20.61 11.39
C PRO B 359 -9.63 -22.01 11.92
N SER B 360 -8.61 -22.65 11.34
CA SER B 360 -8.23 -24.03 11.75
C SER B 360 -7.33 -23.97 12.98
N THR B 361 -7.83 -24.45 14.14
CA THR B 361 -7.01 -24.44 15.38
C THR B 361 -7.67 -25.37 16.42
N ASP B 362 -7.16 -26.60 16.56
CA ASP B 362 -7.70 -27.55 17.56
C ASP B 362 -6.91 -27.44 18.86
N ILE B 363 -7.21 -28.30 19.84
CA ILE B 363 -6.52 -28.25 21.16
C ILE B 363 -6.09 -29.67 21.55
N LEU B 364 -4.85 -30.03 21.17
CA LEU B 364 -4.31 -31.39 21.41
C LEU B 364 -2.82 -31.33 21.04
N THR B 365 -1.94 -31.32 22.05
CA THR B 365 -0.47 -31.17 21.85
C THR B 365 0.12 -32.43 22.46
N PHE B 366 1.11 -33.01 21.77
CA PHE B 366 1.67 -34.30 22.23
C PHE B 366 3.15 -34.16 22.59
N THR B 367 3.61 -34.99 23.53
CA THR B 367 5.01 -35.00 23.94
C THR B 367 5.64 -36.33 23.53
N ILE B 368 6.75 -36.26 22.81
CA ILE B 368 7.36 -37.41 22.17
C ILE B 368 8.75 -37.64 22.77
N PRO B 369 9.02 -38.82 23.36
CA PRO B 369 10.37 -39.11 23.81
C PRO B 369 11.30 -39.29 22.62
N PRO B 370 12.60 -39.03 22.80
CA PRO B 370 13.54 -39.26 21.70
C PRO B 370 13.75 -40.74 21.42
N SER B 371 14.19 -41.03 20.20
CA SER B 371 14.42 -42.40 19.78
C SER B 371 15.69 -42.95 20.41
N PHE B 372 15.81 -44.28 20.41
CA PHE B 372 16.97 -44.95 20.98
C PHE B 372 18.26 -44.61 20.22
N ALA B 373 18.17 -44.50 18.90
CA ALA B 373 19.36 -44.24 18.09
C ALA B 373 20.02 -42.92 18.49
N ASP B 374 19.24 -41.84 18.52
CA ASP B 374 19.79 -40.55 18.92
C ASP B 374 20.20 -40.55 20.39
N ILE B 375 19.46 -41.27 21.23
CA ILE B 375 19.78 -41.34 22.66
C ILE B 375 21.17 -41.91 22.86
N PHE B 376 21.49 -43.00 22.17
CA PHE B 376 22.82 -43.58 22.28
C PHE B 376 23.86 -42.79 21.50
N LEU B 377 23.47 -42.13 20.42
CA LEU B 377 24.45 -41.41 19.60
C LEU B 377 24.96 -40.16 20.32
N SER B 378 24.07 -39.37 20.88
CA SER B 378 24.44 -38.10 21.50
C SER B 378 24.62 -38.18 23.01
N LYS B 379 24.18 -39.26 23.64
CA LYS B 379 24.21 -39.41 25.10
C LYS B 379 23.48 -38.27 25.79
N SER B 380 22.53 -37.65 25.08
CA SER B 380 21.75 -36.54 25.62
C SER B 380 20.37 -36.57 24.98
N ALA B 381 19.36 -36.86 25.77
CA ALA B 381 18.00 -36.98 25.24
C ALA B 381 17.46 -35.63 24.81
N ASN B 382 16.62 -35.65 23.77
CA ASN B 382 15.97 -34.44 23.26
C ASN B 382 14.47 -34.58 23.46
N LEU B 383 13.91 -33.73 24.33
CA LEU B 383 12.47 -33.73 24.55
C LEU B 383 11.75 -33.10 23.36
N THR B 384 10.46 -33.37 23.27
CA THR B 384 9.62 -32.86 22.19
C THR B 384 8.33 -32.29 22.75
N CYS B 385 7.98 -31.09 22.32
CA CYS B 385 6.71 -30.46 22.66
C CYS B 385 5.99 -30.19 21.33
N LEU B 386 5.27 -31.19 20.84
CA LEU B 386 4.66 -31.12 19.51
C LEU B 386 3.31 -30.44 19.61
N VAL B 387 3.19 -29.27 18.99
CA VAL B 387 1.94 -28.54 18.91
C VAL B 387 1.46 -28.54 17.46
N SER B 388 0.16 -28.77 17.26
CA SER B 388 -0.41 -28.90 15.94
C SER B 388 -1.67 -28.06 15.84
N ASN B 389 -2.14 -27.89 14.59
CA ASN B 389 -3.36 -27.14 14.29
C ASN B 389 -3.26 -25.69 14.77
N LEU B 390 -2.12 -25.05 14.52
CA LEU B 390 -1.91 -23.67 14.91
C LEU B 390 -2.34 -22.74 13.78
N ALA B 391 -3.40 -21.96 14.03
CA ALA B 391 -3.83 -20.97 13.05
C ALA B 391 -2.79 -19.88 12.86
N THR B 392 -2.16 -19.44 13.95
CA THR B 392 -1.15 -18.39 13.91
C THR B 392 0.10 -18.85 14.65
N TYR B 393 1.23 -18.25 14.27
CA TYR B 393 2.52 -18.60 14.87
C TYR B 393 3.28 -17.40 15.42
N GLU B 394 2.70 -16.20 15.39
CA GLU B 394 3.42 -15.03 15.88
C GLU B 394 3.50 -15.02 17.40
N THR B 395 2.52 -15.61 18.08
CA THR B 395 2.49 -15.68 19.53
C THR B 395 2.99 -17.03 20.05
N LEU B 396 3.49 -17.89 19.17
CA LEU B 396 3.98 -19.20 19.59
C LEU B 396 5.23 -19.06 20.44
N ASN B 397 5.25 -19.77 21.57
CA ASN B 397 6.39 -19.73 22.48
C ASN B 397 6.44 -21.04 23.25
N ILE B 398 7.47 -21.83 23.00
CA ILE B 398 7.65 -23.13 23.65
C ILE B 398 8.81 -23.00 24.63
N SER B 399 8.51 -23.19 25.92
CA SER B 399 9.51 -23.14 26.97
C SER B 399 9.51 -24.47 27.71
N TRP B 400 10.71 -25.01 27.94
CA TRP B 400 10.88 -26.31 28.57
C TRP B 400 11.47 -26.13 29.97
N ALA B 401 10.99 -26.95 30.90
CA ALA B 401 11.46 -26.89 32.28
C ALA B 401 11.17 -28.23 32.95
N SER B 402 11.74 -28.41 34.14
CA SER B 402 11.53 -29.60 34.94
C SER B 402 10.48 -29.32 36.01
N GLN B 403 10.15 -30.36 36.79
CA GLN B 403 9.18 -30.20 37.86
C GLN B 403 9.67 -29.24 38.93
N SER B 404 10.99 -29.22 39.18
CA SER B 404 11.57 -28.30 40.14
C SER B 404 11.63 -26.87 39.62
N GLY B 405 11.34 -26.65 38.35
CA GLY B 405 11.35 -25.31 37.79
C GLY B 405 12.68 -24.83 37.28
N GLU B 406 13.62 -25.74 37.05
CA GLU B 406 14.95 -25.35 36.58
C GLU B 406 14.89 -24.87 35.14
N PRO B 407 15.40 -23.68 34.83
CA PRO B 407 15.35 -23.19 33.45
C PRO B 407 16.20 -24.05 32.52
N LEU B 408 15.73 -24.20 31.28
CA LEU B 408 16.42 -24.99 30.27
C LEU B 408 16.24 -24.33 28.91
N GLU B 409 17.25 -24.47 28.04
CA GLU B 409 17.14 -23.97 26.69
C GLU B 409 16.19 -24.83 25.87
N THR B 410 15.45 -24.19 24.97
CA THR B 410 14.47 -24.87 24.13
C THR B 410 14.75 -24.52 22.67
N LYS B 411 14.93 -25.54 21.84
CA LYS B 411 15.06 -25.35 20.41
C LYS B 411 13.68 -25.28 19.76
N ILE B 412 13.46 -24.25 18.95
CA ILE B 412 12.18 -24.01 18.31
C ILE B 412 12.37 -24.14 16.80
N LYS B 413 11.63 -25.06 16.19
CA LYS B 413 11.66 -25.26 14.75
C LYS B 413 10.23 -25.46 14.26
N ILE B 414 9.95 -24.98 13.06
CA ILE B 414 8.61 -25.01 12.48
C ILE B 414 8.63 -25.90 11.26
N MET B 415 7.73 -26.87 11.21
CA MET B 415 7.60 -27.76 10.07
C MET B 415 6.85 -27.06 8.94
N GLU B 416 6.78 -27.73 7.78
CA GLU B 416 6.04 -27.19 6.66
C GLU B 416 4.55 -27.19 6.96
N SER B 417 3.85 -26.21 6.40
CA SER B 417 2.42 -26.07 6.62
C SER B 417 1.66 -27.24 6.00
N HIS B 418 0.68 -27.75 6.73
CA HIS B 418 -0.14 -28.84 6.23
C HIS B 418 -1.04 -28.35 5.10
N PRO B 419 -1.49 -29.26 4.22
CA PRO B 419 -2.33 -28.83 3.10
C PRO B 419 -3.61 -28.13 3.51
N ASN B 420 -4.18 -28.48 4.66
CA ASN B 420 -5.41 -27.84 5.12
C ASN B 420 -5.18 -26.41 5.60
N GLY B 421 -3.92 -25.98 5.72
CA GLY B 421 -3.60 -24.64 6.18
C GLY B 421 -3.08 -24.57 7.60
N THR B 422 -3.19 -25.68 8.32
CA THR B 422 -2.73 -25.74 9.72
C THR B 422 -1.19 -25.84 9.77
N PHE B 423 -0.58 -25.33 10.83
CA PHE B 423 0.86 -25.38 11.01
C PHE B 423 1.21 -26.34 12.15
N SER B 424 2.51 -26.50 12.38
CA SER B 424 3.01 -27.36 13.45
C SER B 424 4.34 -26.81 13.94
N ALA B 425 4.67 -27.16 15.18
CA ALA B 425 5.92 -26.73 15.79
C ALA B 425 6.32 -27.73 16.87
N LYS B 426 7.62 -27.86 17.09
CA LYS B 426 8.14 -28.79 18.10
C LYS B 426 9.22 -28.09 18.91
N GLY B 427 9.25 -28.38 20.21
CA GLY B 427 10.26 -27.83 21.09
C GLY B 427 11.27 -28.87 21.52
N VAL B 428 12.55 -28.65 21.22
CA VAL B 428 13.61 -29.60 21.50
C VAL B 428 14.46 -29.07 22.65
N ALA B 429 14.61 -29.88 23.69
CA ALA B 429 15.42 -29.54 24.84
C ALA B 429 16.41 -30.67 25.10
N SER B 430 17.68 -30.32 25.29
CA SER B 430 18.73 -31.31 25.48
C SER B 430 18.87 -31.64 26.96
N VAL B 431 18.59 -32.89 27.32
CA VAL B 431 18.71 -33.36 28.69
C VAL B 431 19.46 -34.69 28.68
N CYS B 432 20.15 -34.97 29.79
CA CYS B 432 20.92 -36.20 29.90
C CYS B 432 20.01 -37.42 29.91
N VAL B 433 20.54 -38.52 29.39
CA VAL B 433 19.77 -39.76 29.33
C VAL B 433 19.52 -40.31 30.73
N GLU B 434 20.43 -40.05 31.67
CA GLU B 434 20.25 -40.53 33.03
C GLU B 434 18.99 -39.97 33.68
N ASP B 435 18.63 -38.73 33.32
CA ASP B 435 17.38 -38.15 33.82
C ASP B 435 16.18 -38.95 33.32
N TRP B 436 16.20 -39.35 32.04
CA TRP B 436 15.15 -40.22 31.51
C TRP B 436 15.14 -41.58 32.20
N ASN B 437 16.32 -42.11 32.51
CA ASN B 437 16.39 -43.40 33.20
C ASN B 437 15.82 -43.30 34.61
N ASN B 438 15.92 -42.12 35.23
CA ASN B 438 15.37 -41.89 36.57
C ASN B 438 13.92 -41.43 36.52
N ARG B 439 13.22 -41.70 35.41
CA ARG B 439 11.84 -41.30 35.18
C ARG B 439 11.55 -39.88 35.66
N LYS B 440 12.45 -38.96 35.29
CA LYS B 440 12.32 -37.57 35.71
C LYS B 440 11.24 -36.86 34.88
N GLU B 441 10.50 -36.00 35.56
CA GLU B 441 9.39 -35.28 34.93
C GLU B 441 9.85 -33.93 34.40
N PHE B 442 9.33 -33.56 33.23
CA PHE B 442 9.65 -32.29 32.59
C PHE B 442 8.37 -31.63 32.12
N VAL B 443 8.34 -30.30 32.15
CA VAL B 443 7.14 -29.53 31.83
C VAL B 443 7.45 -28.58 30.68
N CYS B 444 6.58 -28.58 29.67
CA CYS B 444 6.66 -27.64 28.55
C CYS B 444 5.50 -26.66 28.67
N THR B 445 5.81 -25.37 28.73
CA THR B 445 4.82 -24.32 28.90
C THR B 445 4.60 -23.62 27.57
N VAL B 446 3.37 -23.60 27.10
CA VAL B 446 3.00 -22.96 25.84
C VAL B 446 1.88 -21.96 26.10
N THR B 447 2.09 -20.72 25.67
CA THR B 447 1.09 -19.66 25.79
C THR B 447 0.75 -19.18 24.38
N HIS B 448 -0.39 -19.60 23.87
CA HIS B 448 -0.82 -19.29 22.51
C HIS B 448 -2.11 -18.48 22.54
N ARG B 449 -2.27 -17.63 21.52
CA ARG B 449 -3.47 -16.80 21.44
C ARG B 449 -4.71 -17.62 21.13
N ASP B 450 -4.57 -18.74 20.41
CA ASP B 450 -5.70 -19.60 20.11
C ASP B 450 -6.13 -20.43 21.32
N LEU B 451 -5.24 -20.63 22.28
CA LEU B 451 -5.55 -21.44 23.46
C LEU B 451 -6.10 -20.53 24.56
N PRO B 452 -7.31 -20.80 25.07
CA PRO B 452 -7.84 -19.92 26.13
C PRO B 452 -6.98 -19.88 27.38
N SER B 453 -6.31 -20.98 27.74
CA SER B 453 -5.49 -21.04 28.93
C SER B 453 -4.16 -21.70 28.61
N PRO B 454 -3.11 -21.38 29.38
CA PRO B 454 -1.83 -22.09 29.21
C PRO B 454 -1.99 -23.56 29.50
N GLN B 455 -1.23 -24.38 28.78
CA GLN B 455 -1.36 -25.83 28.84
C GLN B 455 -0.13 -26.43 29.54
N LYS B 456 -0.37 -27.20 30.59
CA LYS B 456 0.70 -27.81 31.37
C LYS B 456 0.68 -29.32 31.22
N LYS B 457 1.81 -29.90 30.80
CA LYS B 457 1.94 -31.31 30.51
C LYS B 457 3.28 -31.81 31.04
N PHE B 458 3.38 -33.13 31.22
CA PHE B 458 4.57 -33.75 31.78
C PHE B 458 4.95 -34.99 30.99
N ILE B 459 6.25 -35.15 30.74
CA ILE B 459 6.79 -36.33 30.08
C ILE B 459 7.75 -37.00 31.05
N SER B 460 7.67 -38.33 31.13
CA SER B 460 8.56 -39.09 31.99
C SER B 460 8.64 -40.52 31.44
N LYS B 461 9.54 -41.29 32.03
CA LYS B 461 9.66 -42.68 31.64
C LYS B 461 8.37 -43.43 32.01
N PRO B 462 7.89 -44.31 31.13
CA PRO B 462 6.74 -45.15 31.49
C PRO B 462 7.08 -46.08 32.64
N ASN B 463 6.03 -46.64 33.24
CA ASN B 463 6.20 -47.48 34.41
C ASN B 463 6.97 -48.76 34.08
N GLU B 464 7.25 -49.54 35.12
CA GLU B 464 8.00 -50.77 34.95
C GLU B 464 7.27 -51.75 34.06
N VAL B 465 8.00 -52.32 33.11
CA VAL B 465 7.44 -53.31 32.18
C VAL B 465 8.46 -54.41 32.00
N HIS B 466 7.99 -55.62 31.66
CA HIS B 466 8.87 -56.75 31.45
C HIS B 466 9.88 -56.43 30.35
N LYS B 467 11.13 -56.82 30.60
CA LYS B 467 12.23 -56.58 29.68
C LYS B 467 12.72 -57.90 29.11
N HIS B 468 13.06 -57.90 27.83
CA HIS B 468 13.58 -59.09 27.18
C HIS B 468 14.52 -58.68 26.05
N PRO B 469 15.80 -59.07 26.13
CA PRO B 469 16.73 -58.69 25.06
C PRO B 469 16.37 -59.40 23.76
N PRO B 470 16.62 -58.77 22.62
CA PRO B 470 16.27 -59.39 21.34
C PRO B 470 17.10 -60.63 21.07
N ALA B 471 16.50 -61.57 20.33
CA ALA B 471 17.18 -62.77 19.85
C ALA B 471 17.43 -62.59 18.36
N VAL B 472 18.67 -62.25 18.00
CA VAL B 472 18.98 -61.96 16.56
C VAL B 472 19.14 -63.27 15.78
N TYR B 473 18.67 -63.31 14.53
CA TYR B 473 18.80 -64.52 13.68
C TYR B 473 19.03 -64.10 12.23
N LEU B 474 20.15 -64.48 11.61
CA LEU B 474 20.42 -63.97 10.23
C LEU B 474 20.19 -65.10 9.22
N LEU B 475 19.16 -64.97 8.37
CA LEU B 475 18.79 -65.98 7.38
C LEU B 475 19.50 -65.71 6.06
N PRO B 476 20.18 -66.69 5.49
CA PRO B 476 20.80 -66.50 4.19
C PRO B 476 19.79 -66.69 3.07
N PRO B 477 20.07 -66.14 1.88
CA PRO B 477 19.10 -66.26 0.78
C PRO B 477 18.89 -67.71 0.36
N ALA B 478 17.67 -68.00 -0.07
CA ALA B 478 17.31 -69.35 -0.49
C ALA B 478 17.96 -69.68 -1.83
N ARG B 479 18.17 -70.98 -2.06
CA ARG B 479 18.79 -71.44 -3.29
C ARG B 479 17.95 -71.03 -4.50
N GLU B 480 16.62 -71.13 -4.38
CA GLU B 480 15.76 -70.72 -5.46
C GLU B 480 15.96 -69.24 -5.82
N GLN B 481 16.14 -68.39 -4.81
CA GLN B 481 16.40 -66.98 -5.08
C GLN B 481 17.70 -66.79 -5.83
N LEU B 482 18.74 -67.55 -5.47
CA LEU B 482 20.01 -67.48 -6.21
C LEU B 482 19.88 -68.02 -7.62
N ASN B 483 18.91 -68.89 -7.88
CA ASN B 483 18.80 -69.51 -9.20
C ASN B 483 18.42 -68.49 -10.28
N LEU B 484 17.71 -67.41 -9.93
CA LEU B 484 17.38 -66.41 -10.93
C LEU B 484 18.55 -65.48 -11.24
N ARG B 485 19.70 -65.68 -10.59
CA ARG B 485 20.95 -64.94 -10.84
C ARG B 485 20.74 -63.43 -10.96
N GLU B 486 19.69 -62.88 -10.35
CA GLU B 486 19.41 -61.45 -10.45
C GLU B 486 20.00 -60.66 -9.28
N SER B 487 19.56 -60.98 -8.06
CA SER B 487 20.01 -60.29 -6.87
C SER B 487 19.72 -61.17 -5.66
N ALA B 488 20.32 -60.80 -4.53
CA ALA B 488 20.13 -61.52 -3.28
C ALA B 488 19.67 -60.55 -2.20
N THR B 489 18.74 -61.01 -1.37
CA THR B 489 18.22 -60.21 -0.26
C THR B 489 18.56 -60.93 1.05
N VAL B 490 19.62 -60.46 1.71
CA VAL B 490 20.01 -61.03 2.99
C VAL B 490 19.13 -60.44 4.09
N THR B 491 18.51 -61.31 4.88
CA THR B 491 17.55 -60.90 5.90
C THR B 491 17.98 -61.42 7.26
N CYS B 492 17.99 -60.54 8.26
CA CYS B 492 18.26 -60.94 9.65
C CYS B 492 17.01 -60.65 10.47
N LEU B 493 16.46 -61.71 11.07
CA LEU B 493 15.26 -61.57 11.89
C LEU B 493 15.64 -61.25 13.33
N VAL B 494 15.02 -60.22 13.88
CA VAL B 494 15.22 -59.81 15.27
C VAL B 494 13.88 -59.99 15.96
N LYS B 495 13.80 -60.95 16.88
CA LYS B 495 12.55 -61.35 17.49
C LYS B 495 12.68 -61.38 19.01
N GLY B 496 11.65 -60.90 19.69
CA GLY B 496 11.54 -61.10 21.13
C GLY B 496 12.10 -59.99 21.99
N PHE B 497 11.74 -58.74 21.70
CA PHE B 497 12.13 -57.61 22.53
C PHE B 497 10.89 -56.81 22.91
N SER B 498 10.83 -56.45 24.19
CA SER B 498 9.65 -55.73 24.73
C SER B 498 9.66 -54.27 24.31
N PRO B 499 10.78 -53.50 24.39
CA PRO B 499 10.76 -52.12 23.91
C PRO B 499 10.82 -52.06 22.39
N ALA B 500 9.95 -51.25 21.80
CA ALA B 500 9.92 -51.13 20.35
C ALA B 500 11.08 -50.32 19.80
N ASP B 501 11.79 -49.58 20.66
CA ASP B 501 12.90 -48.75 20.23
C ASP B 501 14.12 -49.62 19.96
N ILE B 502 14.24 -50.07 18.71
CA ILE B 502 15.35 -50.92 18.28
C ILE B 502 15.86 -50.40 16.95
N SER B 503 17.19 -50.27 16.83
CA SER B 503 17.83 -49.82 15.61
C SER B 503 18.67 -50.96 15.05
N VAL B 504 18.42 -51.30 13.79
CA VAL B 504 19.12 -52.39 13.10
C VAL B 504 19.86 -51.81 11.91
N GLN B 505 21.16 -52.08 11.84
CA GLN B 505 22.00 -51.60 10.75
C GLN B 505 22.71 -52.79 10.12
N TRP B 506 23.38 -52.54 9.00
CA TRP B 506 24.12 -53.56 8.26
C TRP B 506 25.49 -53.03 7.88
N LEU B 507 26.47 -53.93 7.80
CA LEU B 507 27.85 -53.58 7.48
C LEU B 507 28.34 -54.40 6.31
N GLN B 508 29.19 -53.76 5.48
CA GLN B 508 29.85 -54.42 4.36
C GLN B 508 31.36 -54.29 4.57
N ARG B 509 32.03 -55.42 4.83
CA ARG B 509 33.46 -55.44 5.14
C ARG B 509 33.80 -54.53 6.31
N GLY B 510 32.86 -54.40 7.26
CA GLY B 510 33.03 -53.48 8.36
C GLY B 510 32.72 -52.03 8.04
N GLN B 511 32.23 -51.74 6.83
CA GLN B 511 31.87 -50.39 6.43
C GLN B 511 30.36 -50.20 6.54
N LEU B 512 29.96 -49.06 7.09
CA LEU B 512 28.54 -48.77 7.27
C LEU B 512 27.83 -48.70 5.93
N LEU B 513 26.60 -49.22 5.90
CA LEU B 513 25.78 -49.21 4.70
C LEU B 513 24.68 -48.18 4.83
N PRO B 514 24.45 -47.38 3.78
CA PRO B 514 23.38 -46.38 3.84
C PRO B 514 22.01 -47.02 3.94
N GLN B 515 21.07 -46.28 4.55
CA GLN B 515 19.72 -46.78 4.73
C GLN B 515 18.94 -46.88 3.42
N GLU B 516 19.48 -46.36 2.32
CA GLU B 516 18.83 -46.50 1.03
C GLU B 516 19.06 -47.88 0.41
N LYS B 517 19.96 -48.69 0.98
CA LYS B 517 20.24 -50.02 0.44
C LYS B 517 19.55 -51.14 1.20
N TYR B 518 18.84 -50.82 2.28
CA TYR B 518 18.12 -51.82 3.06
C TYR B 518 16.95 -51.17 3.77
N VAL B 519 15.99 -52.02 4.14
CA VAL B 519 14.77 -51.54 4.83
C VAL B 519 14.60 -52.34 6.12
N THR B 520 13.94 -51.77 7.12
CA THR B 520 13.69 -52.40 8.42
C THR B 520 12.22 -52.19 8.76
N SER B 521 11.47 -53.28 8.81
CA SER B 521 10.05 -53.18 9.14
C SER B 521 9.87 -52.70 10.56
N ALA B 522 8.87 -51.84 10.76
CA ALA B 522 8.57 -51.37 12.10
C ALA B 522 8.16 -52.54 12.98
N PRO B 523 8.55 -52.54 14.25
CA PRO B 523 8.25 -53.69 15.13
C PRO B 523 6.77 -53.97 15.20
N MET B 524 6.43 -55.25 15.10
CA MET B 524 5.05 -55.73 15.13
C MET B 524 4.92 -56.73 16.27
N PRO B 525 3.80 -56.72 16.99
CA PRO B 525 3.67 -57.59 18.17
C PRO B 525 3.89 -59.05 17.83
N GLU B 526 4.58 -59.74 18.73
CA GLU B 526 4.91 -61.14 18.53
C GLU B 526 3.67 -62.01 18.69
N PRO B 527 3.33 -62.85 17.71
CA PRO B 527 2.20 -63.76 17.88
C PRO B 527 2.48 -64.77 18.99
N GLY B 528 1.42 -65.11 19.73
CA GLY B 528 1.53 -66.09 20.78
C GLY B 528 2.17 -65.60 22.06
N ALA B 529 2.56 -64.33 22.14
CA ALA B 529 3.21 -63.78 23.32
C ALA B 529 2.99 -62.27 23.36
N PRO B 530 1.97 -61.80 24.07
CA PRO B 530 1.72 -60.35 24.10
C PRO B 530 2.84 -59.59 24.80
N GLY B 531 3.07 -58.37 24.33
CA GLY B 531 4.08 -57.49 24.88
C GLY B 531 5.43 -57.59 24.20
N PHE B 532 5.70 -58.66 23.46
CA PHE B 532 6.96 -58.83 22.76
C PHE B 532 6.81 -58.41 21.30
N TYR B 533 7.88 -57.84 20.76
CA TYR B 533 7.87 -57.30 19.41
C TYR B 533 8.96 -57.95 18.58
N PHE B 534 8.71 -58.06 17.27
CA PHE B 534 9.66 -58.62 16.34
C PHE B 534 9.73 -57.73 15.10
N THR B 535 10.85 -57.83 14.38
CA THR B 535 11.05 -57.02 13.18
C THR B 535 12.02 -57.72 12.25
N HIS B 536 12.05 -57.27 11.01
CA HIS B 536 12.93 -57.80 9.98
C HIS B 536 13.77 -56.68 9.39
N SER B 537 14.83 -57.07 8.69
CA SER B 537 15.66 -56.13 7.96
C SER B 537 16.22 -56.85 6.74
N ILE B 538 15.95 -56.32 5.56
CA ILE B 538 16.31 -56.98 4.31
C ILE B 538 17.44 -56.20 3.66
N LEU B 539 18.58 -56.86 3.46
CA LEU B 539 19.74 -56.27 2.83
C LEU B 539 19.80 -56.79 1.39
N THR B 540 19.15 -56.07 0.49
CA THR B 540 19.18 -56.42 -0.93
C THR B 540 20.57 -56.11 -1.48
N VAL B 541 21.28 -57.14 -1.92
CA VAL B 541 22.64 -57.00 -2.43
C VAL B 541 22.70 -57.57 -3.84
N THR B 542 23.44 -56.88 -4.70
CA THR B 542 23.62 -57.36 -6.07
C THR B 542 24.35 -58.70 -6.07
N GLU B 543 24.01 -59.53 -7.06
CA GLU B 543 24.57 -60.88 -7.11
C GLU B 543 26.09 -60.86 -7.27
N GLU B 544 26.63 -59.84 -7.95
CA GLU B 544 28.07 -59.75 -8.09
C GLU B 544 28.76 -59.53 -6.75
N GLU B 545 28.16 -58.71 -5.89
CA GLU B 545 28.76 -58.44 -4.59
C GLU B 545 28.67 -59.65 -3.67
N TRP B 546 27.53 -60.34 -3.65
CA TRP B 546 27.39 -61.53 -2.82
C TRP B 546 28.19 -62.70 -3.36
N ASN B 547 28.47 -62.69 -4.67
CA ASN B 547 29.19 -63.79 -5.31
C ASN B 547 30.67 -63.83 -4.92
N SER B 548 31.23 -62.74 -4.41
CA SER B 548 32.64 -62.67 -4.07
C SER B 548 32.95 -63.17 -2.67
N GLY B 549 32.05 -63.94 -2.06
CA GLY B 549 32.29 -64.43 -0.73
C GLY B 549 32.24 -63.38 0.35
N GLU B 550 31.48 -62.30 0.14
CA GLU B 550 31.42 -61.22 1.11
C GLU B 550 30.83 -61.71 2.43
N THR B 551 31.33 -61.14 3.52
CA THR B 551 30.78 -61.38 4.84
C THR B 551 29.79 -60.27 5.17
N TYR B 552 28.54 -60.64 5.42
CA TYR B 552 27.48 -59.67 5.66
C TYR B 552 26.96 -59.83 7.09
N THR B 553 26.79 -58.72 7.78
CA THR B 553 26.39 -58.73 9.17
C THR B 553 25.35 -57.64 9.43
N CYS B 554 24.49 -57.89 10.41
CA CYS B 554 23.54 -56.89 10.89
C CYS B 554 23.76 -56.69 12.38
N VAL B 555 23.89 -55.44 12.80
CA VAL B 555 24.09 -55.09 14.20
C VAL B 555 22.74 -54.62 14.75
N VAL B 556 22.47 -54.97 15.99
CA VAL B 556 21.18 -54.71 16.63
C VAL B 556 21.43 -53.94 17.91
N GLY B 557 21.16 -52.62 17.87
CA GLY B 557 21.22 -51.80 19.05
C GLY B 557 19.85 -51.75 19.69
N HIS B 558 19.80 -52.11 20.98
CA HIS B 558 18.52 -52.20 21.67
C HIS B 558 18.75 -52.05 23.16
N GLU B 559 17.76 -51.44 23.83
CA GLU B 559 17.92 -51.06 25.23
C GLU B 559 18.03 -52.27 26.15
N ALA B 560 17.18 -53.28 25.92
CA ALA B 560 17.13 -54.42 26.84
C ALA B 560 18.37 -55.30 26.73
N LEU B 561 19.22 -55.10 25.73
CA LEU B 561 20.43 -55.89 25.61
C LEU B 561 21.34 -55.66 26.80
N PRO B 562 21.98 -56.70 27.32
CA PRO B 562 22.90 -56.50 28.46
C PRO B 562 24.03 -55.54 28.16
N HIS B 563 24.42 -55.38 26.89
CA HIS B 563 25.48 -54.45 26.52
C HIS B 563 25.01 -53.44 25.48
N LEU B 564 23.69 -53.34 25.28
CA LEU B 564 23.01 -52.34 24.45
C LEU B 564 23.29 -52.50 22.96
N VAL B 565 24.06 -53.50 22.53
CA VAL B 565 24.35 -53.68 21.13
C VAL B 565 24.90 -55.09 20.89
N THR B 566 24.48 -55.74 19.81
CA THR B 566 25.02 -57.03 19.43
C THR B 566 25.29 -57.10 17.94
N GLU B 567 25.67 -58.28 17.45
CA GLU B 567 26.05 -58.42 16.05
C GLU B 567 25.94 -59.89 15.67
N ARG B 568 25.45 -60.13 14.44
CA ARG B 568 25.31 -61.50 13.90
C ARG B 568 25.89 -61.53 12.49
N THR B 569 26.48 -62.65 12.06
CA THR B 569 27.18 -62.74 10.79
C THR B 569 26.69 -63.93 9.97
N VAL B 570 26.82 -63.81 8.66
CA VAL B 570 26.57 -64.91 7.73
C VAL B 570 27.25 -64.57 6.42
N ASP B 571 27.61 -65.60 5.66
CA ASP B 571 28.28 -65.41 4.37
C ASP B 571 27.97 -66.63 3.50
N LYS B 572 28.74 -66.79 2.41
CA LYS B 572 28.56 -67.93 1.51
C LYS B 572 28.69 -69.27 2.21
N SER B 573 29.48 -69.33 3.28
CA SER B 573 29.73 -70.61 3.93
C SER B 573 28.44 -71.30 4.37
N THR B 574 27.60 -70.59 5.13
CA THR B 574 26.27 -71.04 5.52
C THR B 574 26.37 -72.24 6.46
N GLU B 575 27.59 -72.74 6.67
CA GLU B 575 27.88 -73.81 7.61
C GLU B 575 28.92 -73.33 8.63
N GLY B 576 28.74 -72.09 9.07
CA GLY B 576 29.69 -71.43 9.93
C GLY B 576 29.59 -71.85 11.39
N GLU B 577 29.30 -73.13 11.63
CA GLU B 577 29.30 -73.64 12.99
C GLU B 577 30.69 -73.54 13.60
N VAL B 578 30.73 -73.16 14.87
CA VAL B 578 31.99 -73.00 15.59
C VAL B 578 32.29 -74.29 16.32
N ASN B 579 33.35 -74.97 15.90
CA ASN B 579 33.73 -76.26 16.48
C ASN B 579 35.23 -76.41 16.66
N ALA B 580 36.04 -75.39 16.37
CA ALA B 580 37.50 -75.46 16.40
C ALA B 580 37.90 -76.61 15.46
N GLU B 581 38.79 -77.48 15.93
CA GLU B 581 39.22 -78.65 15.11
C GLU B 581 38.89 -79.96 15.83
N GLU B 582 37.91 -80.71 15.34
CA GLU B 582 37.58 -82.00 15.93
C GLU B 582 37.77 -83.15 14.95
N GLU B 583 37.25 -83.04 13.74
CA GLU B 583 37.31 -84.10 12.75
C GLU B 583 37.96 -83.58 11.47
N GLY B 584 37.97 -84.41 10.43
CA GLY B 584 38.57 -84.04 9.17
C GLY B 584 40.07 -84.24 9.08
N PHE B 585 40.68 -84.82 10.10
CA PHE B 585 42.12 -85.06 10.09
C PHE B 585 42.46 -86.18 9.12
N GLU B 586 43.75 -86.24 8.76
CA GLU B 586 44.22 -87.30 7.86
C GLU B 586 44.09 -88.68 8.48
N ASN B 587 43.91 -88.75 9.79
CA ASN B 587 43.70 -90.05 10.45
C ASN B 587 42.46 -90.74 9.92
N LEU B 588 41.43 -89.99 9.55
CA LEU B 588 40.23 -90.61 8.98
C LEU B 588 40.55 -91.32 7.68
N TRP B 589 41.33 -90.68 6.81
CA TRP B 589 41.80 -91.34 5.59
C TRP B 589 42.65 -92.55 5.91
N THR B 590 43.51 -92.44 6.94
CA THR B 590 44.35 -93.56 7.32
C THR B 590 43.50 -94.77 7.72
N THR B 591 42.50 -94.55 8.57
CA THR B 591 41.60 -95.64 8.97
C THR B 591 40.83 -96.19 7.78
N ALA B 592 40.35 -95.31 6.88
CA ALA B 592 39.60 -95.80 5.73
C ALA B 592 40.46 -96.71 4.86
N SER B 593 41.70 -96.31 4.59
CA SER B 593 42.58 -97.13 3.76
C SER B 593 42.94 -98.44 4.47
N THR B 594 43.34 -98.35 5.74
CA THR B 594 43.73 -99.54 6.48
C THR B 594 42.56 -100.50 6.62
N PHE B 595 41.34 -99.95 6.65
CA PHE B 595 40.13 -100.82 6.74
C PHE B 595 39.86 -101.46 5.38
N ILE B 596 39.98 -100.70 4.29
CA ILE B 596 39.84 -101.34 2.98
C ILE B 596 40.76 -102.54 2.90
N VAL B 597 42.01 -102.36 3.33
CA VAL B 597 42.96 -103.47 3.37
C VAL B 597 42.44 -104.56 4.31
N LEU B 598 41.87 -104.15 5.45
CA LEU B 598 41.36 -105.11 6.42
C LEU B 598 40.22 -105.93 5.83
N PHE B 599 39.30 -105.29 5.10
CA PHE B 599 38.22 -106.01 4.45
C PHE B 599 38.78 -107.01 3.45
N LEU B 600 39.75 -106.59 2.64
CA LEU B 600 40.34 -107.49 1.65
C LEU B 600 40.96 -108.71 2.33
N LEU B 601 41.77 -108.47 3.37
CA LEU B 601 42.43 -109.58 4.07
C LEU B 601 41.43 -110.48 4.78
N SER B 602 40.39 -109.91 5.40
CA SER B 602 39.40 -110.74 6.09
C SER B 602 38.65 -111.64 5.12
N LEU B 603 38.24 -111.07 3.98
CA LEU B 603 37.54 -111.88 2.98
C LEU B 603 38.44 -112.97 2.44
N PHE B 604 39.70 -112.63 2.13
CA PHE B 604 40.63 -113.63 1.62
C PHE B 604 40.86 -114.73 2.64
N TYR B 605 41.00 -114.36 3.92
CA TYR B 605 41.20 -115.36 4.97
C TYR B 605 39.99 -116.26 5.13
N SER B 606 38.78 -115.69 5.05
CA SER B 606 37.59 -116.52 5.15
C SER B 606 37.50 -117.50 3.99
N THR B 607 37.80 -117.04 2.78
CA THR B 607 37.77 -117.93 1.62
C THR B 607 38.82 -119.03 1.74
N THR B 608 40.03 -118.68 2.19
CA THR B 608 41.06 -119.68 2.39
C THR B 608 40.67 -120.67 3.48
N VAL B 609 39.98 -120.20 4.52
CA VAL B 609 39.50 -121.10 5.56
C VAL B 609 38.50 -122.09 5.00
N THR B 610 37.60 -121.61 4.16
CA THR B 610 36.62 -122.52 3.53
C THR B 610 37.32 -123.54 2.64
N LEU B 611 38.30 -123.10 1.85
CA LEU B 611 39.00 -124.02 0.96
C LEU B 611 39.89 -125.00 1.73
N PHE B 612 40.41 -124.59 2.88
CA PHE B 612 41.20 -125.50 3.71
C PHE B 612 40.29 -126.47 4.45
N LYS B 613 39.06 -126.07 4.74
CA LYS B 613 38.04 -127.02 5.14
C LYS B 613 37.81 -128.04 4.04
N VAL B 614 37.74 -127.58 2.79
CA VAL B 614 37.66 -128.50 1.66
C VAL B 614 38.91 -129.37 1.59
N LYS B 615 40.08 -128.76 1.76
CA LYS B 615 41.33 -129.51 1.74
C LYS B 615 42.42 -128.74 2.49
N SER C 19 -67.70 72.49 -8.67
CA SER C 19 -67.38 71.17 -9.21
C SER C 19 -66.78 71.27 -10.60
N GLN C 20 -65.71 70.52 -10.85
CA GLN C 20 -65.03 70.53 -12.13
C GLN C 20 -65.66 69.48 -13.06
N ALA C 21 -65.14 69.40 -14.28
CA ALA C 21 -65.64 68.45 -15.26
C ALA C 21 -65.01 67.08 -15.02
N VAL C 22 -65.86 66.06 -14.84
CA VAL C 22 -65.43 64.70 -14.60
C VAL C 22 -65.84 63.87 -15.81
N VAL C 23 -64.85 63.44 -16.59
CA VAL C 23 -65.09 62.64 -17.79
C VAL C 23 -65.02 61.17 -17.40
N THR C 24 -66.14 60.47 -17.52
CA THR C 24 -66.24 59.05 -17.20
C THR C 24 -66.29 58.26 -18.50
N GLN C 25 -65.26 57.46 -18.74
CA GLN C 25 -65.20 56.64 -19.95
C GLN C 25 -65.48 55.20 -19.54
N GLU C 26 -65.10 54.25 -20.40
CA GLU C 26 -65.31 52.83 -20.14
C GLU C 26 -64.15 52.12 -19.46
N SER C 27 -64.41 50.88 -19.04
CA SER C 27 -63.41 50.07 -18.37
C SER C 27 -62.54 49.21 -19.28
N ALA C 28 -63.14 48.23 -19.94
CA ALA C 28 -62.42 47.34 -20.85
C ALA C 28 -63.41 46.89 -21.92
N LEU C 29 -62.99 46.97 -23.17
CA LEU C 29 -63.81 46.57 -24.31
C LEU C 29 -63.11 45.48 -25.10
N THR C 30 -63.87 44.51 -25.56
CA THR C 30 -63.36 43.39 -26.34
C THR C 30 -63.90 43.45 -27.76
N THR C 31 -63.07 43.01 -28.71
CA THR C 31 -63.45 43.00 -30.11
C THR C 31 -62.77 41.81 -30.79
N SER C 32 -62.94 41.73 -32.11
CA SER C 32 -62.35 40.67 -32.90
C SER C 32 -62.07 41.18 -34.30
N PRO C 33 -60.98 40.76 -34.94
CA PRO C 33 -60.68 41.22 -36.30
C PRO C 33 -61.74 40.79 -37.31
N GLY C 34 -62.68 41.68 -37.62
CA GLY C 34 -63.73 41.37 -38.57
C GLY C 34 -65.02 42.10 -38.29
N GLU C 35 -65.11 42.73 -37.12
CA GLU C 35 -66.28 43.48 -36.70
C GLU C 35 -65.97 44.98 -36.71
N THR C 36 -66.68 45.74 -35.89
CA THR C 36 -66.50 47.19 -35.79
C THR C 36 -66.68 47.61 -34.35
N VAL C 37 -65.64 48.18 -33.76
CA VAL C 37 -65.67 48.64 -32.38
C VAL C 37 -65.88 50.15 -32.38
N THR C 38 -66.76 50.62 -31.51
CA THR C 38 -67.08 52.05 -31.39
C THR C 38 -66.89 52.47 -29.95
N LEU C 39 -66.03 53.45 -29.72
CA LEU C 39 -65.74 53.97 -28.39
C LEU C 39 -66.54 55.24 -28.16
N THR C 40 -67.28 55.27 -27.06
CA THR C 40 -68.12 56.41 -26.70
C THR C 40 -67.49 57.17 -25.53
N CYS C 41 -67.88 58.43 -25.40
CA CYS C 41 -67.39 59.31 -24.34
C CYS C 41 -68.53 60.22 -23.90
N ARG C 42 -69.01 60.03 -22.68
CA ARG C 42 -70.11 60.81 -22.13
C ARG C 42 -69.56 61.85 -21.17
N SER C 43 -70.07 63.08 -21.29
CA SER C 43 -69.63 64.16 -20.41
C SER C 43 -70.40 64.15 -19.10
N SER C 44 -70.35 65.25 -18.35
CA SER C 44 -71.05 65.33 -17.08
C SER C 44 -71.65 66.73 -16.89
N THR C 45 -70.94 67.76 -17.35
CA THR C 45 -71.43 69.12 -17.20
C THR C 45 -72.54 69.43 -18.19
N GLY C 46 -72.42 68.93 -19.43
CA GLY C 46 -73.43 69.17 -20.44
C GLY C 46 -73.29 68.24 -21.64
N ALA C 47 -73.65 68.74 -22.81
CA ALA C 47 -73.57 67.97 -24.05
C ALA C 47 -72.28 68.27 -24.80
N VAL C 48 -71.92 67.36 -25.69
CA VAL C 48 -70.71 67.48 -26.51
C VAL C 48 -71.15 67.85 -27.92
N THR C 49 -70.91 69.09 -28.31
CA THR C 49 -71.26 69.61 -29.62
C THR C 49 -69.97 69.78 -30.44
N THR C 50 -69.99 70.71 -31.41
CA THR C 50 -68.83 70.95 -32.25
C THR C 50 -67.82 71.90 -31.62
N SER C 51 -68.20 72.50 -30.48
CA SER C 51 -67.27 73.40 -29.73
C SER C 51 -66.26 72.56 -28.96
N ASN C 52 -66.70 71.45 -28.36
CA ASN C 52 -65.76 70.52 -27.67
C ASN C 52 -64.91 69.86 -28.75
N TYR C 53 -63.62 70.22 -28.83
CA TYR C 53 -62.72 69.60 -29.84
C TYR C 53 -62.40 68.17 -29.36
N ALA C 54 -63.16 67.18 -29.85
CA ALA C 54 -62.94 65.83 -29.40
C ALA C 54 -61.61 65.29 -29.93
N ASN C 55 -60.81 64.72 -29.05
CA ASN C 55 -59.50 64.17 -29.41
C ASN C 55 -59.37 62.76 -28.87
N TRP C 56 -58.59 61.95 -29.57
CA TRP C 56 -58.34 60.56 -29.19
C TRP C 56 -56.84 60.29 -29.28
N VAL C 57 -56.20 60.15 -28.12
CA VAL C 57 -54.77 59.90 -28.04
C VAL C 57 -54.56 58.44 -27.70
N GLN C 58 -53.78 57.74 -28.53
CA GLN C 58 -53.50 56.33 -28.33
C GLN C 58 -52.25 56.16 -27.48
N GLU C 59 -52.35 55.37 -26.42
CA GLU C 59 -51.25 55.12 -25.50
C GLU C 59 -50.65 53.76 -25.82
N LYS C 60 -49.55 53.77 -26.57
CA LYS C 60 -48.88 52.52 -26.91
C LYS C 60 -48.04 52.02 -25.73
N PRO C 61 -47.86 50.70 -25.61
CA PRO C 61 -47.12 50.17 -24.46
C PRO C 61 -45.66 50.60 -24.41
N ASP C 62 -45.05 50.91 -25.56
CA ASP C 62 -43.65 51.30 -25.61
C ASP C 62 -43.45 52.80 -25.37
N HIS C 63 -44.41 53.45 -24.70
CA HIS C 63 -44.31 54.87 -24.36
C HIS C 63 -44.13 55.73 -25.61
N LEU C 64 -44.95 55.45 -26.62
CA LEU C 64 -44.93 56.19 -27.89
C LEU C 64 -46.38 56.60 -28.20
N PHE C 65 -46.77 57.78 -27.73
CA PHE C 65 -48.11 58.26 -27.97
C PHE C 65 -48.29 58.67 -29.43
N THR C 66 -49.51 58.48 -29.93
CA THR C 66 -49.85 58.79 -31.32
C THR C 66 -51.25 59.38 -31.36
N GLY C 67 -51.36 60.60 -31.88
CA GLY C 67 -52.65 61.27 -31.99
C GLY C 67 -53.41 60.90 -33.24
N LEU C 68 -54.45 60.08 -33.09
CA LEU C 68 -55.26 59.65 -34.22
C LEU C 68 -56.34 60.53 -34.83
N ILE C 69 -57.45 60.69 -34.12
CA ILE C 69 -58.55 61.52 -34.60
C ILE C 69 -58.47 62.69 -33.63
N GLY C 70 -58.13 63.86 -34.15
CA GLY C 70 -58.01 65.05 -33.31
C GLY C 70 -58.77 66.24 -33.86
N GLY C 71 -60.01 66.43 -33.41
CA GLY C 71 -60.83 67.52 -33.86
C GLY C 71 -62.11 67.08 -34.55
N THR C 72 -62.76 66.06 -33.97
CA THR C 72 -64.00 65.50 -34.51
C THR C 72 -63.63 65.24 -35.96
N ASN C 73 -64.31 65.92 -36.88
CA ASN C 73 -64.06 65.77 -38.31
C ASN C 73 -62.68 66.09 -38.88
N ASN C 74 -61.77 66.63 -38.06
CA ASN C 74 -60.44 66.97 -38.53
C ASN C 74 -59.56 65.73 -38.55
N ARG C 75 -58.77 65.59 -39.61
CA ARG C 75 -57.88 64.47 -39.79
C ARG C 75 -56.45 64.85 -39.36
N ALA C 76 -55.52 63.94 -39.60
CA ALA C 76 -54.12 64.15 -39.26
C ALA C 76 -53.25 63.29 -40.17
N PRO C 77 -52.09 63.78 -40.58
CA PRO C 77 -51.21 62.99 -41.43
C PRO C 77 -50.71 61.74 -40.72
N GLY C 78 -50.70 60.62 -41.44
CA GLY C 78 -50.26 59.36 -40.90
C GLY C 78 -51.34 58.50 -40.29
N VAL C 79 -52.57 59.01 -40.19
CA VAL C 79 -53.68 58.26 -39.62
C VAL C 79 -54.39 57.50 -40.73
N PRO C 80 -54.60 56.19 -40.57
CA PRO C 80 -55.29 55.42 -41.61
C PRO C 80 -56.74 55.88 -41.78
N ALA C 81 -57.33 55.48 -42.90
CA ALA C 81 -58.70 55.84 -43.21
C ALA C 81 -59.73 55.02 -42.45
N ARG C 82 -59.31 54.00 -41.71
CA ARG C 82 -60.23 53.18 -40.94
C ARG C 82 -60.71 53.85 -39.66
N PHE C 83 -60.08 54.94 -39.25
CA PHE C 83 -60.47 55.67 -38.06
C PHE C 83 -61.34 56.86 -38.44
N SER C 84 -62.49 56.99 -37.76
CA SER C 84 -63.42 58.07 -38.02
C SER C 84 -64.09 58.49 -36.72
N GLY C 85 -64.37 59.78 -36.60
CA GLY C 85 -65.02 60.31 -35.42
C GLY C 85 -66.29 61.06 -35.71
N SER C 86 -67.38 60.68 -35.05
CA SER C 86 -68.68 61.32 -35.25
C SER C 86 -69.23 61.75 -33.89
N LEU C 87 -70.32 62.51 -33.93
CA LEU C 87 -71.00 63.02 -32.73
C LEU C 87 -72.44 62.52 -32.76
N ILE C 88 -72.66 61.33 -32.21
CA ILE C 88 -74.00 60.74 -32.16
C ILE C 88 -74.72 61.34 -30.95
N GLY C 89 -75.65 62.27 -31.21
CA GLY C 89 -76.39 62.89 -30.15
C GLY C 89 -75.57 63.86 -29.32
N ASP C 90 -74.96 63.35 -28.23
CA ASP C 90 -74.13 64.19 -27.37
C ASP C 90 -72.89 63.46 -26.89
N LYS C 91 -72.48 62.39 -27.56
CA LYS C 91 -71.30 61.63 -27.18
C LYS C 91 -70.36 61.53 -28.37
N ALA C 92 -69.06 61.51 -28.07
CA ALA C 92 -68.03 61.42 -29.11
C ALA C 92 -67.83 59.94 -29.46
N ALA C 93 -68.30 59.54 -30.63
CA ALA C 93 -68.19 58.17 -31.10
C ALA C 93 -66.96 58.04 -31.99
N LEU C 94 -66.18 56.97 -31.76
CA LEU C 94 -64.98 56.69 -32.53
C LEU C 94 -65.18 55.36 -33.26
N THR C 95 -65.61 55.45 -34.52
CA THR C 95 -65.87 54.26 -35.31
C THR C 95 -64.56 53.78 -35.93
N ILE C 96 -64.15 52.56 -35.59
CA ILE C 96 -62.93 51.96 -36.11
C ILE C 96 -63.33 50.73 -36.91
N THR C 97 -63.22 50.83 -38.23
CA THR C 97 -63.57 49.73 -39.14
C THR C 97 -62.40 48.76 -39.19
N GLY C 98 -62.41 47.79 -38.30
CA GLY C 98 -61.37 46.79 -38.22
C GLY C 98 -60.77 46.69 -36.82
N ALA C 99 -59.94 45.65 -36.65
CA ALA C 99 -59.28 45.40 -35.38
C ALA C 99 -57.94 44.71 -35.70
N GLN C 100 -56.92 45.53 -35.96
CA GLN C 100 -55.60 45.01 -36.28
C GLN C 100 -54.83 44.71 -34.99
N THR C 101 -53.60 44.18 -35.16
CA THR C 101 -52.77 43.85 -34.01
C THR C 101 -52.09 45.07 -33.40
N GLU C 102 -52.05 46.20 -34.12
CA GLU C 102 -51.43 47.41 -33.63
C GLU C 102 -52.43 48.39 -33.02
N ASP C 103 -53.71 48.02 -32.95
CA ASP C 103 -54.73 48.90 -32.40
C ASP C 103 -55.06 48.58 -30.93
N GLU C 104 -54.53 47.48 -30.39
CA GLU C 104 -54.79 47.11 -29.00
C GLU C 104 -53.95 48.00 -28.10
N ALA C 105 -54.55 49.06 -27.59
CA ALA C 105 -53.86 50.01 -26.72
C ALA C 105 -54.91 50.67 -25.82
N ILE C 106 -54.57 51.84 -25.29
CA ILE C 106 -55.44 52.61 -24.41
C ILE C 106 -55.70 53.96 -25.04
N TYR C 107 -56.97 54.33 -25.17
CA TYR C 107 -57.37 55.60 -25.74
C TYR C 107 -57.84 56.55 -24.65
N PHE C 108 -57.98 57.82 -25.02
CA PHE C 108 -58.42 58.86 -24.10
C PHE C 108 -59.45 59.75 -24.78
N CYS C 109 -60.18 60.51 -23.97
CA CYS C 109 -61.20 61.43 -24.45
C CYS C 109 -60.86 62.83 -23.96
N ALA C 110 -60.32 63.66 -24.86
CA ALA C 110 -59.93 65.02 -24.54
C ALA C 110 -60.94 65.98 -25.13
N LEU C 111 -61.51 66.84 -24.28
CA LEU C 111 -62.50 67.81 -24.71
C LEU C 111 -62.05 69.21 -24.30
N TRP C 112 -62.98 70.15 -24.21
CA TRP C 112 -62.66 71.53 -23.85
C TRP C 112 -63.71 72.08 -22.90
N TYR C 113 -63.31 72.40 -21.68
CA TYR C 113 -64.21 72.98 -20.69
C TYR C 113 -63.45 73.98 -19.84
N SER C 114 -64.10 75.11 -19.55
CA SER C 114 -63.52 76.18 -18.74
C SER C 114 -62.19 76.67 -19.31
N ASN C 115 -62.13 76.75 -20.64
CA ASN C 115 -60.95 77.25 -21.35
C ASN C 115 -59.70 76.43 -21.04
N HIS C 116 -59.85 75.13 -20.83
CA HIS C 116 -58.72 74.25 -20.59
C HIS C 116 -59.08 72.83 -20.99
N TRP C 117 -58.06 72.01 -21.17
CA TRP C 117 -58.26 70.62 -21.58
C TRP C 117 -58.61 69.76 -20.38
N VAL C 118 -59.62 68.91 -20.53
CA VAL C 118 -60.09 68.01 -19.49
C VAL C 118 -59.88 66.57 -19.96
N PHE C 119 -59.17 65.79 -19.16
CA PHE C 119 -58.88 64.40 -19.47
C PHE C 119 -59.62 63.49 -18.49
N GLY C 120 -59.12 62.28 -18.31
CA GLY C 120 -59.75 61.34 -17.40
C GLY C 120 -59.09 59.98 -17.49
N GLY C 121 -59.76 58.99 -16.90
CA GLY C 121 -59.24 57.64 -16.91
C GLY C 121 -59.41 57.00 -18.27
N GLY C 122 -58.30 56.50 -18.83
CA GLY C 122 -58.34 55.89 -20.13
C GLY C 122 -58.99 54.52 -20.11
N THR C 123 -59.41 54.08 -21.29
CA THR C 123 -60.07 52.79 -21.47
C THR C 123 -59.12 51.86 -22.20
N LYS C 124 -58.86 50.69 -21.60
CA LYS C 124 -57.96 49.70 -22.18
C LYS C 124 -58.75 48.83 -23.16
N LEU C 125 -58.40 48.92 -24.44
CA LEU C 125 -59.06 48.14 -25.47
C LEU C 125 -58.34 46.81 -25.65
N THR C 126 -59.11 45.73 -25.72
CA THR C 126 -58.59 44.38 -25.88
C THR C 126 -59.03 43.84 -27.23
N VAL C 127 -58.06 43.41 -28.05
CA VAL C 127 -58.33 42.86 -29.36
C VAL C 127 -57.97 41.38 -29.31
N LEU C 128 -58.99 40.53 -29.24
CA LEU C 128 -58.80 39.08 -29.18
C LEU C 128 -58.45 38.58 -30.57
N GLY C 129 -57.16 38.26 -30.78
CA GLY C 129 -56.71 37.77 -32.06
C GLY C 129 -56.22 36.34 -32.02
N GLN C 130 -55.02 36.12 -31.48
CA GLN C 130 -54.47 34.79 -31.40
C GLN C 130 -55.12 34.01 -30.26
N PRO C 131 -55.28 32.69 -30.42
CA PRO C 131 -55.88 31.88 -29.36
C PRO C 131 -55.00 31.86 -28.11
N LYS C 132 -55.62 31.48 -27.00
CA LYS C 132 -54.91 31.41 -25.73
C LYS C 132 -54.01 30.18 -25.69
N SER C 133 -53.13 30.15 -24.69
CA SER C 133 -52.20 29.05 -24.51
C SER C 133 -52.20 28.66 -23.03
N SER C 134 -51.12 28.02 -22.59
CA SER C 134 -51.01 27.59 -21.19
C SER C 134 -50.07 28.50 -20.43
N PRO C 135 -50.50 29.07 -19.31
CA PRO C 135 -49.61 29.96 -18.55
C PRO C 135 -48.52 29.19 -17.84
N SER C 136 -47.37 29.84 -17.69
CA SER C 136 -46.21 29.25 -17.03
C SER C 136 -46.11 29.80 -15.61
N VAL C 137 -46.14 28.91 -14.63
CA VAL C 137 -46.07 29.27 -13.22
C VAL C 137 -44.75 28.76 -12.66
N THR C 138 -43.95 29.66 -12.09
CA THR C 138 -42.67 29.31 -11.51
C THR C 138 -42.43 30.18 -10.29
N LEU C 139 -42.40 29.55 -9.11
CA LEU C 139 -42.17 30.25 -7.85
C LEU C 139 -40.68 30.24 -7.52
N PHE C 140 -40.15 31.41 -7.18
CA PHE C 140 -38.73 31.55 -6.84
C PHE C 140 -38.58 31.76 -5.34
N PRO C 141 -38.14 30.76 -4.58
CA PRO C 141 -37.96 30.95 -3.15
C PRO C 141 -36.74 31.82 -2.87
N PRO C 142 -36.73 32.53 -1.74
CA PRO C 142 -35.57 33.36 -1.41
C PRO C 142 -34.36 32.52 -1.06
N SER C 143 -33.18 33.05 -1.39
CA SER C 143 -31.93 32.37 -1.13
C SER C 143 -31.47 32.66 0.31
N SER C 144 -30.26 32.23 0.64
CA SER C 144 -29.73 32.44 1.99
C SER C 144 -29.16 33.84 2.18
N GLU C 145 -28.87 34.55 1.10
CA GLU C 145 -28.32 35.90 1.23
C GLU C 145 -29.38 36.90 1.67
N GLU C 146 -30.65 36.63 1.38
CA GLU C 146 -31.72 37.53 1.77
C GLU C 146 -32.18 37.29 3.20
N LEU C 147 -32.09 36.06 3.69
CA LEU C 147 -32.50 35.74 5.05
C LEU C 147 -31.55 36.29 6.10
N GLU C 148 -30.36 36.75 5.72
CA GLU C 148 -29.42 37.30 6.69
C GLU C 148 -29.89 38.64 7.23
N THR C 149 -30.67 39.39 6.45
CA THR C 149 -31.17 40.69 6.86
C THR C 149 -32.59 40.61 7.41
N ASN C 150 -33.03 39.42 7.82
CA ASN C 150 -34.37 39.20 8.37
C ASN C 150 -35.44 39.64 7.39
N LYS C 151 -35.27 39.25 6.13
CA LYS C 151 -36.21 39.58 5.07
C LYS C 151 -36.46 38.36 4.21
N ALA C 152 -37.62 38.34 3.55
CA ALA C 152 -38.00 37.24 2.69
C ALA C 152 -38.98 37.75 1.63
N THR C 153 -38.75 37.35 0.38
CA THR C 153 -39.59 37.79 -0.72
C THR C 153 -39.70 36.65 -1.73
N LEU C 154 -40.93 36.26 -2.06
CA LEU C 154 -41.20 35.20 -3.02
C LEU C 154 -41.74 35.82 -4.31
N VAL C 155 -41.23 35.34 -5.45
CA VAL C 155 -41.60 35.84 -6.76
C VAL C 155 -42.22 34.69 -7.55
N CYS C 156 -43.41 34.92 -8.07
CA CYS C 156 -44.12 33.95 -8.90
C CYS C 156 -44.36 34.60 -10.27
N THR C 157 -43.44 34.35 -11.20
CA THR C 157 -43.54 34.92 -12.53
C THR C 157 -44.62 34.21 -13.33
N ILE C 158 -45.47 34.99 -13.99
CA ILE C 158 -46.57 34.47 -14.80
C ILE C 158 -46.36 34.96 -16.23
N THR C 159 -46.10 34.02 -17.14
CA THR C 159 -45.87 34.33 -18.55
C THR C 159 -46.81 33.47 -19.40
N ASP C 160 -46.71 33.66 -20.72
CA ASP C 160 -47.50 32.92 -21.70
C ASP C 160 -49.00 33.09 -21.45
N PHE C 161 -49.45 34.32 -21.70
CA PHE C 161 -50.86 34.66 -21.56
C PHE C 161 -51.25 35.97 -22.23
N TYR C 162 -52.29 35.91 -23.07
CA TYR C 162 -52.78 37.15 -23.74
C TYR C 162 -53.63 37.95 -22.75
N PRO C 163 -54.69 37.37 -22.14
CA PRO C 163 -55.48 38.07 -21.13
C PRO C 163 -54.65 38.28 -19.86
N GLY C 164 -54.47 39.53 -19.45
CA GLY C 164 -53.70 39.84 -18.22
C GLY C 164 -54.12 38.94 -17.07
N VAL C 165 -53.16 38.50 -16.25
CA VAL C 165 -53.46 37.62 -15.08
C VAL C 165 -54.54 38.29 -14.24
N VAL C 166 -55.58 37.54 -13.85
CA VAL C 166 -56.72 38.13 -13.09
C VAL C 166 -56.22 38.55 -11.70
N THR C 167 -55.57 37.66 -10.96
CA THR C 167 -55.11 37.97 -9.58
C THR C 167 -54.09 36.93 -9.12
N VAL C 168 -53.26 37.27 -8.13
CA VAL C 168 -52.27 36.32 -7.56
C VAL C 168 -52.63 36.07 -6.10
N ASP C 169 -53.44 35.05 -5.82
CA ASP C 169 -53.90 34.82 -4.45
C ASP C 169 -52.89 33.91 -3.75
N TRP C 170 -52.29 34.41 -2.67
CA TRP C 170 -51.31 33.65 -1.91
C TRP C 170 -52.00 32.95 -0.75
N LYS C 171 -51.88 31.63 -0.69
CA LYS C 171 -52.49 30.81 0.36
C LYS C 171 -51.39 29.99 1.02
N VAL C 172 -51.14 30.25 2.30
CA VAL C 172 -50.13 29.55 3.08
C VAL C 172 -50.84 28.73 4.14
N ASP C 173 -50.57 27.42 4.14
CA ASP C 173 -51.17 26.49 5.11
C ASP C 173 -52.70 26.53 5.03
N GLY C 174 -53.24 26.68 3.82
CA GLY C 174 -54.67 26.72 3.64
C GLY C 174 -55.34 27.97 4.17
N THR C 175 -54.59 29.05 4.36
CA THR C 175 -55.15 30.28 4.89
C THR C 175 -54.56 31.48 4.15
N PRO C 176 -55.35 32.18 3.35
CA PRO C 176 -54.84 33.35 2.64
C PRO C 176 -54.48 34.48 3.60
N VAL C 177 -53.47 35.26 3.22
CA VAL C 177 -52.99 36.39 4.02
C VAL C 177 -53.22 37.67 3.24
N THR C 178 -53.26 38.78 3.97
CA THR C 178 -53.47 40.09 3.39
C THR C 178 -52.32 41.06 3.61
N GLN C 179 -51.36 40.73 4.48
CA GLN C 179 -50.23 41.60 4.75
C GLN C 179 -49.22 41.48 3.60
N GLY C 180 -49.06 42.56 2.83
CA GLY C 180 -48.13 42.56 1.72
C GLY C 180 -48.65 41.77 0.53
N MET C 181 -49.77 42.20 -0.04
CA MET C 181 -50.38 41.55 -1.20
C MET C 181 -50.60 42.61 -2.28
N GLU C 182 -49.71 42.65 -3.25
CA GLU C 182 -49.79 43.61 -4.36
C GLU C 182 -49.71 42.87 -5.68
N THR C 183 -50.03 43.58 -6.76
CA THR C 183 -50.00 43.01 -8.10
C THR C 183 -49.55 44.10 -9.07
N THR C 184 -48.49 43.81 -9.83
CA THR C 184 -47.97 44.77 -10.79
C THR C 184 -48.86 44.83 -12.02
N GLN C 185 -48.61 45.83 -12.87
CA GLN C 185 -49.39 46.00 -14.09
C GLN C 185 -48.78 45.20 -15.22
N PRO C 186 -49.61 44.54 -16.03
CA PRO C 186 -49.08 43.76 -17.15
C PRO C 186 -48.43 44.65 -18.19
N SER C 187 -47.42 44.10 -18.88
CA SER C 187 -46.69 44.81 -19.91
C SER C 187 -46.67 43.98 -21.18
N LYS C 188 -46.51 44.67 -22.32
CA LYS C 188 -46.49 44.02 -23.62
C LYS C 188 -45.05 43.65 -23.96
N GLN C 189 -44.78 42.35 -24.03
CA GLN C 189 -43.45 41.84 -24.36
C GLN C 189 -43.42 41.45 -25.83
N SER C 190 -42.45 40.61 -26.20
CA SER C 190 -42.32 40.16 -27.58
C SER C 190 -43.24 38.98 -27.85
N ASN C 191 -43.21 38.48 -29.09
CA ASN C 191 -44.00 37.34 -29.54
C ASN C 191 -45.50 37.57 -29.38
N ASN C 192 -45.93 38.84 -29.36
CA ASN C 192 -47.35 39.20 -29.22
C ASN C 192 -47.97 38.59 -27.97
N LYS C 193 -47.21 38.64 -26.86
CA LYS C 193 -47.66 38.10 -25.58
C LYS C 193 -47.46 39.16 -24.50
N TYR C 194 -47.75 38.78 -23.26
CA TYR C 194 -47.61 39.65 -22.11
C TYR C 194 -46.82 38.92 -21.02
N MET C 195 -46.43 39.69 -20.00
CA MET C 195 -45.67 39.14 -18.90
C MET C 195 -46.05 39.87 -17.61
N ALA C 196 -46.04 39.12 -16.50
CA ALA C 196 -46.38 39.68 -15.20
C ALA C 196 -45.73 38.82 -14.13
N SER C 197 -45.81 39.31 -12.89
CA SER C 197 -45.23 38.61 -11.75
C SER C 197 -45.94 39.08 -10.48
N SER C 198 -45.56 38.48 -9.36
CA SER C 198 -46.14 38.83 -8.06
C SER C 198 -45.04 38.78 -7.00
N TYR C 199 -45.22 39.57 -5.95
CA TYR C 199 -44.26 39.66 -4.86
C TYR C 199 -44.97 39.46 -3.54
N LEU C 200 -44.31 38.77 -2.61
CA LEU C 200 -44.85 38.50 -1.28
C LEU C 200 -43.74 38.76 -0.26
N THR C 201 -43.73 39.95 0.33
CA THR C 201 -42.71 40.31 1.30
C THR C 201 -43.09 39.74 2.66
N LEU C 202 -42.26 38.81 3.16
CA LEU C 202 -42.47 38.18 4.46
C LEU C 202 -41.23 38.33 5.30
N THR C 203 -41.27 37.75 6.50
CA THR C 203 -40.15 37.80 7.44
C THR C 203 -39.40 36.47 7.44
N ALA C 204 -38.16 36.53 7.91
CA ALA C 204 -37.31 35.34 7.97
C ALA C 204 -37.72 34.39 9.09
N ARG C 205 -38.43 34.88 10.11
CA ARG C 205 -38.85 34.01 11.20
C ARG C 205 -39.97 33.08 10.77
N ALA C 206 -40.81 33.51 9.82
CA ALA C 206 -41.90 32.68 9.34
C ALA C 206 -41.48 31.64 8.32
N TRP C 207 -40.28 31.78 7.74
CA TRP C 207 -39.81 30.80 6.76
C TRP C 207 -39.37 29.50 7.41
N GLU C 208 -38.78 29.57 8.60
CA GLU C 208 -38.33 28.36 9.29
C GLU C 208 -39.49 27.56 9.86
N ARG C 209 -40.62 28.21 10.16
CA ARG C 209 -41.77 27.51 10.71
C ARG C 209 -42.70 26.98 9.62
N HIS C 210 -42.99 27.78 8.61
CA HIS C 210 -43.86 27.35 7.52
C HIS C 210 -43.08 26.52 6.51
N SER C 211 -43.81 25.66 5.78
CA SER C 211 -43.19 24.79 4.79
C SER C 211 -44.19 24.46 3.69
N SER C 212 -45.00 25.45 3.30
CA SER C 212 -46.00 25.25 2.25
C SER C 212 -46.22 26.59 1.56
N TYR C 213 -45.65 26.75 0.36
CA TYR C 213 -45.78 27.97 -0.42
C TYR C 213 -46.22 27.59 -1.84
N SER C 214 -47.34 28.13 -2.27
CA SER C 214 -47.91 27.86 -3.58
C SER C 214 -48.23 29.17 -4.28
N CYS C 215 -48.64 29.07 -5.54
CA CYS C 215 -48.99 30.23 -6.35
C CYS C 215 -50.17 29.71 -7.18
N GLN C 216 -51.38 30.06 -6.74
CA GLN C 216 -52.59 29.61 -7.42
C GLN C 216 -52.87 30.64 -8.51
N VAL C 217 -52.99 30.16 -9.75
CA VAL C 217 -53.27 31.01 -10.90
C VAL C 217 -54.54 30.50 -11.57
N THR C 218 -55.53 31.38 -11.71
CA THR C 218 -56.80 31.04 -12.34
C THR C 218 -56.93 31.84 -13.63
N HIS C 219 -56.74 31.14 -14.76
CA HIS C 219 -56.83 31.79 -16.09
C HIS C 219 -58.06 31.25 -16.82
N GLU C 220 -59.19 31.95 -16.73
CA GLU C 220 -60.44 31.55 -17.36
C GLU C 220 -60.71 30.12 -16.90
N GLY C 221 -60.85 29.95 -15.59
CA GLY C 221 -61.25 28.70 -14.99
C GLY C 221 -60.14 27.68 -14.83
N HIS C 222 -59.07 27.80 -15.61
CA HIS C 222 -57.96 26.87 -15.52
C HIS C 222 -57.13 27.18 -14.28
N THR C 223 -57.21 26.30 -13.28
CA THR C 223 -56.47 26.48 -12.03
C THR C 223 -55.13 25.78 -12.15
N VAL C 224 -54.06 26.56 -12.21
CA VAL C 224 -52.70 26.04 -12.32
C VAL C 224 -51.96 26.42 -11.04
N GLU C 225 -51.64 25.42 -10.22
CA GLU C 225 -50.96 25.64 -8.95
C GLU C 225 -49.70 24.78 -8.92
N LYS C 226 -48.57 25.41 -8.59
CA LYS C 226 -47.27 24.73 -8.51
C LYS C 226 -46.81 24.81 -7.05
N SER C 227 -47.11 23.76 -6.29
CA SER C 227 -46.73 23.70 -4.88
C SER C 227 -45.32 23.16 -4.72
N LEU C 228 -44.71 23.47 -3.58
CA LEU C 228 -43.37 23.02 -3.27
C LEU C 228 -43.23 22.89 -1.76
N SER C 229 -42.18 22.18 -1.34
CA SER C 229 -41.89 21.95 0.07
C SER C 229 -40.52 22.54 0.42
N ARG C 230 -40.26 22.64 1.73
CA ARG C 230 -38.99 23.18 2.19
C ARG C 230 -37.87 22.16 2.06
N ALA C 231 -38.16 20.88 2.32
CA ALA C 231 -37.15 19.84 2.22
C ALA C 231 -36.78 19.50 0.78
N ASP C 232 -37.58 19.94 -0.20
CA ASP C 232 -37.26 19.66 -1.59
C ASP C 232 -36.07 20.48 -2.10
N CYS C 233 -35.79 21.62 -1.47
CA CYS C 233 -34.67 22.46 -1.91
C CYS C 233 -33.35 21.86 -1.44
N SER C 234 -33.08 21.91 -0.14
CA SER C 234 -31.84 21.37 0.41
C SER C 234 -32.06 19.97 0.97
N SER D 19 23.18 80.62 -28.36
CA SER D 19 23.49 79.75 -27.23
C SER D 19 23.05 80.38 -25.92
N GLN D 20 22.41 79.58 -25.07
CA GLN D 20 21.93 80.05 -23.78
C GLN D 20 23.02 79.87 -22.72
N ALA D 21 22.71 80.28 -21.50
CA ALA D 21 23.65 80.17 -20.39
C ALA D 21 23.62 78.77 -19.81
N VAL D 22 24.79 78.12 -19.78
CA VAL D 22 24.93 76.77 -19.25
C VAL D 22 25.76 76.85 -17.98
N VAL D 23 25.12 76.63 -16.84
CA VAL D 23 25.79 76.67 -15.55
C VAL D 23 26.28 75.26 -15.21
N THR D 24 27.60 75.10 -15.13
CA THR D 24 28.23 73.82 -14.82
C THR D 24 28.74 73.87 -13.38
N GLN D 25 28.16 73.05 -12.51
CA GLN D 25 28.56 73.00 -11.11
C GLN D 25 29.36 71.73 -10.91
N GLU D 26 29.48 71.30 -9.66
CA GLU D 26 30.23 70.08 -9.32
C GLU D 26 29.40 68.81 -9.24
N SER D 27 30.10 67.69 -9.13
CA SER D 27 29.44 66.39 -9.05
C SER D 27 29.09 65.91 -7.64
N ALA D 28 30.11 65.64 -6.83
CA ALA D 28 29.91 65.19 -5.46
C ALA D 28 31.11 65.67 -4.65
N LEU D 29 30.84 66.26 -3.49
CA LEU D 29 31.87 66.77 -2.60
C LEU D 29 31.75 66.10 -1.24
N THR D 30 32.90 65.78 -0.65
CA THR D 30 32.96 65.13 0.66
C THR D 30 33.58 66.08 1.68
N THR D 31 33.11 65.98 2.91
CA THR D 31 33.60 66.80 4.01
C THR D 31 33.54 66.01 5.30
N SER D 32 33.87 66.67 6.40
CA SER D 32 33.86 66.04 7.72
C SER D 32 33.54 67.11 8.76
N PRO D 33 32.79 66.77 9.81
CA PRO D 33 32.48 67.76 10.85
C PRO D 33 33.72 68.24 11.59
N GLY D 34 34.24 69.40 11.18
CA GLY D 34 35.43 69.96 11.81
C GLY D 34 36.27 70.79 10.87
N GLU D 35 35.96 70.72 9.57
CA GLU D 35 36.68 71.44 8.55
C GLU D 35 35.79 72.56 7.99
N THR D 36 36.04 72.96 6.74
CA THR D 36 35.28 74.02 6.09
C THR D 36 35.12 73.66 4.62
N VAL D 37 33.87 73.50 4.18
CA VAL D 37 33.57 73.16 2.79
C VAL D 37 33.14 74.44 2.08
N THR D 38 33.66 74.63 0.87
CA THR D 38 33.35 75.80 0.05
C THR D 38 32.86 75.33 -1.31
N LEU D 39 31.65 75.75 -1.67
CA LEU D 39 31.04 75.38 -2.94
C LEU D 39 31.23 76.53 -3.94
N THR D 40 31.77 76.21 -5.11
CA THR D 40 32.01 77.18 -6.15
C THR D 40 31.02 77.00 -7.29
N CYS D 41 30.84 78.07 -8.06
CA CYS D 41 29.93 78.07 -9.21
C CYS D 41 30.55 78.91 -10.31
N ARG D 42 30.93 78.27 -11.41
CA ARG D 42 31.56 78.95 -12.54
C ARG D 42 30.53 79.12 -13.66
N SER D 43 30.49 80.32 -14.24
CA SER D 43 29.56 80.60 -15.33
C SER D 43 30.14 80.14 -16.66
N SER D 44 29.56 80.62 -17.76
CA SER D 44 30.02 80.24 -19.10
C SER D 44 29.98 81.44 -20.04
N THR D 45 28.97 82.28 -19.89
CA THR D 45 28.84 83.46 -20.76
C THR D 45 29.84 84.55 -20.37
N GLY D 46 30.06 84.75 -19.07
CA GLY D 46 30.98 85.76 -18.62
C GLY D 46 31.37 85.60 -17.16
N ALA D 47 31.60 86.72 -16.48
CA ALA D 47 31.99 86.71 -15.08
C ALA D 47 30.78 86.96 -14.19
N VAL D 48 30.91 86.58 -12.92
CA VAL D 48 29.86 86.74 -11.93
C VAL D 48 30.26 87.89 -11.02
N THR D 49 29.57 89.03 -11.16
CA THR D 49 29.81 90.23 -10.37
C THR D 49 28.67 90.41 -9.38
N THR D 50 28.41 91.64 -8.96
CA THR D 50 27.35 91.93 -8.01
C THR D 50 25.98 92.06 -8.66
N SER D 51 25.96 92.07 -10.00
CA SER D 51 24.68 92.14 -10.76
C SER D 51 24.02 90.75 -10.75
N ASN D 52 24.81 89.68 -10.90
CA ASN D 52 24.25 88.31 -10.80
C ASN D 52 23.87 88.07 -9.35
N TYR D 53 22.56 88.01 -9.05
CA TYR D 53 22.10 87.76 -7.66
C TYR D 53 22.33 86.29 -7.34
N ALA D 54 23.48 85.98 -6.72
CA ALA D 54 23.79 84.58 -6.44
C ALA D 54 22.85 84.04 -5.37
N ASN D 55 22.27 82.89 -5.62
CA ASN D 55 21.34 82.25 -4.70
C ASN D 55 21.74 80.79 -4.50
N TRP D 56 21.42 80.26 -3.31
CA TRP D 56 21.73 78.88 -2.95
C TRP D 56 20.49 78.27 -2.32
N VAL D 57 19.84 77.37 -3.05
CA VAL D 57 18.64 76.69 -2.59
C VAL D 57 19.01 75.28 -2.17
N GLN D 58 18.68 74.92 -0.93
CA GLN D 58 18.97 73.61 -0.40
C GLN D 58 17.81 72.66 -0.68
N GLU D 59 18.11 71.50 -1.26
CA GLU D 59 17.11 70.50 -1.61
C GLU D 59 17.16 69.40 -0.56
N LYS D 60 16.23 69.46 0.40
CA LYS D 60 16.17 68.43 1.42
C LYS D 60 15.49 67.18 0.90
N PRO D 61 15.86 66.00 1.43
CA PRO D 61 15.27 64.76 0.90
C PRO D 61 13.77 64.64 1.10
N ASP D 62 13.21 65.30 2.12
CA ASP D 62 11.79 65.23 2.41
C ASP D 62 10.97 66.24 1.61
N HIS D 63 11.49 66.70 0.47
CA HIS D 63 10.80 67.63 -0.41
C HIS D 63 10.41 68.92 0.33
N LEU D 64 11.38 69.46 1.06
CA LEU D 64 11.21 70.71 1.82
C LEU D 64 12.38 71.63 1.48
N PHE D 65 12.20 72.45 0.45
CA PHE D 65 13.26 73.37 0.04
C PHE D 65 13.41 74.50 1.06
N THR D 66 14.65 74.97 1.21
CA THR D 66 14.97 76.03 2.14
C THR D 66 16.01 76.95 1.51
N GLY D 67 15.67 78.23 1.39
CA GLY D 67 16.58 79.20 0.80
C GLY D 67 17.56 79.77 1.80
N LEU D 68 18.82 79.35 1.71
CA LEU D 68 19.84 79.83 2.63
C LEU D 68 20.53 81.18 2.44
N ILE D 69 21.39 81.28 1.44
CA ILE D 69 22.11 82.52 1.15
C ILE D 69 21.45 82.93 -0.16
N GLY D 70 20.72 84.04 -0.13
CA GLY D 70 20.05 84.53 -1.32
C GLY D 70 20.32 85.99 -1.60
N GLY D 71 21.31 86.27 -2.43
CA GLY D 71 21.66 87.63 -2.77
C GLY D 71 23.07 88.01 -2.37
N THR D 72 24.02 87.09 -2.62
CA THR D 72 25.42 87.29 -2.28
C THR D 72 25.36 87.72 -0.82
N ASN D 73 25.79 88.95 -0.54
CA ASN D 73 25.78 89.49 0.81
C ASN D 73 24.46 89.63 1.56
N ASN D 74 23.33 89.37 0.90
CA ASN D 74 22.03 89.49 1.54
C ASN D 74 21.74 88.24 2.37
N ARG D 75 21.18 88.45 3.56
CA ARG D 75 20.86 87.36 4.47
C ARG D 75 19.37 87.03 4.35
N ALA D 76 18.91 86.14 5.25
CA ALA D 76 17.53 85.71 5.27
C ALA D 76 17.18 85.24 6.68
N PRO D 77 15.96 85.50 7.15
CA PRO D 77 15.59 85.04 8.49
C PRO D 77 15.56 83.53 8.58
N GLY D 78 16.08 83.00 9.68
CA GLY D 78 16.13 81.57 9.90
C GLY D 78 17.40 80.89 9.44
N VAL D 79 18.30 81.62 8.77
CA VAL D 79 19.55 81.05 8.28
C VAL D 79 20.63 81.22 9.36
N PRO D 80 21.34 80.16 9.74
CA PRO D 80 22.38 80.28 10.74
C PRO D 80 23.53 81.16 10.26
N ALA D 81 24.34 81.61 11.22
CA ALA D 81 25.47 82.47 10.91
C ALA D 81 26.66 81.72 10.31
N ARG D 82 26.61 80.39 10.26
CA ARG D 82 27.70 79.61 9.69
C ARG D 82 27.73 79.64 8.17
N PHE D 83 26.66 80.11 7.52
CA PHE D 83 26.59 80.19 6.08
C PHE D 83 26.95 81.60 5.63
N SER D 84 27.86 81.69 4.66
CA SER D 84 28.30 82.98 4.12
C SER D 84 28.60 82.83 2.65
N GLY D 85 28.32 83.89 1.89
CA GLY D 85 28.56 83.90 0.46
C GLY D 85 29.44 85.03 0.01
N SER D 86 30.52 84.72 -0.71
CA SER D 86 31.45 85.71 -1.21
C SER D 86 31.63 85.51 -2.72
N LEU D 87 32.32 86.47 -3.33
CA LEU D 87 32.60 86.47 -4.77
C LEU D 87 34.10 86.52 -4.95
N ILE D 88 34.74 85.34 -4.98
CA ILE D 88 36.18 85.24 -5.15
C ILE D 88 36.47 85.30 -6.65
N GLY D 89 36.96 86.45 -7.11
CA GLY D 89 37.27 86.64 -8.51
C GLY D 89 36.03 86.73 -9.39
N ASP D 90 35.57 85.59 -9.90
CA ASP D 90 34.40 85.57 -10.76
C ASP D 90 33.50 84.37 -10.49
N LYS D 91 33.64 83.72 -9.33
CA LYS D 91 32.84 82.56 -8.97
C LYS D 91 32.16 82.82 -7.63
N ALA D 92 30.94 82.27 -7.49
CA ALA D 92 30.17 82.42 -6.27
C ALA D 92 30.62 81.36 -5.27
N ALA D 93 31.33 81.79 -4.24
CA ALA D 93 31.85 80.89 -3.20
C ALA D 93 30.88 80.88 -2.03
N LEU D 94 30.57 79.68 -1.52
CA LEU D 94 29.68 79.50 -0.39
C LEU D 94 30.48 78.87 0.75
N THR D 95 30.98 79.72 1.65
CA THR D 95 31.77 79.24 2.78
C THR D 95 30.85 78.80 3.90
N ILE D 96 30.94 77.52 4.26
CA ILE D 96 30.13 76.93 5.32
C ILE D 96 31.08 76.49 6.42
N THR D 97 31.07 77.21 7.54
CA THR D 97 31.94 76.91 8.68
C THR D 97 31.28 75.81 9.50
N GLY D 98 31.59 74.57 9.16
CA GLY D 98 31.05 73.41 9.84
C GLY D 98 30.39 72.44 8.88
N ALA D 99 30.04 71.28 9.43
CA ALA D 99 29.40 70.21 8.66
C ALA D 99 28.51 69.42 9.62
N GLN D 100 27.28 69.91 9.79
CA GLN D 100 26.32 69.27 10.68
C GLN D 100 25.60 68.13 9.95
N THR D 101 24.73 67.43 10.67
CA THR D 101 23.99 66.32 10.10
C THR D 101 22.81 66.78 9.25
N GLU D 102 22.39 68.04 9.37
CA GLU D 102 21.28 68.57 8.61
C GLU D 102 21.73 69.35 7.37
N ASP D 103 23.02 69.39 7.09
CA ASP D 103 23.55 70.11 5.94
C ASP D 103 23.82 69.20 4.74
N GLU D 104 23.71 67.89 4.92
CA GLU D 104 23.96 66.94 3.82
C GLU D 104 22.73 66.93 2.92
N ALA D 105 22.80 67.71 1.84
CA ALA D 105 21.69 67.81 0.89
C ALA D 105 22.28 68.19 -0.47
N ILE D 106 21.44 68.76 -1.33
CA ILE D 106 21.83 69.17 -2.68
C ILE D 106 21.57 70.66 -2.81
N TYR D 107 22.60 71.40 -3.24
CA TYR D 107 22.51 72.84 -3.43
C TYR D 107 22.43 73.18 -4.92
N PHE D 108 22.07 74.43 -5.19
CA PHE D 108 21.95 74.91 -6.56
C PHE D 108 22.59 76.28 -6.67
N CYS D 109 22.86 76.69 -7.90
CA CYS D 109 23.47 77.98 -8.21
C CYS D 109 22.53 78.75 -9.14
N ALA D 110 21.81 79.72 -8.58
CA ALA D 110 20.86 80.53 -9.33
C ALA D 110 21.45 81.91 -9.55
N LEU D 111 21.53 82.33 -10.81
CA LEU D 111 22.08 83.62 -11.17
C LEU D 111 21.05 84.39 -12.00
N TRP D 112 21.51 85.38 -12.76
CA TRP D 112 20.62 86.20 -13.58
C TRP D 112 21.26 86.48 -14.93
N TYR D 113 20.62 85.98 -15.99
CA TYR D 113 21.11 86.20 -17.35
C TYR D 113 19.91 86.33 -18.28
N SER D 114 20.01 87.29 -19.22
CA SER D 114 18.97 87.55 -20.20
C SER D 114 17.63 87.84 -19.54
N ASN D 115 17.67 88.57 -18.42
CA ASN D 115 16.48 88.99 -17.69
C ASN D 115 15.63 87.80 -17.23
N HIS D 116 16.29 86.69 -16.88
CA HIS D 116 15.59 85.53 -16.36
C HIS D 116 16.54 84.71 -15.50
N TRP D 117 15.97 83.83 -14.69
CA TRP D 117 16.75 83.00 -13.80
C TRP D 117 17.30 81.79 -14.55
N VAL D 118 18.57 81.49 -14.34
CA VAL D 118 19.25 80.36 -14.97
C VAL D 118 19.70 79.40 -13.89
N PHE D 119 19.28 78.14 -14.01
CA PHE D 119 19.62 77.09 -13.04
C PHE D 119 20.56 76.08 -13.70
N GLY D 120 20.57 74.87 -13.18
CA GLY D 120 21.43 73.83 -13.73
C GLY D 120 21.39 72.59 -12.87
N GLY D 121 22.34 71.69 -13.13
CA GLY D 121 22.43 70.46 -12.37
C GLY D 121 22.98 70.70 -10.98
N GLY D 122 22.23 70.26 -9.97
CA GLY D 122 22.65 70.45 -8.60
C GLY D 122 23.81 69.54 -8.22
N THR D 123 24.50 69.92 -7.14
CA THR D 123 25.64 69.18 -6.62
C THR D 123 25.23 68.52 -5.31
N LYS D 124 25.40 67.20 -5.24
CA LYS D 124 25.06 66.44 -4.04
C LYS D 124 26.23 66.48 -3.07
N LEU D 125 26.01 67.12 -1.92
CA LEU D 125 27.04 67.22 -0.89
C LEU D 125 26.95 66.03 0.06
N THR D 126 28.09 65.43 0.36
CA THR D 126 28.18 64.28 1.24
C THR D 126 28.95 64.67 2.49
N VAL D 127 28.33 64.46 3.66
CA VAL D 127 28.93 64.77 4.95
C VAL D 127 29.21 63.46 5.65
N LEU D 128 30.48 63.04 5.66
CA LEU D 128 30.87 61.79 6.30
C LEU D 128 30.91 62.00 7.80
N GLY D 129 29.90 61.48 8.50
CA GLY D 129 29.82 61.62 9.94
C GLY D 129 29.96 60.30 10.67
N GLN D 130 28.90 59.49 10.66
CA GLN D 130 28.93 58.21 11.34
C GLN D 130 29.72 57.19 10.52
N PRO D 131 30.41 56.26 11.19
CA PRO D 131 31.17 55.24 10.46
C PRO D 131 30.25 54.30 9.68
N LYS D 132 30.86 53.61 8.72
CA LYS D 132 30.11 52.69 7.88
C LYS D 132 29.77 51.41 8.65
N SER D 133 28.88 50.62 8.07
CA SER D 133 28.46 49.36 8.68
C SER D 133 28.48 48.28 7.60
N SER D 134 27.71 47.21 7.82
CA SER D 134 27.63 46.12 6.86
C SER D 134 26.32 46.18 6.08
N PRO D 135 26.36 46.18 4.75
CA PRO D 135 25.12 46.24 3.98
C PRO D 135 24.36 44.92 4.05
N SER D 136 23.04 45.02 3.98
CA SER D 136 22.15 43.86 4.01
C SER D 136 21.69 43.55 2.60
N VAL D 137 21.97 42.33 2.14
CA VAL D 137 21.61 41.87 0.81
C VAL D 137 20.56 40.77 0.95
N THR D 138 19.42 40.96 0.31
CA THR D 138 18.32 39.99 0.35
C THR D 138 17.63 39.99 -1.00
N LEU D 139 17.72 38.87 -1.71
CA LEU D 139 17.10 38.72 -3.01
C LEU D 139 15.72 38.09 -2.86
N PHE D 140 14.72 38.69 -3.50
CA PHE D 140 13.35 38.21 -3.44
C PHE D 140 12.96 37.56 -4.76
N PRO D 141 12.88 36.23 -4.83
CA PRO D 141 12.49 35.58 -6.08
C PRO D 141 11.01 35.76 -6.34
N PRO D 142 10.59 35.75 -7.59
CA PRO D 142 9.15 35.91 -7.89
C PRO D 142 8.36 34.69 -7.47
N SER D 143 7.11 34.94 -7.07
CA SER D 143 6.22 33.87 -6.63
C SER D 143 5.54 33.22 -7.83
N SER D 144 4.58 32.34 -7.57
CA SER D 144 3.86 31.66 -8.64
C SER D 144 2.76 32.51 -9.25
N GLU D 145 2.32 33.56 -8.56
CA GLU D 145 1.27 34.42 -9.10
C GLU D 145 1.78 35.30 -10.23
N GLU D 146 3.08 35.61 -10.23
CA GLU D 146 3.63 36.46 -11.28
C GLU D 146 3.98 35.65 -12.53
N LEU D 147 4.35 34.39 -12.37
CA LEU D 147 4.72 33.55 -13.51
C LEU D 147 3.52 33.16 -14.36
N GLU D 148 2.30 33.39 -13.88
CA GLU D 148 1.12 33.03 -14.67
C GLU D 148 0.93 33.97 -15.86
N THR D 149 1.41 35.21 -15.75
CA THR D 149 1.30 36.18 -16.81
C THR D 149 2.57 36.26 -17.67
N ASN D 150 3.41 35.22 -17.63
CA ASN D 150 4.65 35.16 -18.40
C ASN D 150 5.55 36.35 -18.08
N LYS D 151 5.70 36.63 -16.78
CA LYS D 151 6.52 37.73 -16.31
C LYS D 151 7.34 37.27 -15.11
N ALA D 152 8.46 37.94 -14.89
CA ALA D 152 9.35 37.62 -13.79
C ALA D 152 10.13 38.86 -13.40
N THR D 153 10.22 39.13 -12.10
CA THR D 153 10.93 40.30 -11.60
C THR D 153 11.61 39.93 -10.29
N LEU D 154 12.91 40.16 -10.20
CA LEU D 154 13.70 39.90 -9.00
C LEU D 154 14.06 41.21 -8.33
N VAL D 155 13.91 41.27 -7.01
CA VAL D 155 14.19 42.46 -6.22
C VAL D 155 15.30 42.14 -5.23
N CYS D 156 16.36 42.94 -5.25
CA CYS D 156 17.49 42.81 -4.33
C CYS D 156 17.57 44.10 -3.52
N THR D 157 16.95 44.11 -2.35
CA THR D 157 16.94 45.29 -1.49
C THR D 157 18.30 45.46 -0.83
N ILE D 158 18.83 46.68 -0.86
CA ILE D 158 20.12 47.01 -0.27
C ILE D 158 19.88 48.07 0.79
N THR D 159 20.12 47.72 2.05
CA THR D 159 19.95 48.62 3.18
C THR D 159 21.23 48.65 4.01
N ASP D 160 21.21 49.46 5.06
CA ASP D 160 22.34 49.61 5.99
C ASP D 160 23.60 50.07 5.26
N PHE D 161 23.53 51.31 4.79
CA PHE D 161 24.66 51.93 4.11
C PHE D 161 24.55 53.45 4.00
N TYR D 162 25.60 54.15 4.43
CA TYR D 162 25.61 55.63 4.30
C TYR D 162 25.95 56.02 2.86
N PRO D 163 27.11 55.58 2.29
CA PRO D 163 27.42 55.89 0.89
C PRO D 163 26.86 54.83 -0.07
N GLY D 164 25.87 55.20 -0.87
CA GLY D 164 25.31 54.27 -1.88
C GLY D 164 26.38 53.86 -2.87
N VAL D 165 26.66 52.57 -2.97
CA VAL D 165 27.75 52.08 -3.88
C VAL D 165 27.20 51.92 -5.30
N VAL D 166 28.10 51.80 -6.29
CA VAL D 166 27.66 51.66 -7.71
C VAL D 166 26.84 50.37 -7.86
N THR D 167 25.83 50.39 -8.73
CA THR D 167 24.99 49.18 -8.96
C THR D 167 25.84 48.11 -9.67
N VAL D 168 25.47 46.84 -9.54
CA VAL D 168 26.26 45.74 -10.15
C VAL D 168 25.36 44.94 -11.10
N ASP D 169 25.94 44.36 -12.16
CA ASP D 169 25.15 43.61 -13.16
C ASP D 169 24.59 42.35 -12.50
N TRP D 170 23.36 41.95 -12.87
CA TRP D 170 22.80 40.68 -12.34
C TRP D 170 23.49 39.55 -13.11
N LYS D 171 24.59 39.01 -12.57
CA LYS D 171 25.35 37.99 -13.29
C LYS D 171 24.63 36.66 -13.17
N VAL D 172 24.16 36.14 -14.29
CA VAL D 172 23.43 34.87 -14.34
C VAL D 172 24.30 33.87 -15.10
N ASP D 173 24.60 32.74 -14.46
CA ASP D 173 25.42 31.67 -15.03
C ASP D 173 26.79 32.20 -15.44
N GLY D 174 27.35 33.11 -14.63
CA GLY D 174 28.65 33.67 -14.92
C GLY D 174 28.70 34.59 -16.12
N THR D 175 27.55 35.13 -16.54
CA THR D 175 27.51 36.02 -17.69
C THR D 175 26.56 37.19 -17.42
N PRO D 176 27.08 38.40 -17.28
CA PRO D 176 26.20 39.55 -17.03
C PRO D 176 25.32 39.84 -18.23
N VAL D 177 24.13 40.37 -17.95
CA VAL D 177 23.16 40.72 -18.98
C VAL D 177 22.93 42.22 -18.96
N THR D 178 22.43 42.74 -20.08
CA THR D 178 22.15 44.16 -20.22
C THR D 178 20.69 44.48 -20.49
N GLN D 179 19.86 43.47 -20.79
CA GLN D 179 18.44 43.70 -21.07
C GLN D 179 17.71 43.89 -19.74
N GLY D 180 17.21 45.10 -19.52
CA GLY D 180 16.48 45.41 -18.30
C GLY D 180 17.39 45.55 -17.09
N MET D 181 18.30 46.52 -17.13
CA MET D 181 19.24 46.78 -16.04
C MET D 181 19.14 48.25 -15.66
N GLU D 182 18.41 48.53 -14.58
CA GLU D 182 18.21 49.89 -14.10
C GLU D 182 18.58 49.96 -12.62
N THR D 183 18.69 51.18 -12.11
CA THR D 183 19.03 51.41 -10.71
C THR D 183 18.29 52.64 -10.23
N THR D 184 17.53 52.50 -9.15
CA THR D 184 16.77 53.61 -8.60
C THR D 184 17.69 54.57 -7.84
N GLN D 185 17.14 55.72 -7.49
CA GLN D 185 17.91 56.72 -6.76
C GLN D 185 17.81 56.49 -5.26
N PRO D 186 18.92 56.61 -4.53
CA PRO D 186 18.87 56.42 -3.08
C PRO D 186 18.02 57.48 -2.39
N SER D 187 17.42 57.09 -1.28
CA SER D 187 16.57 57.98 -0.49
C SER D 187 17.03 57.96 0.96
N LYS D 188 16.72 59.06 1.66
CA LYS D 188 17.10 59.21 3.06
C LYS D 188 15.99 58.66 3.94
N GLN D 189 16.28 57.56 4.64
CA GLN D 189 15.32 56.93 5.54
C GLN D 189 15.60 57.37 6.98
N SER D 190 15.12 56.59 7.94
CA SER D 190 15.31 56.92 9.35
C SER D 190 16.67 56.38 9.82
N ASN D 191 16.97 56.62 11.09
CA ASN D 191 18.20 56.17 11.75
C ASN D 191 19.45 56.71 11.07
N ASN D 192 19.32 57.85 10.36
CA ASN D 192 20.44 58.49 9.68
C ASN D 192 21.11 57.54 8.69
N LYS D 193 20.30 56.78 7.96
CA LYS D 193 20.78 55.82 6.97
C LYS D 193 20.05 56.04 5.65
N TYR D 194 20.35 55.18 4.68
CA TYR D 194 19.74 55.25 3.37
C TYR D 194 19.21 53.88 2.99
N MET D 195 18.43 53.84 1.90
CA MET D 195 17.84 52.59 1.43
C MET D 195 17.76 52.63 -0.09
N ALA D 196 17.93 51.46 -0.69
CA ALA D 196 17.87 51.33 -2.15
C ALA D 196 17.52 49.90 -2.49
N SER D 197 17.26 49.67 -3.78
CA SER D 197 16.89 48.34 -4.27
C SER D 197 17.22 48.28 -5.76
N SER D 198 16.99 47.10 -6.35
CA SER D 198 17.23 46.88 -7.77
C SER D 198 16.15 45.97 -8.32
N TYR D 199 15.88 46.11 -9.61
CA TYR D 199 14.86 45.33 -10.29
C TYR D 199 15.43 44.70 -11.55
N LEU D 200 15.02 43.48 -11.83
CA LEU D 200 15.48 42.72 -13.01
C LEU D 200 14.25 42.07 -13.64
N THR D 201 13.70 42.71 -14.66
CA THR D 201 12.52 42.21 -15.36
C THR D 201 12.95 41.15 -16.36
N LEU D 202 12.52 39.91 -16.15
CA LEU D 202 12.84 38.79 -17.03
C LEU D 202 11.55 38.11 -17.44
N THR D 203 11.70 37.03 -18.22
CA THR D 203 10.57 36.26 -18.70
C THR D 203 10.41 34.97 -17.90
N ALA D 204 9.22 34.40 -17.96
CA ALA D 204 8.93 33.16 -17.24
C ALA D 204 9.56 31.94 -17.89
N ARG D 205 9.90 32.02 -19.18
CA ARG D 205 10.52 30.87 -19.85
C ARG D 205 11.96 30.68 -19.42
N ALA D 206 12.64 31.77 -19.04
CA ALA D 206 14.03 31.68 -18.60
C ALA D 206 14.17 31.24 -17.15
N TRP D 207 13.10 31.31 -16.37
CA TRP D 207 13.17 30.89 -14.97
C TRP D 207 13.23 29.38 -14.82
N GLU D 208 12.53 28.64 -15.68
CA GLU D 208 12.55 27.18 -15.61
C GLU D 208 13.87 26.59 -16.09
N ARG D 209 14.60 27.29 -16.95
CA ARG D 209 15.87 26.79 -17.46
C ARG D 209 17.05 27.20 -16.58
N HIS D 210 17.09 28.46 -16.15
CA HIS D 210 18.17 28.93 -15.30
C HIS D 210 17.91 28.56 -13.84
N SER D 211 18.99 28.47 -13.07
CA SER D 211 18.89 28.10 -11.66
C SER D 211 20.05 28.71 -10.88
N SER D 212 20.43 29.94 -11.23
CA SER D 212 21.52 30.62 -10.54
C SER D 212 21.26 32.11 -10.61
N TYR D 213 20.80 32.69 -9.49
CA TYR D 213 20.51 34.12 -9.40
C TYR D 213 21.21 34.67 -8.16
N SER D 214 22.06 35.67 -8.37
CA SER D 214 22.83 36.29 -7.29
C SER D 214 22.65 37.80 -7.37
N CYS D 215 23.20 38.50 -6.37
CA CYS D 215 23.14 39.95 -6.30
C CYS D 215 24.51 40.32 -5.73
N GLN D 216 25.41 40.73 -6.61
CA GLN D 216 26.77 41.09 -6.18
C GLN D 216 26.73 42.56 -5.80
N VAL D 217 27.15 42.86 -4.57
CA VAL D 217 27.18 44.22 -4.06
C VAL D 217 28.62 44.53 -3.63
N THR D 218 29.18 45.60 -4.19
CA THR D 218 30.54 46.04 -3.89
C THR D 218 30.47 47.38 -3.18
N HIS D 219 30.69 47.35 -1.86
CA HIS D 219 30.66 48.59 -1.04
C HIS D 219 32.07 48.89 -0.54
N GLU D 220 32.80 49.74 -1.27
CA GLU D 220 34.17 50.13 -0.92
C GLU D 220 34.94 48.82 -0.77
N GLY D 221 35.00 48.05 -1.85
CA GLY D 221 35.81 46.86 -1.93
C GLY D 221 35.20 45.63 -1.29
N HIS D 222 34.27 45.81 -0.36
CA HIS D 222 33.62 44.67 0.31
C HIS D 222 32.61 44.04 -0.64
N THR D 223 32.93 42.84 -1.14
CA THR D 223 32.06 42.12 -2.06
C THR D 223 31.14 41.21 -1.24
N VAL D 224 29.86 41.55 -1.22
CA VAL D 224 28.84 40.79 -0.50
C VAL D 224 27.88 40.22 -1.54
N GLU D 225 27.92 38.90 -1.70
CA GLU D 225 27.07 38.21 -2.66
C GLU D 225 26.27 37.12 -1.94
N LYS D 226 24.96 37.12 -2.17
CA LYS D 226 24.05 36.14 -1.56
C LYS D 226 23.44 35.32 -2.69
N SER D 227 24.05 34.17 -2.96
CA SER D 227 23.58 33.29 -4.02
C SER D 227 22.51 32.34 -3.50
N LEU D 228 21.70 31.83 -4.44
CA LEU D 228 20.64 30.89 -4.10
C LEU D 228 20.40 29.96 -5.28
N SER D 229 19.69 28.87 -5.02
CA SER D 229 19.37 27.88 -6.03
C SER D 229 17.86 27.75 -6.18
N ARG D 230 17.44 27.08 -7.25
CA ARG D 230 16.01 26.89 -7.51
C ARG D 230 15.43 25.81 -6.61
N ALA D 231 16.19 24.74 -6.36
CA ALA D 231 15.71 23.65 -5.53
C ALA D 231 15.65 24.02 -4.04
N ASP D 232 16.30 25.11 -3.63
CA ASP D 232 16.27 25.51 -2.24
C ASP D 232 14.93 26.08 -1.82
N CYS D 233 14.14 26.59 -2.76
CA CYS D 233 12.83 27.15 -2.44
C CYS D 233 11.82 26.03 -2.18
N SER D 234 11.42 25.32 -3.22
CA SER D 234 10.46 24.23 -3.09
C SER D 234 11.17 22.89 -3.02
N ALA E 36 54.71 -43.70 29.41
CA ALA E 36 55.79 -44.07 30.31
C ALA E 36 55.49 -45.39 31.02
N LEU E 37 54.39 -46.04 30.60
CA LEU E 37 53.97 -47.30 31.17
C LEU E 37 53.37 -48.19 30.09
N ARG E 38 53.33 -49.49 30.37
CA ARG E 38 52.80 -50.48 29.45
C ARG E 38 51.74 -51.31 30.18
N VAL E 39 51.14 -52.24 29.46
CA VAL E 39 50.12 -53.11 30.03
C VAL E 39 50.05 -54.37 29.18
N GLU E 40 50.00 -55.52 29.84
CA GLU E 40 49.91 -56.79 29.12
C GLU E 40 48.57 -56.88 28.41
N GLY E 41 48.62 -57.31 27.14
CA GLY E 41 47.42 -57.33 26.32
C GLY E 41 46.44 -58.42 26.67
N GLY E 42 46.90 -59.49 27.31
CA GLY E 42 46.04 -60.60 27.64
C GLY E 42 45.76 -61.47 26.43
N PRO E 43 44.89 -62.46 26.58
CA PRO E 43 44.54 -63.33 25.46
C PRO E 43 43.85 -62.55 24.36
N PRO E 44 44.24 -62.75 23.10
CA PRO E 44 43.56 -62.05 22.00
C PRO E 44 42.13 -62.51 21.79
N SER E 45 41.79 -63.71 22.23
CA SER E 45 40.44 -64.23 22.13
C SER E 45 40.15 -65.06 23.37
N LEU E 46 38.91 -65.51 23.51
CA LEU E 46 38.54 -66.29 24.68
C LEU E 46 37.30 -67.13 24.33
N THR E 47 37.20 -68.27 25.00
CA THR E 47 36.07 -69.17 24.79
C THR E 47 35.51 -69.58 26.14
N VAL E 48 34.20 -69.78 26.19
CA VAL E 48 33.52 -70.17 27.43
C VAL E 48 32.23 -70.87 27.06
N ASN E 49 31.86 -71.87 27.86
CA ASN E 49 30.60 -72.57 27.66
C ASN E 49 29.42 -71.68 28.05
N LEU E 50 28.30 -71.86 27.36
CA LEU E 50 27.09 -71.13 27.69
C LEU E 50 26.63 -71.50 29.10
N GLY E 51 26.24 -70.49 29.87
CA GLY E 51 25.83 -70.73 31.24
C GLY E 51 26.96 -70.95 32.21
N GLU E 52 28.21 -70.74 31.78
CA GLU E 52 29.38 -70.90 32.63
C GLU E 52 30.07 -69.56 32.82
N GLU E 53 30.67 -69.37 33.99
CA GLU E 53 31.30 -68.10 34.32
C GLU E 53 32.51 -67.85 33.42
N ALA E 54 32.66 -66.60 33.00
CA ALA E 54 33.80 -66.16 32.21
C ALA E 54 34.45 -64.98 32.92
N ARG E 55 35.75 -65.10 33.20
CA ARG E 55 36.49 -64.09 33.95
C ARG E 55 37.53 -63.46 33.04
N LEU E 56 37.63 -62.15 33.08
CA LEU E 56 38.59 -61.51 32.16
C LEU E 56 39.92 -61.31 32.90
N THR E 57 40.81 -60.50 32.35
CA THR E 57 42.08 -60.19 33.00
C THR E 57 42.63 -58.89 32.45
N CYS E 58 43.35 -58.16 33.30
CA CYS E 58 44.11 -56.97 32.90
C CYS E 58 45.38 -56.91 33.76
N GLU E 59 46.50 -57.33 33.18
CA GLU E 59 47.79 -57.35 33.87
C GLU E 59 48.57 -56.10 33.49
N ASN E 60 49.11 -55.41 34.50
CA ASN E 60 49.86 -54.18 34.26
C ASN E 60 50.96 -54.06 35.30
N ASN E 61 51.95 -53.23 34.98
CA ASN E 61 53.11 -53.01 35.84
C ASN E 61 52.86 -51.95 36.91
N GLY E 62 51.71 -51.30 36.90
CA GLY E 62 51.45 -50.24 37.85
C GLY E 62 51.28 -50.76 39.27
N ARG E 63 51.34 -49.82 40.21
CA ARG E 63 51.22 -50.16 41.63
C ARG E 63 49.77 -50.48 41.99
N ASN E 64 48.87 -49.52 41.75
CA ASN E 64 47.44 -49.69 41.98
C ASN E 64 46.68 -48.65 41.18
N PRO E 65 46.73 -48.71 39.84
CA PRO E 65 46.19 -47.63 39.03
C PRO E 65 44.69 -47.74 38.83
N ASN E 66 44.11 -46.67 38.30
CA ASN E 66 42.68 -46.65 38.00
C ASN E 66 42.38 -47.62 36.85
N ILE E 67 41.37 -48.46 37.04
CA ILE E 67 41.06 -49.50 36.01
C ILE E 67 39.65 -49.25 35.44
N THR E 68 39.43 -49.61 34.18
CA THR E 68 38.10 -49.44 33.54
C THR E 68 37.88 -50.55 32.51
N TRP E 69 36.62 -50.91 32.24
CA TRP E 69 36.32 -51.95 31.21
C TRP E 69 35.50 -51.32 30.09
N TRP E 70 36.01 -51.33 28.87
CA TRP E 70 35.32 -50.68 27.74
C TRP E 70 34.95 -51.73 26.70
N PHE E 71 33.74 -52.26 26.80
CA PHE E 71 33.24 -53.22 25.82
C PHE E 71 33.02 -52.54 24.47
N SER E 72 33.22 -53.30 23.40
CA SER E 72 33.03 -52.79 22.05
C SER E 72 32.59 -53.95 21.17
N LEU E 73 32.65 -53.76 19.85
CA LEU E 73 32.30 -54.79 18.88
C LEU E 73 33.47 -54.98 17.92
N GLN E 74 33.29 -55.90 16.99
CA GLN E 74 34.41 -56.33 16.14
C GLN E 74 34.92 -55.21 15.25
N SER E 75 34.01 -54.47 14.62
CA SER E 75 34.39 -53.47 13.63
C SER E 75 34.00 -52.07 14.12
N ASN E 76 34.31 -51.08 13.29
CA ASN E 76 34.00 -49.69 13.60
C ASN E 76 32.51 -49.43 13.47
N ILE E 77 31.78 -49.53 14.58
CA ILE E 77 30.35 -49.33 14.58
C ILE E 77 30.06 -47.93 15.13
N THR E 78 29.00 -47.30 14.61
CA THR E 78 28.70 -45.92 14.95
C THR E 78 28.52 -45.73 16.46
N TRP E 79 28.08 -46.77 17.16
CA TRP E 79 27.96 -46.67 18.61
C TRP E 79 29.33 -46.53 19.25
N PRO E 80 29.47 -45.67 20.25
CA PRO E 80 30.73 -45.59 21.00
C PRO E 80 30.89 -46.81 21.90
N PRO E 81 32.11 -47.09 22.36
CA PRO E 81 32.31 -48.25 23.24
C PRO E 81 31.47 -48.13 24.51
N VAL E 82 30.98 -49.27 24.98
CA VAL E 82 30.08 -49.32 26.13
C VAL E 82 30.92 -49.62 27.37
N PRO E 83 31.10 -48.67 28.29
CA PRO E 83 31.86 -48.96 29.51
C PRO E 83 31.07 -49.85 30.46
N LEU E 84 31.74 -50.86 30.99
CA LEU E 84 31.13 -51.79 31.95
C LEU E 84 31.38 -51.29 33.37
N GLY E 85 31.14 -52.15 34.36
CA GLY E 85 31.41 -51.82 35.73
C GLY E 85 32.90 -51.70 35.99
N PRO E 86 33.25 -51.42 37.24
CA PRO E 86 34.65 -51.11 37.59
C PRO E 86 35.52 -52.33 37.86
N GLY E 87 35.00 -53.55 37.75
CA GLY E 87 35.79 -54.71 38.07
C GLY E 87 35.92 -54.89 39.58
N GLN E 88 36.67 -55.94 39.95
CA GLN E 88 36.90 -56.26 41.35
C GLN E 88 38.34 -56.70 41.54
N GLY E 89 38.87 -56.42 42.73
CA GLY E 89 40.22 -56.82 43.07
C GLY E 89 41.26 -55.84 42.57
N THR E 90 42.50 -56.12 42.95
CA THR E 90 43.61 -55.27 42.54
C THR E 90 43.87 -55.36 41.04
N THR E 91 43.70 -56.54 40.46
CA THR E 91 43.94 -56.76 39.04
C THR E 91 42.94 -56.01 38.15
N GLY E 92 41.66 -56.01 38.51
CA GLY E 92 40.64 -55.47 37.64
C GLY E 92 40.00 -56.54 36.78
N GLN E 93 39.54 -57.62 37.43
CA GLN E 93 38.99 -58.77 36.72
C GLN E 93 37.47 -58.65 36.64
N LEU E 94 36.95 -58.90 35.43
CA LEU E 94 35.47 -58.88 35.25
C LEU E 94 34.90 -60.14 35.85
N PHE E 95 33.59 -60.33 35.76
CA PHE E 95 32.91 -61.54 36.23
C PHE E 95 31.53 -61.58 35.62
N PHE E 96 31.23 -62.67 34.91
CA PHE E 96 29.89 -62.91 34.37
C PHE E 96 29.38 -64.23 34.93
N PRO E 97 28.64 -64.20 36.05
CA PRO E 97 28.18 -65.46 36.65
C PRO E 97 27.40 -66.34 35.69
N GLU E 98 26.56 -65.77 34.83
CA GLU E 98 25.81 -66.53 33.83
C GLU E 98 25.89 -65.74 32.52
N VAL E 99 26.90 -66.04 31.72
CA VAL E 99 27.10 -65.34 30.46
C VAL E 99 26.04 -65.82 29.47
N ASN E 100 25.77 -64.97 28.47
CA ASN E 100 24.77 -65.27 27.46
C ASN E 100 25.37 -65.03 26.08
N LYS E 101 24.63 -65.48 25.06
CA LYS E 101 25.08 -65.37 23.68
C LYS E 101 25.31 -63.92 23.27
N ASN E 102 24.59 -62.98 23.88
CA ASN E 102 24.70 -61.58 23.53
C ASN E 102 26.01 -60.95 23.96
N HIS E 103 26.80 -61.66 24.78
CA HIS E 103 28.03 -61.05 25.37
C HIS E 103 29.27 -61.20 24.47
N ARG E 104 29.12 -61.71 23.25
CA ARG E 104 30.25 -61.78 22.34
C ARG E 104 30.72 -60.39 21.94
N GLY E 105 32.02 -60.20 21.91
CA GLY E 105 32.60 -58.93 21.51
C GLY E 105 33.91 -58.71 22.24
N LEU E 106 34.55 -57.60 21.89
CA LEU E 106 35.80 -57.23 22.55
C LEU E 106 35.54 -56.72 23.96
N TYR E 107 36.49 -56.98 24.86
CA TYR E 107 36.48 -56.45 26.21
C TYR E 107 37.88 -55.93 26.50
N TRP E 108 38.12 -54.66 26.22
CA TRP E 108 39.42 -54.08 26.49
C TRP E 108 39.38 -53.23 27.76
N CYS E 109 40.43 -53.36 28.56
CA CYS E 109 40.53 -52.68 29.83
C CYS E 109 41.32 -51.39 29.71
N GLN E 110 40.84 -50.36 30.39
CA GLN E 110 41.41 -49.02 30.35
C GLN E 110 42.13 -48.75 31.66
N VAL E 111 43.35 -48.25 31.58
CA VAL E 111 44.18 -48.02 32.77
C VAL E 111 44.57 -46.54 32.79
N ILE E 112 44.41 -45.91 33.95
CA ILE E 112 44.83 -44.52 34.17
C ILE E 112 45.79 -44.53 35.33
N GLU E 113 46.98 -43.95 35.13
CA GLU E 113 48.04 -43.94 36.14
C GLU E 113 48.62 -42.53 36.21
N ASN E 114 48.07 -41.71 37.10
CA ASN E 114 48.53 -40.34 37.31
C ASN E 114 48.47 -39.53 36.02
N ASN E 115 47.26 -39.39 35.49
CA ASN E 115 46.98 -38.61 34.28
C ASN E 115 47.76 -39.13 33.07
N ILE E 116 48.03 -40.43 33.05
CA ILE E 116 48.66 -41.10 31.91
C ILE E 116 47.70 -42.18 31.41
N LEU E 117 47.40 -42.13 30.12
CA LEU E 117 46.45 -43.04 29.51
C LEU E 117 47.19 -44.04 28.61
N LYS E 118 46.65 -45.25 28.55
CA LYS E 118 47.21 -46.30 27.71
C LYS E 118 46.13 -47.34 27.43
N ARG E 119 45.99 -47.71 26.16
CA ARG E 119 44.92 -48.61 25.71
C ARG E 119 45.46 -50.03 25.59
N SER E 120 44.64 -50.99 26.02
CA SER E 120 44.99 -52.40 25.87
C SER E 120 44.60 -52.86 24.46
N CYS E 121 44.62 -54.18 24.24
CA CYS E 121 44.29 -54.75 22.94
C CYS E 121 42.86 -55.28 22.87
N GLY E 122 42.42 -56.01 23.89
CA GLY E 122 41.05 -56.48 23.93
C GLY E 122 40.89 -57.97 23.73
N THR E 123 40.12 -58.60 24.60
CA THR E 123 39.80 -60.02 24.50
C THR E 123 38.59 -60.17 23.58
N TYR E 124 38.01 -61.38 23.53
CA TYR E 124 36.78 -61.59 22.77
C TYR E 124 36.05 -62.78 23.39
N LEU E 125 34.96 -62.50 24.10
CA LEU E 125 34.14 -63.57 24.64
C LEU E 125 33.34 -64.24 23.53
N ARG E 126 33.02 -65.52 23.75
CA ARG E 126 32.21 -66.29 22.80
C ARG E 126 31.81 -67.61 23.45
N VAL E 127 30.63 -68.10 23.07
CA VAL E 127 30.13 -69.40 23.51
C VAL E 127 30.20 -70.37 22.33
N ARG E 128 30.29 -71.67 22.65
CA ARG E 128 30.44 -72.69 21.57
C ARG E 128 29.59 -73.93 21.88
N ASN E 129 29.23 -74.15 23.15
CA ASN E 129 28.46 -75.32 23.53
C ASN E 129 29.17 -76.60 23.12
N PRO E 130 30.28 -76.97 23.79
CA PRO E 130 31.07 -78.12 23.35
C PRO E 130 30.35 -79.46 23.53
N VAL E 131 31.02 -80.55 23.16
CA VAL E 131 30.45 -81.89 23.21
C VAL E 131 30.49 -82.41 24.64
N PRO E 132 29.36 -82.78 25.22
CA PRO E 132 29.33 -83.28 26.60
C PRO E 132 29.50 -84.77 26.76
N ARG E 133 30.04 -85.48 25.76
CA ARG E 133 30.09 -86.94 25.79
C ARG E 133 31.53 -87.41 25.92
N PRO E 134 32.02 -87.67 27.13
CA PRO E 134 33.43 -88.07 27.31
C PRO E 134 33.68 -89.57 27.45
N PHE E 135 32.67 -90.41 27.25
CA PHE E 135 32.84 -91.84 27.50
C PHE E 135 33.87 -92.46 26.57
N LEU E 136 33.85 -92.09 25.30
CA LEU E 136 34.58 -92.81 24.26
C LEU E 136 35.98 -92.25 24.01
N ASP E 137 36.75 -92.09 25.09
CA ASP E 137 38.19 -91.79 25.03
C ASP E 137 38.45 -90.52 24.21
N MET E 138 38.04 -89.40 24.79
CA MET E 138 38.10 -88.07 24.17
C MET E 138 39.41 -87.86 23.40
N GLY E 139 39.28 -87.34 22.18
CA GLY E 139 40.47 -87.12 21.31
C GLY E 139 40.31 -87.83 19.98
N GLU E 140 39.99 -87.08 18.91
CA GLU E 140 39.75 -87.72 17.59
C GLU E 140 40.86 -88.73 17.32
N GLY E 141 42.13 -88.27 17.35
CA GLY E 141 43.25 -89.16 17.09
C GLY E 141 43.21 -90.40 17.97
N THR E 142 42.82 -90.23 19.23
CA THR E 142 42.74 -91.39 20.12
C THR E 142 41.76 -92.43 19.60
N LYS E 143 40.52 -92.02 19.29
CA LYS E 143 39.52 -92.99 18.87
C LYS E 143 39.83 -93.60 17.51
N ASN E 144 40.29 -92.79 16.56
CA ASN E 144 40.63 -93.38 15.27
C ASN E 144 41.86 -94.30 15.35
N ARG E 145 42.82 -93.97 16.21
CA ARG E 145 43.97 -94.86 16.39
C ARG E 145 43.55 -96.17 17.03
N ILE E 146 42.67 -96.13 18.03
CA ILE E 146 42.24 -97.39 18.62
C ILE E 146 41.34 -98.14 17.64
N ILE E 147 40.74 -97.44 16.68
CA ILE E 147 39.99 -98.12 15.62
C ILE E 147 40.93 -98.90 14.71
N THR E 148 42.04 -98.27 14.30
CA THR E 148 43.02 -99.01 13.50
C THR E 148 43.60 -100.18 14.28
N ALA E 149 43.92 -99.96 15.57
CA ALA E 149 44.37 -101.06 16.41
C ALA E 149 43.30 -102.13 16.54
N GLU E 150 42.04 -101.73 16.53
CA GLU E 150 40.93 -102.69 16.53
C GLU E 150 41.04 -103.59 15.33
N GLY E 151 41.20 -102.99 14.15
CA GLY E 151 41.30 -103.80 12.94
C GLY E 151 42.48 -104.75 12.99
N ILE E 152 43.66 -104.22 13.33
CA ILE E 152 44.86 -105.05 13.29
C ILE E 152 44.77 -106.19 14.30
N ILE E 153 44.41 -105.89 15.54
CA ILE E 153 44.37 -106.90 16.58
C ILE E 153 43.27 -107.91 16.32
N LEU E 154 42.10 -107.45 15.86
CA LEU E 154 41.02 -108.38 15.57
C LEU E 154 41.40 -109.33 14.45
N LEU E 155 42.05 -108.82 13.39
CA LEU E 155 42.46 -109.68 12.29
C LEU E 155 43.49 -110.70 12.77
N PHE E 156 44.48 -110.27 13.56
CA PHE E 156 45.50 -111.20 14.03
C PHE E 156 44.91 -112.27 14.97
N CYS E 157 44.06 -111.84 15.91
CA CYS E 157 43.45 -112.75 16.87
C CYS E 157 42.32 -113.56 16.26
N ALA E 158 41.95 -113.29 15.02
CA ALA E 158 41.11 -114.23 14.29
C ALA E 158 41.94 -115.19 13.45
N VAL E 159 43.07 -114.72 12.92
CA VAL E 159 43.93 -115.57 12.11
C VAL E 159 44.53 -116.69 12.95
N VAL E 160 45.01 -116.36 14.16
CA VAL E 160 45.63 -117.38 15.00
C VAL E 160 44.68 -118.55 15.29
N PRO E 161 43.39 -118.33 15.58
CA PRO E 161 42.47 -119.47 15.67
C PRO E 161 42.42 -120.33 14.42
N GLY E 162 42.65 -119.76 13.23
CA GLY E 162 42.70 -120.59 12.03
C GLY E 162 43.86 -121.57 12.08
N THR E 163 45.03 -121.10 12.52
CA THR E 163 46.17 -122.00 12.71
C THR E 163 45.85 -123.06 13.76
N LEU E 164 45.20 -122.65 14.86
CA LEU E 164 44.80 -123.62 15.87
C LEU E 164 43.86 -124.66 15.27
N LEU E 165 42.91 -124.22 14.44
CA LEU E 165 41.94 -125.14 13.84
C LEU E 165 42.61 -126.13 12.89
N LEU E 166 43.54 -125.66 12.06
CA LEU E 166 44.20 -126.59 11.14
C LEU E 166 45.08 -127.57 11.90
N PHE E 167 45.77 -127.10 12.94
CA PHE E 167 46.54 -128.02 13.78
C PHE E 167 45.63 -129.06 14.42
N ARG E 168 44.50 -128.60 14.95
CA ARG E 168 43.52 -129.53 15.58
C ARG E 168 43.07 -130.56 14.54
N LYS E 169 42.67 -130.10 13.35
CA LYS E 169 42.17 -131.02 12.33
C LYS E 169 43.21 -132.07 11.99
N ARG E 170 44.47 -131.65 11.82
CA ARG E 170 45.53 -132.61 11.53
C ARG E 170 45.69 -133.60 12.68
N TRP E 171 45.65 -133.10 13.93
CA TRP E 171 45.84 -133.98 15.07
C TRP E 171 44.68 -134.95 15.25
N GLN E 172 43.44 -134.51 15.04
CA GLN E 172 42.32 -135.44 15.16
C GLN E 172 42.32 -136.45 14.03
N ASN E 173 42.73 -136.03 12.82
CA ASN E 173 42.84 -136.98 11.72
C ASN E 173 43.90 -138.04 12.03
N GLU E 174 45.02 -137.63 12.63
CA GLU E 174 46.01 -138.60 13.08
C GLU E 174 45.43 -139.50 14.16
N LYS E 175 44.62 -138.94 15.06
CA LYS E 175 44.02 -139.72 16.14
C LYS E 175 43.10 -140.81 15.59
N PHE E 176 42.28 -140.47 14.59
CA PHE E 176 41.36 -141.45 14.03
C PHE E 176 42.11 -142.61 13.38
N GLY E 177 43.19 -142.32 12.67
CA GLY E 177 43.98 -143.35 12.02
C GLY E 177 44.74 -144.24 13.00
N PRO F 42 57.26 -44.52 22.14
CA PRO F 42 57.41 -43.67 20.95
C PRO F 42 57.29 -44.46 19.65
N CYS F 43 57.15 -45.78 19.77
CA CYS F 43 57.00 -46.67 18.61
C CYS F 43 55.93 -47.71 18.89
N SER F 44 54.94 -47.37 19.70
CA SER F 44 53.94 -48.33 20.19
C SER F 44 52.53 -47.85 19.86
N GLN F 45 52.28 -47.57 18.59
CA GLN F 45 50.95 -47.16 18.16
C GLN F 45 50.46 -48.03 17.00
N ILE F 46 50.60 -49.35 17.14
CA ILE F 46 50.15 -50.28 16.11
C ILE F 46 48.68 -50.63 16.37
N TRP F 47 47.93 -50.77 15.28
CA TRP F 47 46.51 -51.12 15.35
C TRP F 47 46.29 -52.48 14.71
N GLN F 48 45.14 -53.08 15.02
CA GLN F 48 44.78 -54.37 14.45
C GLN F 48 43.26 -54.43 14.27
N HIS F 49 42.80 -55.62 13.88
CA HIS F 49 41.51 -55.90 13.26
C HIS F 49 40.84 -57.07 13.99
N PRO F 50 39.62 -57.50 13.57
CA PRO F 50 38.99 -58.67 14.20
C PRO F 50 39.96 -59.79 14.54
N ARG F 51 40.05 -60.10 15.83
CA ARG F 51 41.12 -60.95 16.35
C ARG F 51 40.75 -62.43 16.31
N PHE F 52 39.56 -62.78 16.77
CA PHE F 52 39.18 -64.19 16.84
C PHE F 52 39.03 -64.79 15.46
N ALA F 53 38.27 -64.13 14.57
CA ALA F 53 38.19 -64.47 13.15
C ALA F 53 37.92 -65.96 12.94
N ALA F 54 36.77 -66.42 13.39
CA ALA F 54 36.35 -67.79 13.13
C ALA F 54 36.01 -67.95 11.66
N LYS F 55 36.74 -68.82 10.96
CA LYS F 55 36.62 -68.91 9.52
C LYS F 55 36.58 -70.37 9.08
N LYS F 56 36.03 -70.58 7.89
CA LYS F 56 36.06 -71.86 7.22
C LYS F 56 37.37 -72.01 6.46
N ARG F 57 37.76 -73.25 6.18
CA ARG F 57 38.99 -73.51 5.46
C ARG F 57 38.98 -72.82 4.10
N SER F 58 40.10 -72.17 3.77
CA SER F 58 40.28 -71.45 2.51
C SER F 58 39.21 -70.35 2.35
N SER F 59 39.25 -69.40 3.27
CA SER F 59 38.35 -68.25 3.25
C SER F 59 39.20 -66.97 3.21
N MET F 60 38.51 -65.83 3.17
CA MET F 60 39.15 -64.55 2.87
C MET F 60 38.85 -63.51 3.93
N VAL F 61 39.92 -62.97 4.53
CA VAL F 61 39.86 -61.78 5.36
C VAL F 61 41.07 -60.90 5.06
N LYS F 62 40.91 -59.60 5.30
CA LYS F 62 41.92 -58.60 4.96
C LYS F 62 42.63 -58.13 6.23
N PHE F 63 43.94 -58.29 6.26
CA PHE F 63 44.75 -57.77 7.35
C PHE F 63 45.45 -56.48 6.93
N HIS F 64 45.88 -55.72 7.93
CA HIS F 64 46.62 -54.48 7.75
C HIS F 64 47.56 -54.30 8.94
N CYS F 65 48.36 -53.24 8.89
CA CYS F 65 49.28 -52.90 9.97
C CYS F 65 49.25 -51.40 10.25
N TYR F 66 48.05 -50.86 10.45
CA TYR F 66 47.90 -49.43 10.76
C TYR F 66 48.85 -49.01 11.86
N THR F 67 49.59 -47.92 11.60
CA THR F 67 50.57 -47.42 12.55
C THR F 67 50.72 -45.92 12.36
N ASN F 68 51.31 -45.27 13.37
CA ASN F 68 51.59 -43.85 13.36
C ASN F 68 53.09 -43.60 13.30
N HIS F 69 53.81 -44.43 12.56
CA HIS F 69 55.25 -44.33 12.43
C HIS F 69 55.62 -44.80 11.01
N SER F 70 56.92 -44.87 10.73
CA SER F 70 57.38 -45.28 9.41
C SER F 70 58.77 -45.91 9.58
N GLY F 71 58.85 -47.23 9.36
CA GLY F 71 60.11 -47.93 9.51
C GLY F 71 60.00 -49.36 9.01
N ALA F 72 61.04 -50.13 9.33
CA ALA F 72 61.10 -51.52 8.90
C ALA F 72 60.00 -52.35 9.56
N LEU F 73 59.42 -53.26 8.79
CA LEU F 73 58.31 -54.10 9.23
C LEU F 73 58.62 -55.55 8.96
N THR F 74 58.17 -56.43 9.86
CA THR F 74 58.34 -57.87 9.72
C THR F 74 57.08 -58.56 10.21
N TRP F 75 56.37 -59.24 9.30
CA TRP F 75 55.23 -60.04 9.68
C TRP F 75 55.69 -61.27 10.46
N PHE F 76 54.95 -61.61 11.51
CA PHE F 76 55.25 -62.76 12.35
C PHE F 76 54.00 -63.60 12.56
N ARG F 77 54.21 -64.91 12.70
CA ARG F 77 53.15 -65.87 12.93
C ARG F 77 53.47 -66.70 14.16
N LYS F 78 52.49 -66.85 15.05
CA LYS F 78 52.63 -67.70 16.22
C LYS F 78 51.54 -68.76 16.22
N ARG F 79 51.92 -69.99 16.53
CA ARG F 79 50.99 -71.09 16.73
C ARG F 79 51.26 -71.69 18.09
N GLY F 80 50.19 -71.86 18.89
CA GLY F 80 50.34 -72.44 20.21
C GLY F 80 51.26 -71.61 21.09
N SER F 81 52.20 -72.27 21.75
CA SER F 81 53.15 -71.62 22.64
C SER F 81 54.56 -71.57 22.05
N GLN F 82 54.71 -71.91 20.78
CA GLN F 82 56.02 -71.89 20.15
C GLN F 82 56.48 -70.46 19.89
N GLN F 83 57.75 -70.33 19.53
CA GLN F 83 58.37 -69.03 19.41
C GLN F 83 57.89 -68.30 18.15
N PRO F 84 58.00 -66.97 18.13
CA PRO F 84 57.63 -66.22 16.92
C PRO F 84 58.50 -66.61 15.73
N GLN F 85 57.88 -66.62 14.55
CA GLN F 85 58.56 -67.00 13.32
C GLN F 85 58.20 -66.01 12.21
N GLU F 86 59.12 -65.88 11.26
CA GLU F 86 58.96 -64.96 10.14
C GLU F 86 58.05 -65.55 9.08
N LEU F 87 57.23 -64.70 8.47
CA LEU F 87 56.35 -65.09 7.38
C LEU F 87 57.02 -64.84 6.04
N VAL F 88 56.72 -65.69 5.06
CA VAL F 88 57.31 -65.62 3.73
C VAL F 88 56.20 -65.37 2.71
N SER F 89 56.40 -64.36 1.88
CA SER F 89 55.39 -63.95 0.92
C SER F 89 55.25 -64.96 -0.22
N GLU F 90 54.01 -65.20 -0.64
CA GLU F 90 53.70 -66.06 -1.77
C GLU F 90 52.48 -65.50 -2.49
N GLU F 91 52.55 -65.44 -3.82
CA GLU F 91 51.50 -64.82 -4.61
C GLU F 91 50.23 -65.67 -4.61
N GLY F 92 49.09 -65.03 -4.39
CA GLY F 92 47.83 -65.73 -4.32
C GLY F 92 47.59 -66.48 -3.04
N ARG F 93 48.54 -66.51 -2.14
CA ARG F 93 48.44 -67.09 -0.82
C ARG F 93 48.65 -66.06 0.27
N ILE F 94 49.57 -65.12 0.07
CA ILE F 94 49.78 -63.99 0.97
C ILE F 94 49.99 -62.74 0.12
N VAL F 95 49.03 -61.81 0.19
CA VAL F 95 49.07 -60.59 -0.62
C VAL F 95 49.58 -59.46 0.27
N GLN F 96 50.54 -58.70 -0.24
CA GLN F 96 51.20 -57.64 0.52
C GLN F 96 51.17 -56.36 -0.30
N THR F 97 50.22 -55.48 0.00
CA THR F 97 50.10 -54.17 -0.63
C THR F 97 50.28 -53.09 0.42
N GLN F 98 51.15 -52.13 0.15
CA GLN F 98 51.46 -51.07 1.10
C GLN F 98 50.64 -49.83 0.73
N ASN F 99 49.69 -49.47 1.59
CA ASN F 99 48.89 -48.26 1.40
C ASN F 99 49.48 -47.13 2.23
N GLY F 100 50.71 -46.76 1.88
CA GLY F 100 51.41 -45.72 2.61
C GLY F 100 51.84 -46.17 4.00
N SER F 101 51.24 -45.59 5.03
CA SER F 101 51.54 -45.98 6.40
C SER F 101 50.82 -47.25 6.84
N VAL F 102 49.95 -47.80 6.00
CA VAL F 102 49.18 -49.00 6.30
C VAL F 102 49.72 -50.15 5.46
N TYR F 103 50.00 -51.28 6.10
CA TYR F 103 50.58 -52.44 5.45
C TYR F 103 49.50 -53.52 5.34
N THR F 104 48.77 -53.50 4.23
CA THR F 104 47.69 -54.46 4.03
C THR F 104 48.24 -55.87 3.88
N LEU F 105 47.49 -56.86 4.39
CA LEU F 105 47.87 -58.28 4.21
C LEU F 105 46.61 -59.10 3.94
N THR F 106 46.75 -60.24 3.27
CA THR F 106 45.58 -61.10 2.94
C THR F 106 46.07 -62.54 2.78
N ILE F 107 45.42 -63.48 3.47
CA ILE F 107 45.91 -64.90 3.43
C ILE F 107 44.85 -65.78 2.78
N GLN F 108 45.16 -66.27 1.59
CA GLN F 108 44.20 -67.19 0.93
C GLN F 108 44.54 -68.63 1.32
N ASN F 109 43.83 -69.57 0.73
CA ASN F 109 44.01 -71.02 0.95
C ASN F 109 44.34 -71.48 2.37
N ILE F 110 43.72 -70.81 3.34
CA ILE F 110 43.95 -71.09 4.75
C ILE F 110 43.58 -72.51 5.17
N GLN F 111 44.53 -73.19 5.81
CA GLN F 111 44.35 -74.56 6.29
C GLN F 111 44.49 -74.57 7.82
N TYR F 112 44.43 -75.78 8.39
CA TYR F 112 44.54 -75.92 9.83
C TYR F 112 45.92 -75.53 10.35
N GLU F 113 46.96 -75.69 9.53
CA GLU F 113 48.30 -75.30 9.97
C GLU F 113 48.44 -73.79 10.17
N ASP F 114 47.51 -73.00 9.63
CA ASP F 114 47.53 -71.56 9.79
C ASP F 114 46.82 -71.10 11.07
N ASN F 115 46.27 -72.03 11.83
CA ASN F 115 45.68 -71.69 13.13
C ASN F 115 46.75 -71.13 14.06
N GLY F 116 46.43 -70.03 14.71
CA GLY F 116 47.37 -69.43 15.64
C GLY F 116 47.13 -67.94 15.77
N ILE F 117 48.22 -67.22 16.00
CA ILE F 117 48.20 -65.79 16.31
C ILE F 117 49.00 -65.07 15.23
N TYR F 118 48.43 -64.00 14.68
CA TYR F 118 49.08 -63.21 13.64
C TYR F 118 49.21 -61.76 14.09
N PHE F 119 50.36 -61.17 13.84
CA PHE F 119 50.62 -59.78 14.16
C PHE F 119 51.82 -59.31 13.34
N CYS F 120 51.97 -57.99 13.21
CA CYS F 120 53.05 -57.38 12.45
C CYS F 120 54.01 -56.66 13.40
N LYS F 121 55.29 -56.97 13.28
CA LYS F 121 56.33 -56.31 14.05
C LYS F 121 56.75 -55.00 13.39
N GLN F 122 57.57 -54.24 14.11
CA GLN F 122 58.18 -53.03 13.59
C GLN F 122 59.55 -52.86 14.23
N LYS F 123 60.43 -52.11 13.56
CA LYS F 123 61.76 -51.84 14.06
C LYS F 123 61.85 -50.37 14.46
N CYS F 124 62.24 -50.12 15.71
CA CYS F 124 62.39 -48.77 16.24
C CYS F 124 63.86 -48.59 16.61
N ASP F 125 64.66 -48.12 15.64
CA ASP F 125 66.08 -47.88 15.86
C ASP F 125 66.23 -46.48 16.45
N SER F 126 65.82 -46.36 17.72
CA SER F 126 65.80 -45.09 18.43
C SER F 126 66.95 -44.99 19.43
N ALA F 127 68.12 -45.52 19.07
CA ALA F 127 69.32 -45.50 19.90
C ALA F 127 69.13 -46.22 21.24
N ASN F 128 68.04 -46.98 21.39
CA ASN F 128 67.81 -47.74 22.61
C ASN F 128 67.29 -49.15 22.33
N HIS F 129 67.17 -49.54 21.05
CA HIS F 129 66.67 -50.87 20.66
C HIS F 129 65.27 -51.12 21.22
N ASN F 130 64.50 -50.05 21.38
CA ASN F 130 63.15 -50.14 21.94
C ASN F 130 62.22 -50.74 20.89
N VAL F 131 62.30 -52.06 20.75
CA VAL F 131 61.56 -52.78 19.72
C VAL F 131 60.15 -53.06 20.26
N THR F 132 59.15 -52.59 19.54
CA THR F 132 57.74 -52.79 19.90
C THR F 132 57.08 -53.74 18.91
N ASP F 133 55.89 -54.20 19.28
CA ASP F 133 55.16 -55.17 18.47
C ASP F 133 53.67 -54.85 18.54
N SER F 134 52.90 -55.59 17.74
CA SER F 134 51.44 -55.48 17.74
C SER F 134 50.89 -56.28 18.92
N CYS F 135 49.57 -56.47 18.94
CA CYS F 135 48.93 -57.18 20.04
C CYS F 135 48.61 -58.63 19.67
N GLY F 136 47.87 -58.83 18.59
CA GLY F 136 47.63 -60.17 18.10
C GLY F 136 46.32 -60.28 17.34
N THR F 137 46.20 -61.38 16.60
CA THR F 137 44.99 -61.73 15.85
C THR F 137 44.91 -63.26 15.87
N GLU F 138 44.14 -63.80 16.81
CA GLU F 138 44.13 -65.24 17.06
C GLU F 138 43.14 -65.89 16.09
N LEU F 139 43.68 -66.36 14.97
CA LEU F 139 42.85 -67.00 13.96
C LEU F 139 42.48 -68.41 14.40
N LEU F 140 41.26 -68.83 14.06
CA LEU F 140 40.77 -70.16 14.37
C LEU F 140 40.15 -70.77 13.12
N VAL F 141 40.28 -72.10 13.01
CA VAL F 141 39.68 -72.87 11.92
C VAL F 141 38.58 -73.72 12.51
N LEU F 142 37.41 -73.69 11.87
CA LEU F 142 36.20 -74.32 12.41
C LEU F 142 35.98 -75.69 11.79
N GLY F 143 35.57 -76.65 12.62
CA GLY F 143 35.14 -77.95 12.12
C GLY F 143 33.68 -77.91 11.71
N PHE F 144 33.40 -78.53 10.56
CA PHE F 144 32.00 -78.57 10.04
C PHE F 144 31.36 -79.95 10.25
N SER F 145 30.76 -80.16 11.43
CA SER F 145 29.99 -81.41 11.67
C SER F 145 28.53 -80.98 11.81
N THR F 146 28.17 -79.88 11.15
CA THR F 146 26.80 -79.31 11.29
C THR F 146 26.42 -79.25 12.77
N LEU F 147 27.42 -79.18 13.66
CA LEU F 147 27.17 -79.17 15.10
C LEU F 147 26.23 -80.31 15.52
N ASP F 148 26.01 -81.28 14.64
CA ASP F 148 25.01 -82.31 14.91
C ASP F 148 25.53 -83.68 14.50
N GLN F 149 26.22 -83.78 13.35
CA GLN F 149 26.78 -85.07 12.97
C GLN F 149 27.83 -85.55 13.94
N LEU F 150 28.50 -84.64 14.65
CA LEU F 150 29.50 -85.03 15.62
C LEU F 150 28.93 -85.99 16.66
N LYS F 151 27.69 -85.75 17.09
CA LYS F 151 27.04 -86.65 18.03
C LYS F 151 26.88 -88.05 17.44
N ARG F 152 26.45 -88.12 16.18
CA ARG F 152 26.27 -89.41 15.53
C ARG F 152 27.59 -90.15 15.40
N ARG F 153 28.64 -89.46 14.96
CA ARG F 153 29.95 -90.11 14.83
C ARG F 153 30.45 -90.60 16.18
N ASN F 154 30.33 -89.77 17.22
CA ASN F 154 30.82 -90.17 18.53
C ASN F 154 30.05 -91.37 19.07
N THR F 155 28.72 -91.37 18.88
CA THR F 155 27.94 -92.53 19.31
C THR F 155 28.38 -93.78 18.55
N LEU F 156 28.67 -93.64 17.25
CA LEU F 156 29.10 -94.79 16.47
C LEU F 156 30.44 -95.33 16.95
N LYS F 157 31.43 -94.44 17.18
CA LYS F 157 32.72 -94.94 17.68
C LYS F 157 32.58 -95.57 19.07
N ASP F 158 31.68 -95.03 19.90
CA ASP F 158 31.43 -95.68 21.19
C ASP F 158 30.89 -97.10 20.98
N GLY F 159 29.99 -97.25 20.02
CA GLY F 159 29.54 -98.59 19.67
C GLY F 159 30.68 -99.50 19.26
N ILE F 160 31.58 -98.99 18.41
CA ILE F 160 32.65 -99.85 17.90
C ILE F 160 33.63 -100.23 19.00
N ILE F 161 33.93 -99.32 19.93
CA ILE F 161 34.92 -99.75 20.93
C ILE F 161 34.27 -100.58 22.04
N LEU F 162 32.96 -100.47 22.25
CA LEU F 162 32.29 -101.50 23.04
C LEU F 162 32.36 -102.85 22.34
N ILE F 163 32.24 -102.83 21.01
CA ILE F 163 32.40 -104.05 20.23
C ILE F 163 33.82 -104.60 20.36
N GLN F 164 34.80 -103.70 20.43
CA GLN F 164 36.15 -104.09 20.86
C GLN F 164 36.17 -104.82 22.18
N THR F 165 35.55 -104.24 23.22
CA THR F 165 35.58 -104.90 24.52
C THR F 165 35.04 -106.32 24.40
N LEU F 166 33.86 -106.46 23.80
CA LEU F 166 33.23 -107.77 23.69
C LEU F 166 34.08 -108.74 22.87
N LEU F 167 34.46 -108.33 21.65
CA LEU F 167 35.17 -109.22 20.74
C LEU F 167 36.57 -109.56 21.24
N ILE F 168 37.27 -108.62 21.89
CA ILE F 168 38.59 -108.92 22.39
C ILE F 168 38.52 -109.89 23.57
N ILE F 169 37.54 -109.71 24.45
CA ILE F 169 37.33 -110.72 25.49
C ILE F 169 37.06 -112.08 24.85
N LEU F 170 36.22 -112.10 23.82
CA LEU F 170 35.88 -113.36 23.15
C LEU F 170 37.10 -114.00 22.51
N PHE F 171 37.93 -113.21 21.83
CA PHE F 171 39.08 -113.78 21.13
C PHE F 171 40.29 -113.98 22.04
N ILE F 172 40.22 -113.57 23.29
CA ILE F 172 41.21 -113.99 24.27
C ILE F 172 40.75 -115.26 24.99
N ILE F 173 39.43 -115.44 25.16
CA ILE F 173 38.96 -116.70 25.74
C ILE F 173 38.91 -117.83 24.72
N VAL F 174 38.85 -117.52 23.42
CA VAL F 174 38.84 -118.57 22.39
C VAL F 174 40.11 -119.41 22.39
N PRO F 175 41.32 -118.84 22.36
CA PRO F 175 42.51 -119.69 22.20
C PRO F 175 42.71 -120.69 23.33
N ILE F 176 42.55 -120.27 24.58
CA ILE F 176 42.78 -121.18 25.71
C ILE F 176 41.72 -122.26 25.74
N PHE F 177 40.45 -121.88 25.60
CA PHE F 177 39.36 -122.86 25.61
C PHE F 177 39.39 -123.78 24.40
N LEU F 178 40.04 -123.38 23.31
CA LEU F 178 40.19 -124.23 22.15
C LEU F 178 41.37 -125.18 22.28
N LEU F 179 42.51 -124.71 22.79
CA LEU F 179 43.63 -125.60 23.02
C LEU F 179 43.36 -126.58 24.17
N LEU F 180 42.45 -126.23 25.08
CA LEU F 180 42.06 -127.20 26.11
C LEU F 180 41.34 -128.40 25.47
N ASP F 181 40.49 -128.11 24.49
CA ASP F 181 39.76 -129.19 23.78
C ASP F 181 40.73 -129.85 22.78
N LYS F 182 41.51 -129.04 22.07
CA LYS F 182 42.49 -129.59 21.10
C LYS F 182 43.42 -130.54 21.84
N ASP F 183 44.00 -130.08 22.95
CA ASP F 183 44.91 -130.94 23.77
C ASP F 183 44.08 -132.03 24.47
N ASP F 184 42.90 -131.66 24.97
CA ASP F 184 42.00 -132.64 25.67
C ASP F 184 42.83 -133.44 26.68
#